data_2MKR
#
_entry.id   2MKR
#
loop_
_entity.id
_entity.type
_entity.pdbx_description
1 polymer 'RNA polymerase II transcription factor B subunit 1'
2 polymer 'Epstein-Barr nuclear antigen 2'
#
loop_
_entity_poly.entity_id
_entity_poly.type
_entity_poly.pdbx_seq_one_letter_code
_entity_poly.pdbx_strand_id
1 'polypeptide(L)'
;PSHSGAAIFEKVSGIIAINEDVSPAELTWRSTDGDKVHTVVLSTIDKLQATPASSEKMMLRLIGKVDESKKRKDNEGNEV
VPKPQRHMFSFNNRTVMDNIKMTLQQIISRYKDAD
;
A
2 'polypeptide(L)' DLDESWDYIFETT B
#
# COMPACT_ATOMS: atom_id res chain seq x y z
N PRO A 1 1.92 19.23 9.06
CA PRO A 1 2.63 18.03 9.56
C PRO A 1 1.67 17.04 10.22
N SER A 2 0.51 16.85 9.61
CA SER A 2 -0.50 15.93 10.12
C SER A 2 -0.58 14.67 9.28
N HIS A 3 -0.39 13.52 9.91
CA HIS A 3 -0.44 12.24 9.21
C HIS A 3 0.63 12.18 8.13
N SER A 4 1.83 11.73 8.50
CA SER A 4 2.93 11.62 7.56
C SER A 4 4.01 10.69 8.09
N GLY A 5 4.80 10.13 7.18
CA GLY A 5 5.86 9.21 7.59
C GLY A 5 6.86 8.96 6.47
N ALA A 6 8.10 8.68 6.85
CA ALA A 6 9.15 8.41 5.87
C ALA A 6 8.84 7.18 5.04
N ALA A 7 8.44 7.41 3.79
CA ALA A 7 8.10 6.31 2.89
C ALA A 7 8.97 6.34 1.64
N ILE A 8 9.63 5.23 1.35
CA ILE A 8 10.50 5.13 0.18
C ILE A 8 9.83 4.33 -0.93
N PHE A 9 9.48 5.01 -2.01
CA PHE A 9 8.84 4.36 -3.15
C PHE A 9 9.77 4.31 -4.35
N GLU A 10 9.83 3.16 -5.00
CA GLU A 10 10.69 2.96 -6.16
C GLU A 10 12.15 3.24 -5.82
N LYS A 11 12.58 2.75 -4.66
CA LYS A 11 13.95 2.94 -4.21
C LYS A 11 14.30 4.42 -4.10
N VAL A 12 13.29 5.24 -3.80
CA VAL A 12 13.48 6.67 -3.67
C VAL A 12 13.14 7.15 -2.26
N SER A 13 14.10 7.79 -1.60
CA SER A 13 13.91 8.29 -0.25
C SER A 13 13.00 9.51 -0.25
N GLY A 14 11.81 9.35 0.30
CA GLY A 14 10.86 10.46 0.35
C GLY A 14 9.91 10.36 1.52
N ILE A 15 9.12 11.40 1.74
CA ILE A 15 8.16 11.42 2.83
C ILE A 15 6.73 11.36 2.30
N ILE A 16 5.88 10.60 2.98
CA ILE A 16 4.49 10.45 2.57
C ILE A 16 3.58 11.32 3.43
N ALA A 17 2.47 11.76 2.86
CA ALA A 17 1.51 12.59 3.58
C ALA A 17 0.08 12.19 3.26
N ILE A 18 -0.66 11.76 4.28
CA ILE A 18 -2.05 11.34 4.10
C ILE A 18 -3.00 12.52 4.28
N ASN A 19 -3.96 12.64 3.38
CA ASN A 19 -4.93 13.73 3.44
C ASN A 19 -6.34 13.19 3.67
N GLU A 20 -6.85 13.35 4.88
CA GLU A 20 -8.18 12.87 5.23
C GLU A 20 -9.19 14.01 5.17
N ASP A 21 -8.95 14.96 4.27
CA ASP A 21 -9.84 16.10 4.10
C ASP A 21 -11.07 15.72 3.29
N VAL A 22 -10.89 14.78 2.37
CA VAL A 22 -11.99 14.32 1.52
C VAL A 22 -12.38 12.88 1.86
N SER A 23 -13.52 12.44 1.34
CA SER A 23 -14.01 11.08 1.59
C SER A 23 -12.95 10.03 1.27
N PRO A 24 -12.60 9.87 -0.02
CA PRO A 24 -11.59 8.88 -0.45
C PRO A 24 -10.18 9.22 0.04
N ALA A 25 -10.02 10.43 0.57
CA ALA A 25 -8.72 10.87 1.07
C ALA A 25 -7.68 10.89 -0.05
N GLU A 26 -6.42 11.13 0.30
CA GLU A 26 -5.35 11.18 -0.67
C GLU A 26 -3.99 11.03 0.00
N LEU A 27 -3.16 10.14 -0.55
CA LEU A 27 -1.83 9.89 -0.01
C LEU A 27 -0.76 10.44 -0.95
N THR A 28 -0.12 11.53 -0.54
CA THR A 28 0.93 12.16 -1.35
C THR A 28 2.32 11.72 -0.90
N TRP A 29 3.20 11.56 -1.87
CA TRP A 29 4.57 11.13 -1.59
C TRP A 29 5.58 12.00 -2.35
N ARG A 30 6.36 12.77 -1.60
CA ARG A 30 7.37 13.65 -2.19
C ARG A 30 8.77 13.20 -1.80
N SER A 31 9.68 13.25 -2.78
CA SER A 31 11.07 12.86 -2.53
C SER A 31 11.69 13.71 -1.43
N THR A 32 12.59 13.10 -0.66
CA THR A 32 13.26 13.79 0.43
C THR A 32 14.04 14.98 -0.10
N ASP A 33 14.73 14.80 -1.22
CA ASP A 33 15.52 15.86 -1.83
C ASP A 33 14.61 16.93 -2.45
N GLY A 34 13.78 16.50 -3.40
CA GLY A 34 12.88 17.43 -4.06
C GLY A 34 13.01 17.39 -5.56
N ASP A 35 12.21 16.54 -6.21
CA ASP A 35 12.24 16.41 -7.66
C ASP A 35 11.19 15.42 -8.14
N LYS A 36 11.02 14.33 -7.40
CA LYS A 36 10.04 13.31 -7.75
C LYS A 36 8.93 13.23 -6.70
N VAL A 37 7.69 13.23 -7.16
CA VAL A 37 6.54 13.16 -6.26
C VAL A 37 5.37 12.44 -6.92
N HIS A 38 4.73 11.55 -6.16
CA HIS A 38 3.60 10.79 -6.67
C HIS A 38 2.41 10.88 -5.73
N THR A 39 1.20 10.81 -6.29
CA THR A 39 -0.01 10.90 -5.48
C THR A 39 -0.94 9.74 -5.80
N VAL A 40 -1.36 9.01 -4.77
CA VAL A 40 -2.26 7.87 -4.93
C VAL A 40 -3.31 7.84 -3.83
N VAL A 41 -4.58 7.82 -4.24
CA VAL A 41 -5.68 7.79 -3.29
C VAL A 41 -5.68 6.51 -2.47
N LEU A 42 -5.99 6.63 -1.18
CA LEU A 42 -6.01 5.47 -0.29
C LEU A 42 -7.31 4.70 -0.44
N SER A 43 -8.38 5.40 -0.83
CA SER A 43 -9.69 4.77 -1.01
C SER A 43 -9.60 3.59 -1.98
N THR A 44 -8.73 3.70 -2.97
CA THR A 44 -8.56 2.64 -3.96
C THR A 44 -8.10 1.35 -3.30
N ILE A 45 -7.38 1.48 -2.18
CA ILE A 45 -6.89 0.32 -1.47
C ILE A 45 -8.03 -0.57 -0.98
N ASP A 46 -7.76 -1.86 -0.84
CA ASP A 46 -8.77 -2.80 -0.38
C ASP A 46 -8.28 -3.57 0.84
N LYS A 47 -7.03 -4.01 0.81
CA LYS A 47 -6.46 -4.76 1.92
C LYS A 47 -5.11 -4.16 2.32
N LEU A 48 -4.66 -4.49 3.53
CA LEU A 48 -3.38 -3.99 4.03
C LEU A 48 -2.49 -5.14 4.50
N GLN A 49 -1.22 -5.11 4.09
CA GLN A 49 -0.27 -6.15 4.47
C GLN A 49 1.14 -5.59 4.50
N ALA A 50 1.93 -6.03 5.48
CA ALA A 50 3.31 -5.58 5.62
C ALA A 50 4.19 -6.69 6.18
N THR A 51 5.50 -6.48 6.10
CA THR A 51 6.46 -7.46 6.61
C THR A 51 6.49 -7.46 8.13
N PRO A 52 6.86 -8.59 8.75
CA PRO A 52 6.93 -8.72 10.21
C PRO A 52 8.06 -7.89 10.81
N ALA A 53 7.93 -7.56 12.09
CA ALA A 53 8.93 -6.77 12.79
C ALA A 53 10.28 -7.49 12.82
N SER A 54 10.23 -8.83 12.83
CA SER A 54 11.44 -9.63 12.86
C SER A 54 12.24 -9.47 11.58
N SER A 55 11.54 -9.22 10.47
CA SER A 55 12.18 -9.04 9.18
C SER A 55 13.15 -7.86 9.21
N GLU A 56 14.40 -8.12 8.84
CA GLU A 56 15.42 -7.09 8.82
C GLU A 56 15.04 -5.96 7.87
N LYS A 57 14.32 -6.29 6.82
CA LYS A 57 13.88 -5.31 5.84
C LYS A 57 12.45 -4.86 6.12
N MET A 58 12.32 -3.72 6.80
CA MET A 58 11.00 -3.17 7.13
C MET A 58 10.36 -2.54 5.90
N MET A 59 9.24 -3.10 5.46
CA MET A 59 8.52 -2.59 4.30
C MET A 59 7.03 -2.89 4.41
N LEU A 60 6.21 -2.00 3.84
CA LEU A 60 4.76 -2.18 3.86
C LEU A 60 4.23 -2.48 2.47
N ARG A 61 3.02 -3.03 2.41
CA ARG A 61 2.40 -3.37 1.13
C ARG A 61 0.91 -3.05 1.16
N LEU A 62 0.42 -2.52 0.04
CA LEU A 62 -1.00 -2.17 -0.08
C LEU A 62 -1.62 -2.84 -1.29
N ILE A 63 -2.79 -3.46 -1.08
CA ILE A 63 -3.49 -4.15 -2.16
C ILE A 63 -4.77 -3.42 -2.53
N GLY A 64 -4.94 -3.13 -3.81
CA GLY A 64 -6.13 -2.45 -4.27
C GLY A 64 -7.33 -3.37 -4.40
N LYS A 65 -8.48 -2.79 -4.71
CA LYS A 65 -9.70 -3.57 -4.85
C LYS A 65 -9.75 -4.26 -6.21
N VAL A 66 -10.40 -5.42 -6.26
CA VAL A 66 -10.52 -6.19 -7.50
C VAL A 66 -11.72 -5.72 -8.31
N ASP A 67 -11.70 -6.01 -9.61
CA ASP A 67 -12.78 -5.63 -10.50
C ASP A 67 -13.79 -6.76 -10.65
N GLU A 68 -14.77 -6.80 -9.75
CA GLU A 68 -15.80 -7.84 -9.78
C GLU A 68 -17.02 -7.36 -10.56
N SER A 69 -16.79 -6.77 -11.73
CA SER A 69 -17.88 -6.27 -12.57
C SER A 69 -17.74 -6.81 -14.00
N LYS A 70 -16.53 -6.74 -14.53
CA LYS A 70 -16.27 -7.22 -15.89
C LYS A 70 -15.53 -8.55 -15.86
N LYS A 71 -14.54 -8.66 -14.98
CA LYS A 71 -13.75 -9.87 -14.84
C LYS A 71 -14.63 -11.04 -14.41
N ARG A 72 -14.21 -12.25 -14.76
CA ARG A 72 -14.97 -13.45 -14.40
C ARG A 72 -14.04 -14.55 -13.90
N LYS A 73 -14.41 -15.17 -12.78
CA LYS A 73 -13.62 -16.24 -12.19
C LYS A 73 -14.37 -17.56 -12.25
N ASP A 74 -14.79 -17.94 -13.46
CA ASP A 74 -15.50 -19.20 -13.69
C ASP A 74 -16.52 -19.47 -12.57
N ASN A 75 -16.97 -20.72 -12.49
CA ASN A 75 -17.93 -21.13 -11.48
C ASN A 75 -17.29 -22.07 -10.47
N GLU A 76 -16.34 -22.86 -10.93
CA GLU A 76 -15.64 -23.82 -10.09
C GLU A 76 -14.20 -24.01 -10.55
N GLY A 77 -13.36 -23.02 -10.29
CA GLY A 77 -11.96 -23.09 -10.69
C GLY A 77 -11.29 -21.74 -10.69
N ASN A 78 -12.07 -20.69 -10.90
CA ASN A 78 -11.55 -19.32 -10.92
C ASN A 78 -10.73 -19.06 -12.16
N GLU A 79 -11.34 -18.41 -13.14
CA GLU A 79 -10.68 -18.08 -14.39
C GLU A 79 -10.47 -16.57 -14.54
N VAL A 80 -9.76 -15.99 -13.58
CA VAL A 80 -9.49 -14.56 -13.58
C VAL A 80 -8.57 -14.18 -14.75
N VAL A 81 -8.96 -13.16 -15.49
CA VAL A 81 -8.18 -12.71 -16.63
C VAL A 81 -7.15 -11.65 -16.22
N PRO A 82 -7.56 -10.63 -15.44
CA PRO A 82 -6.68 -9.57 -14.98
C PRO A 82 -6.04 -9.90 -13.64
N LYS A 83 -5.52 -8.87 -12.97
CA LYS A 83 -4.88 -9.06 -11.67
C LYS A 83 -5.09 -7.84 -10.78
N PRO A 84 -5.16 -8.04 -9.46
CA PRO A 84 -5.36 -6.94 -8.51
C PRO A 84 -4.11 -6.06 -8.36
N GLN A 85 -4.32 -4.84 -7.91
CA GLN A 85 -3.22 -3.89 -7.72
C GLN A 85 -2.52 -4.14 -6.40
N ARG A 86 -1.19 -4.02 -6.40
CA ARG A 86 -0.40 -4.23 -5.19
C ARG A 86 0.84 -3.34 -5.19
N HIS A 87 0.84 -2.32 -4.33
CA HIS A 87 1.97 -1.41 -4.23
C HIS A 87 2.63 -1.51 -2.85
N MET A 88 3.96 -1.51 -2.83
CA MET A 88 4.71 -1.60 -1.59
C MET A 88 5.65 -0.42 -1.43
N PHE A 89 5.90 -0.03 -0.18
CA PHE A 89 6.79 1.09 0.11
C PHE A 89 7.86 0.68 1.12
N SER A 90 9.09 1.16 0.90
CA SER A 90 10.20 0.84 1.79
C SER A 90 10.35 1.90 2.88
N PHE A 91 10.36 1.45 4.13
CA PHE A 91 10.50 2.37 5.27
C PHE A 91 11.81 2.13 6.00
N ASN A 92 12.12 3.02 6.93
CA ASN A 92 13.36 2.91 7.71
C ASN A 92 13.06 2.98 9.20
N ASN A 93 11.90 2.48 9.60
CA ASN A 93 11.50 2.49 11.00
C ASN A 93 10.19 1.73 11.20
N ARG A 94 10.15 0.88 12.20
CA ARG A 94 8.95 0.09 12.50
C ARG A 94 7.85 0.98 13.07
N THR A 95 8.25 2.02 13.79
CA THR A 95 7.29 2.94 14.39
C THR A 95 6.57 3.74 13.32
N VAL A 96 7.33 4.33 12.41
CA VAL A 96 6.77 5.13 11.33
C VAL A 96 5.96 4.25 10.37
N MET A 97 6.57 3.15 9.93
CA MET A 97 5.91 2.23 9.01
C MET A 97 4.62 1.68 9.61
N ASP A 98 4.61 1.54 10.93
CA ASP A 98 3.44 1.02 11.63
C ASP A 98 2.35 2.08 11.74
N ASN A 99 2.76 3.34 11.82
CA ASN A 99 1.82 4.44 11.92
C ASN A 99 1.02 4.59 10.62
N ILE A 100 1.62 4.23 9.51
CA ILE A 100 0.96 4.32 8.21
C ILE A 100 -0.06 3.21 8.05
N LYS A 101 0.38 1.97 8.27
CA LYS A 101 -0.50 0.81 8.14
C LYS A 101 -1.69 0.92 9.10
N MET A 102 -1.41 1.28 10.35
CA MET A 102 -2.45 1.41 11.35
C MET A 102 -3.49 2.43 10.92
N THR A 103 -3.05 3.47 10.23
CA THR A 103 -3.94 4.52 9.76
C THR A 103 -4.74 4.05 8.54
N LEU A 104 -4.05 3.41 7.60
CA LEU A 104 -4.70 2.92 6.39
C LEU A 104 -5.80 1.93 6.72
N GLN A 105 -5.63 1.21 7.84
CA GLN A 105 -6.62 0.23 8.27
C GLN A 105 -7.89 0.91 8.74
N GLN A 106 -7.75 2.12 9.28
CA GLN A 106 -8.90 2.88 9.77
C GLN A 106 -9.58 3.63 8.62
N ILE A 107 -8.79 4.10 7.67
CA ILE A 107 -9.32 4.83 6.53
C ILE A 107 -10.21 3.94 5.66
N ILE A 108 -9.73 2.74 5.38
CA ILE A 108 -10.48 1.79 4.56
C ILE A 108 -11.60 1.15 5.37
N SER A 109 -11.33 0.85 6.64
CA SER A 109 -12.32 0.24 7.51
C SER A 109 -13.50 1.17 7.75
N ARG A 110 -13.26 2.47 7.67
CA ARG A 110 -14.30 3.47 7.87
C ARG A 110 -15.06 3.75 6.58
N TYR A 111 -14.38 3.59 5.45
CA TYR A 111 -14.98 3.83 4.15
C TYR A 111 -15.51 2.53 3.52
N LYS A 112 -15.13 1.39 4.09
CA LYS A 112 -15.58 0.10 3.58
C LYS A 112 -16.87 -0.34 4.27
N ASP A 113 -17.05 0.09 5.51
CA ASP A 113 -18.25 -0.26 6.26
C ASP A 113 -19.35 0.76 6.07
N ALA A 114 -18.95 2.01 5.87
CA ALA A 114 -19.91 3.10 5.65
C ALA A 114 -20.59 2.97 4.29
N ASP A 115 -19.79 2.80 3.25
CA ASP A 115 -20.31 2.66 1.89
C ASP A 115 -21.09 3.91 1.48
N ASP B 1 17.46 -12.67 -9.37
CA ASP B 1 16.11 -13.21 -9.29
C ASP B 1 15.52 -12.99 -7.91
N LEU B 2 15.03 -11.79 -7.65
CA LEU B 2 14.43 -11.45 -6.37
C LEU B 2 13.09 -10.74 -6.54
N ASP B 3 12.56 -10.76 -7.76
CA ASP B 3 11.29 -10.10 -8.05
C ASP B 3 10.13 -10.90 -7.45
N GLU B 4 10.05 -12.19 -7.79
CA GLU B 4 9.00 -13.05 -7.29
C GLU B 4 9.03 -13.12 -5.76
N SER B 5 10.23 -13.19 -5.19
CA SER B 5 10.40 -13.26 -3.75
C SER B 5 9.82 -12.01 -3.08
N TRP B 6 9.85 -10.90 -3.80
CA TRP B 6 9.33 -9.64 -3.27
C TRP B 6 7.85 -9.77 -2.89
N ASP B 7 7.14 -10.66 -3.57
CA ASP B 7 5.73 -10.88 -3.30
C ASP B 7 5.54 -11.75 -2.07
N TYR B 8 6.49 -12.64 -1.82
CA TYR B 8 6.43 -13.54 -0.67
C TYR B 8 6.67 -12.77 0.63
N ILE B 9 7.65 -11.87 0.61
CA ILE B 9 7.99 -11.07 1.79
C ILE B 9 6.78 -10.25 2.24
N PHE B 10 5.90 -9.91 1.31
CA PHE B 10 4.71 -9.13 1.62
C PHE B 10 3.48 -10.02 1.72
N GLU B 11 3.46 -11.10 0.95
CA GLU B 11 2.35 -12.03 0.95
C GLU B 11 2.18 -12.67 2.32
N THR B 12 3.22 -13.37 2.78
CA THR B 12 3.19 -14.03 4.07
C THR B 12 3.93 -13.21 5.12
N THR B 13 4.04 -13.77 6.33
CA THR B 13 4.73 -13.08 7.42
C THR B 13 5.34 -14.08 8.40
N PRO A 1 2.23 18.75 9.08
CA PRO A 1 3.05 17.77 9.85
C PRO A 1 2.24 16.51 10.16
N SER A 2 0.96 16.68 10.45
CA SER A 2 0.08 15.57 10.77
C SER A 2 -0.10 14.65 9.56
N HIS A 3 -0.23 13.36 9.81
CA HIS A 3 -0.42 12.39 8.73
C HIS A 3 0.76 12.42 7.76
N SER A 4 1.89 11.86 8.19
CA SER A 4 3.08 11.83 7.35
C SER A 4 4.20 11.04 8.04
N GLY A 5 5.17 10.58 7.25
CA GLY A 5 6.27 9.82 7.80
C GLY A 5 7.33 9.50 6.76
N ALA A 6 8.59 9.46 7.20
CA ALA A 6 9.69 9.16 6.29
C ALA A 6 9.56 7.76 5.71
N ALA A 7 9.00 7.67 4.52
CA ALA A 7 8.81 6.38 3.85
C ALA A 7 9.66 6.29 2.59
N ILE A 8 10.46 5.23 2.49
CA ILE A 8 11.33 5.03 1.33
C ILE A 8 10.68 4.10 0.31
N PHE A 9 10.40 4.62 -0.87
CA PHE A 9 9.78 3.83 -1.93
C PHE A 9 10.70 3.75 -3.14
N GLU A 10 10.79 2.56 -3.73
CA GLU A 10 11.63 2.34 -4.90
C GLU A 10 13.09 2.64 -4.58
N LYS A 11 13.48 2.38 -3.33
CA LYS A 11 14.86 2.62 -2.90
C LYS A 11 15.19 4.10 -2.93
N VAL A 12 14.22 4.93 -2.59
CA VAL A 12 14.41 6.38 -2.58
C VAL A 12 13.90 6.99 -1.28
N SER A 13 14.70 7.88 -0.72
CA SER A 13 14.34 8.56 0.54
C SER A 13 13.35 9.68 0.28
N GLY A 14 12.09 9.44 0.62
CA GLY A 14 11.07 10.45 0.43
C GLY A 14 10.14 10.57 1.62
N ILE A 15 9.09 11.39 1.47
CA ILE A 15 8.13 11.59 2.55
C ILE A 15 6.73 11.17 2.10
N ILE A 16 6.13 10.25 2.85
CA ILE A 16 4.79 9.77 2.55
C ILE A 16 3.75 10.42 3.46
N ALA A 17 2.75 11.05 2.85
CA ALA A 17 1.70 11.72 3.60
C ALA A 17 0.33 11.43 3.00
N ILE A 18 -0.61 11.01 3.85
CA ILE A 18 -1.96 10.70 3.40
C ILE A 18 -2.85 11.93 3.44
N ASN A 19 -3.62 12.13 2.38
CA ASN A 19 -4.52 13.28 2.28
C ASN A 19 -5.97 12.84 2.49
N GLU A 20 -6.60 13.38 3.53
CA GLU A 20 -7.98 13.05 3.84
C GLU A 20 -8.93 14.17 3.43
N ASP A 21 -8.54 14.90 2.38
CA ASP A 21 -9.34 16.00 1.87
C ASP A 21 -10.30 15.52 0.79
N VAL A 22 -9.87 14.51 0.03
CA VAL A 22 -10.69 13.96 -1.04
C VAL A 22 -11.47 12.74 -0.56
N SER A 23 -12.67 12.55 -1.10
CA SER A 23 -13.53 11.43 -0.71
C SER A 23 -12.78 10.10 -0.77
N PRO A 24 -12.39 9.65 -1.98
CA PRO A 24 -11.67 8.39 -2.14
C PRO A 24 -10.34 8.35 -1.39
N ALA A 25 -9.86 9.52 -0.98
CA ALA A 25 -8.61 9.62 -0.25
C ALA A 25 -7.43 9.16 -1.11
N GLU A 26 -6.27 9.77 -0.88
CA GLU A 26 -5.07 9.41 -1.63
C GLU A 26 -3.80 9.76 -0.85
N LEU A 27 -2.71 9.08 -1.16
CA LEU A 27 -1.45 9.32 -0.49
C LEU A 27 -0.43 9.95 -1.45
N THR A 28 0.45 10.79 -0.90
CA THR A 28 1.46 11.47 -1.69
C THR A 28 2.86 11.11 -1.20
N TRP A 29 3.79 10.94 -2.14
CA TRP A 29 5.17 10.61 -1.80
C TRP A 29 6.15 11.47 -2.60
N ARG A 30 6.87 12.34 -1.90
CA ARG A 30 7.84 13.21 -2.54
C ARG A 30 9.24 12.93 -2.04
N SER A 31 10.19 12.82 -2.96
CA SER A 31 11.58 12.54 -2.60
C SER A 31 12.13 13.62 -1.68
N THR A 32 12.93 13.21 -0.70
CA THR A 32 13.52 14.14 0.24
C THR A 32 14.43 15.14 -0.47
N ASP A 33 15.53 14.64 -1.00
CA ASP A 33 16.50 15.48 -1.71
C ASP A 33 16.60 15.09 -3.17
N GLY A 34 15.66 15.56 -3.99
CA GLY A 34 15.66 15.24 -5.39
C GLY A 34 14.56 15.96 -6.16
N ASP A 35 13.84 15.22 -6.99
CA ASP A 35 12.76 15.80 -7.78
C ASP A 35 11.82 14.71 -8.30
N LYS A 36 11.61 13.69 -7.48
CA LYS A 36 10.73 12.58 -7.87
C LYS A 36 9.60 12.42 -6.86
N VAL A 37 8.38 12.57 -7.33
CA VAL A 37 7.20 12.43 -6.48
C VAL A 37 6.11 11.60 -7.14
N HIS A 38 5.46 10.75 -6.37
CA HIS A 38 4.41 9.89 -6.89
C HIS A 38 3.20 9.89 -5.97
N THR A 39 2.01 9.70 -6.54
CA THR A 39 0.77 9.69 -5.77
C THR A 39 -0.01 8.40 -6.02
N VAL A 40 -0.72 7.94 -5.00
CA VAL A 40 -1.51 6.72 -5.11
C VAL A 40 -2.83 6.85 -4.35
N VAL A 41 -3.91 6.38 -4.96
CA VAL A 41 -5.23 6.44 -4.33
C VAL A 41 -5.39 5.36 -3.28
N LEU A 42 -5.92 5.73 -2.12
CA LEU A 42 -6.13 4.79 -1.03
C LEU A 42 -7.40 3.98 -1.24
N SER A 43 -8.36 4.57 -1.93
CA SER A 43 -9.63 3.89 -2.21
C SER A 43 -9.40 2.57 -2.94
N THR A 44 -8.47 2.56 -3.88
CA THR A 44 -8.15 1.36 -4.64
C THR A 44 -7.65 0.26 -3.72
N ILE A 45 -7.10 0.63 -2.57
CA ILE A 45 -6.58 -0.34 -1.62
C ILE A 45 -7.70 -1.18 -1.03
N ASP A 46 -7.36 -2.40 -0.62
CA ASP A 46 -8.34 -3.31 -0.04
C ASP A 46 -7.93 -3.72 1.37
N LYS A 47 -6.71 -4.23 1.50
CA LYS A 47 -6.21 -4.66 2.81
C LYS A 47 -4.77 -4.16 3.02
N LEU A 48 -4.30 -4.23 4.26
CA LEU A 48 -2.95 -3.80 4.59
C LEU A 48 -2.25 -4.81 5.48
N GLN A 49 -0.92 -4.90 5.34
CA GLN A 49 -0.13 -5.83 6.13
C GLN A 49 1.27 -5.28 6.37
N ALA A 50 1.72 -5.33 7.63
CA ALA A 50 3.04 -4.84 7.99
C ALA A 50 3.83 -5.90 8.73
N THR A 51 5.14 -5.67 8.88
CA THR A 51 6.01 -6.60 9.57
C THR A 51 5.97 -6.37 11.08
N PRO A 52 6.31 -7.41 11.87
CA PRO A 52 6.32 -7.30 13.34
C PRO A 52 7.44 -6.42 13.85
N ALA A 53 7.34 -6.03 15.12
CA ALA A 53 8.35 -5.19 15.74
C ALA A 53 9.60 -5.99 16.11
N SER A 54 9.39 -7.27 16.42
CA SER A 54 10.50 -8.14 16.81
C SER A 54 11.43 -8.37 15.62
N SER A 55 10.88 -8.37 14.42
CA SER A 55 11.66 -8.59 13.21
C SER A 55 12.40 -7.31 12.81
N GLU A 56 13.69 -7.44 12.52
CA GLU A 56 14.51 -6.30 12.12
C GLU A 56 13.97 -5.67 10.84
N LYS A 57 13.61 -6.52 9.88
CA LYS A 57 13.09 -6.05 8.61
C LYS A 57 11.72 -5.40 8.78
N MET A 58 11.73 -4.11 9.13
CA MET A 58 10.48 -3.38 9.33
C MET A 58 10.05 -2.69 8.04
N MET A 59 8.92 -3.16 7.49
CA MET A 59 8.39 -2.59 6.25
C MET A 59 6.86 -2.63 6.26
N LEU A 60 6.26 -1.89 5.33
CA LEU A 60 4.80 -1.84 5.21
C LEU A 60 4.35 -2.33 3.84
N ARG A 61 3.25 -3.08 3.82
CA ARG A 61 2.72 -3.61 2.57
C ARG A 61 1.24 -3.29 2.42
N LEU A 62 0.83 -2.94 1.20
CA LEU A 62 -0.56 -2.60 0.93
C LEU A 62 -1.12 -3.52 -0.16
N ILE A 63 -2.39 -3.89 -0.01
CA ILE A 63 -3.05 -4.77 -0.97
C ILE A 63 -4.24 -4.06 -1.62
N GLY A 64 -4.42 -4.29 -2.92
CA GLY A 64 -5.52 -3.67 -3.63
C GLY A 64 -6.64 -4.65 -3.92
N LYS A 65 -7.85 -4.13 -4.13
CA LYS A 65 -9.00 -4.98 -4.42
C LYS A 65 -9.11 -5.25 -5.91
N VAL A 66 -9.00 -6.51 -6.29
CA VAL A 66 -9.10 -6.91 -7.68
C VAL A 66 -10.46 -6.54 -8.27
N ASP A 67 -10.46 -6.10 -9.52
CA ASP A 67 -11.69 -5.72 -10.20
C ASP A 67 -12.34 -6.93 -10.86
N GLU A 68 -13.15 -7.66 -10.09
CA GLU A 68 -13.83 -8.85 -10.60
C GLU A 68 -14.67 -8.51 -11.82
N SER A 69 -15.15 -7.28 -11.88
CA SER A 69 -15.97 -6.83 -13.00
C SER A 69 -15.14 -6.77 -14.29
N LYS A 70 -13.85 -6.50 -14.14
CA LYS A 70 -12.96 -6.41 -15.30
C LYS A 70 -12.59 -7.80 -15.81
N LYS A 71 -12.11 -8.65 -14.91
CA LYS A 71 -11.72 -10.01 -15.27
C LYS A 71 -12.90 -10.77 -15.87
N ARG A 72 -12.61 -11.92 -16.46
CA ARG A 72 -13.65 -12.75 -17.07
C ARG A 72 -13.13 -14.16 -17.36
N LYS A 73 -13.94 -14.96 -18.02
CA LYS A 73 -13.57 -16.33 -18.36
C LYS A 73 -13.50 -16.51 -19.87
N ASP A 74 -12.29 -16.43 -20.43
CA ASP A 74 -12.10 -16.59 -21.85
C ASP A 74 -10.83 -17.40 -22.14
N ASN A 75 -10.57 -18.38 -21.30
CA ASN A 75 -9.39 -19.24 -21.46
C ASN A 75 -9.79 -20.67 -21.78
N GLU A 76 -10.42 -21.33 -20.81
CA GLU A 76 -10.87 -22.71 -20.98
C GLU A 76 -12.14 -22.97 -20.20
N GLY A 77 -13.02 -21.97 -20.15
CA GLY A 77 -14.27 -22.12 -19.44
C GLY A 77 -14.10 -22.03 -17.93
N ASN A 78 -13.64 -20.87 -17.46
CA ASN A 78 -13.42 -20.66 -16.04
C ASN A 78 -12.94 -19.24 -15.76
N GLU A 79 -13.61 -18.57 -14.82
CA GLU A 79 -13.25 -17.20 -14.48
C GLU A 79 -12.01 -17.17 -13.59
N VAL A 80 -10.93 -16.62 -14.12
CA VAL A 80 -9.67 -16.53 -13.39
C VAL A 80 -9.18 -15.09 -13.32
N VAL A 81 -8.57 -14.73 -12.19
CA VAL A 81 -8.06 -13.39 -11.98
C VAL A 81 -6.56 -13.31 -12.30
N PRO A 82 -6.13 -12.25 -13.01
CA PRO A 82 -4.72 -12.08 -13.38
C PRO A 82 -3.88 -11.55 -12.22
N LYS A 83 -3.90 -12.25 -11.10
CA LYS A 83 -3.15 -11.85 -9.92
C LYS A 83 -3.64 -10.50 -9.39
N PRO A 84 -3.76 -10.37 -8.05
CA PRO A 84 -4.22 -9.12 -7.43
C PRO A 84 -3.13 -8.06 -7.40
N GLN A 85 -3.38 -6.99 -6.63
CA GLN A 85 -2.42 -5.91 -6.51
C GLN A 85 -1.87 -5.82 -5.09
N ARG A 86 -0.55 -5.73 -4.96
CA ARG A 86 0.08 -5.65 -3.65
C ARG A 86 1.41 -4.90 -3.74
N HIS A 87 1.53 -3.81 -2.99
CA HIS A 87 2.75 -3.02 -2.99
C HIS A 87 3.38 -2.98 -1.60
N MET A 88 4.69 -2.75 -1.55
CA MET A 88 5.40 -2.69 -0.28
C MET A 88 6.33 -1.49 -0.22
N PHE A 89 6.52 -0.94 0.97
CA PHE A 89 7.39 0.21 1.17
C PHE A 89 8.38 -0.03 2.29
N SER A 90 9.42 0.79 2.37
CA SER A 90 10.44 0.66 3.41
C SER A 90 10.29 1.75 4.45
N PHE A 91 10.53 1.40 5.72
CA PHE A 91 10.42 2.36 6.81
C PHE A 91 11.55 2.15 7.82
N ASN A 92 11.70 3.09 8.73
CA ASN A 92 12.74 3.01 9.76
C ASN A 92 12.24 3.60 11.08
N ASN A 93 10.94 3.48 11.32
CA ASN A 93 10.34 3.99 12.55
C ASN A 93 9.22 3.09 13.03
N ARG A 94 9.40 2.48 14.19
CA ARG A 94 8.41 1.59 14.77
C ARG A 94 7.16 2.36 15.19
N THR A 95 7.36 3.62 15.58
CA THR A 95 6.25 4.46 16.00
C THR A 95 5.54 5.10 14.82
N VAL A 96 6.30 5.32 13.74
CA VAL A 96 5.74 5.93 12.53
C VAL A 96 5.13 4.87 11.61
N MET A 97 5.77 3.71 11.54
CA MET A 97 5.29 2.62 10.70
C MET A 97 3.85 2.24 11.06
N ASP A 98 3.52 2.38 12.35
CA ASP A 98 2.18 2.05 12.82
C ASP A 98 1.20 3.18 12.52
N ASN A 99 1.71 4.41 12.48
CA ASN A 99 0.88 5.57 12.21
C ASN A 99 0.37 5.55 10.77
N ILE A 100 1.16 4.96 9.89
CA ILE A 100 0.79 4.87 8.48
C ILE A 100 -0.30 3.82 8.26
N LYS A 101 -0.07 2.62 8.79
CA LYS A 101 -1.03 1.53 8.67
C LYS A 101 -2.37 1.90 9.30
N MET A 102 -2.31 2.46 10.51
CA MET A 102 -3.52 2.85 11.23
C MET A 102 -4.32 3.87 10.42
N THR A 103 -3.62 4.67 9.62
CA THR A 103 -4.26 5.69 8.80
C THR A 103 -4.84 5.08 7.53
N LEU A 104 -4.28 3.96 7.09
CA LEU A 104 -4.75 3.28 5.90
C LEU A 104 -5.93 2.37 6.21
N GLN A 105 -5.98 1.88 7.46
CA GLN A 105 -7.05 1.00 7.88
C GLN A 105 -8.30 1.79 8.24
N GLN A 106 -8.11 3.02 8.72
CA GLN A 106 -9.23 3.87 9.10
C GLN A 106 -9.96 4.39 7.87
N ILE A 107 -9.21 4.77 6.84
CA ILE A 107 -9.79 5.29 5.62
C ILE A 107 -10.53 4.17 4.86
N ILE A 108 -9.86 3.04 4.67
CA ILE A 108 -10.45 1.92 3.96
C ILE A 108 -11.65 1.35 4.73
N SER A 109 -11.47 1.16 6.04
CA SER A 109 -12.52 0.62 6.88
C SER A 109 -13.71 1.58 6.94
N ARG A 110 -13.43 2.88 6.80
CA ARG A 110 -14.48 3.89 6.85
C ARG A 110 -15.36 3.80 5.60
N TYR A 111 -14.74 3.53 4.46
CA TYR A 111 -15.48 3.42 3.20
C TYR A 111 -15.96 1.99 2.96
N LYS A 112 -15.47 1.05 3.75
CA LYS A 112 -15.85 -0.35 3.61
C LYS A 112 -17.28 -0.57 4.12
N ASP A 113 -17.66 0.22 5.12
CA ASP A 113 -19.00 0.11 5.69
C ASP A 113 -19.88 1.28 5.24
N ALA A 114 -19.26 2.41 4.92
CA ALA A 114 -19.99 3.59 4.47
C ALA A 114 -21.03 4.02 5.50
N ASP A 115 -20.62 4.08 6.76
CA ASP A 115 -21.51 4.48 7.84
C ASP A 115 -22.70 3.53 7.94
N ASP B 1 11.50 -6.92 -10.40
CA ASP B 1 11.36 -8.28 -9.90
C ASP B 1 11.98 -8.43 -8.52
N LEU B 2 11.28 -7.93 -7.50
CA LEU B 2 11.76 -7.99 -6.13
C LEU B 2 10.66 -8.44 -5.17
N ASP B 3 9.55 -8.92 -5.73
CA ASP B 3 8.43 -9.37 -4.91
C ASP B 3 8.57 -10.85 -4.55
N GLU B 4 9.73 -11.43 -4.84
CA GLU B 4 9.97 -12.84 -4.54
C GLU B 4 10.57 -13.00 -3.14
N SER B 5 11.34 -12.01 -2.71
CA SER B 5 11.96 -12.04 -1.39
C SER B 5 11.05 -11.42 -0.33
N TRP B 6 10.23 -10.46 -0.75
CA TRP B 6 9.31 -9.79 0.15
C TRP B 6 7.98 -10.54 0.25
N ASP B 7 7.86 -11.64 -0.47
CA ASP B 7 6.63 -12.43 -0.47
C ASP B 7 6.52 -13.28 0.79
N TYR B 8 7.65 -13.56 1.43
CA TYR B 8 7.66 -14.37 2.64
C TYR B 8 7.76 -13.50 3.91
N ILE B 9 7.95 -12.19 3.73
CA ILE B 9 8.05 -11.28 4.86
C ILE B 9 6.73 -10.55 5.10
N PHE B 10 6.12 -10.07 4.04
CA PHE B 10 4.85 -9.35 4.13
C PHE B 10 3.68 -10.32 4.23
N GLU B 11 3.56 -11.19 3.24
CA GLU B 11 2.47 -12.17 3.21
C GLU B 11 2.55 -13.09 4.43
N THR B 12 3.63 -13.85 4.53
CA THR B 12 3.82 -14.76 5.65
C THR B 12 4.75 -14.17 6.70
N THR B 13 4.21 -13.27 7.52
CA THR B 13 4.99 -12.62 8.56
C THR B 13 5.42 -13.63 9.63
N PRO A 1 4.79 14.60 10.78
CA PRO A 1 4.18 13.76 9.72
C PRO A 1 2.67 13.60 9.92
N SER A 2 2.30 12.82 10.93
CA SER A 2 0.88 12.59 11.23
C SER A 2 0.19 11.87 10.08
N HIS A 3 -0.18 12.64 9.06
CA HIS A 3 -0.86 12.08 7.90
C HIS A 3 0.09 11.98 6.70
N SER A 4 1.33 11.61 6.97
CA SER A 4 2.34 11.49 5.92
C SER A 4 3.60 10.82 6.45
N GLY A 5 4.43 10.31 5.54
CA GLY A 5 5.66 9.64 5.94
C GLY A 5 6.58 9.39 4.77
N ALA A 6 7.87 9.27 5.05
CA ALA A 6 8.86 9.02 4.02
C ALA A 6 8.62 7.67 3.35
N ALA A 7 7.94 7.69 2.20
CA ALA A 7 7.65 6.47 1.47
C ALA A 7 8.38 6.45 0.13
N ILE A 8 8.95 5.31 -0.21
CA ILE A 8 9.68 5.16 -1.47
C ILE A 8 8.99 4.17 -2.39
N PHE A 9 8.70 4.63 -3.62
CA PHE A 9 8.04 3.79 -4.61
C PHE A 9 8.87 3.70 -5.89
N GLU A 10 9.20 2.47 -6.28
CA GLU A 10 9.98 2.26 -7.49
C GLU A 10 11.37 2.88 -7.35
N LYS A 11 12.03 2.60 -6.24
CA LYS A 11 13.37 3.12 -5.98
C LYS A 11 13.38 4.65 -6.05
N VAL A 12 12.27 5.28 -5.66
CA VAL A 12 12.17 6.73 -5.68
C VAL A 12 11.92 7.28 -4.28
N SER A 13 12.85 8.09 -3.81
CA SER A 13 12.74 8.69 -2.48
C SER A 13 11.72 9.82 -2.48
N GLY A 14 10.57 9.57 -1.85
CA GLY A 14 9.52 10.58 -1.79
C GLY A 14 8.74 10.54 -0.49
N ILE A 15 7.78 11.44 -0.35
CA ILE A 15 6.95 11.49 0.83
C ILE A 15 5.50 11.14 0.52
N ILE A 16 4.88 10.35 1.39
CA ILE A 16 3.49 9.95 1.19
C ILE A 16 2.55 10.77 2.08
N ALA A 17 1.33 10.96 1.60
CA ALA A 17 0.34 11.73 2.34
C ALA A 17 -1.05 11.12 2.21
N ILE A 18 -1.63 10.72 3.34
CA ILE A 18 -2.95 10.12 3.35
C ILE A 18 -4.03 11.18 3.49
N ASN A 19 -5.08 11.07 2.67
CA ASN A 19 -6.18 12.02 2.70
C ASN A 19 -7.39 11.43 3.43
N GLU A 20 -7.60 11.88 4.66
CA GLU A 20 -8.71 11.40 5.47
C GLU A 20 -9.82 12.45 5.55
N ASP A 21 -9.89 13.32 4.55
CA ASP A 21 -10.91 14.36 4.51
C ASP A 21 -12.09 13.93 3.64
N VAL A 22 -11.82 13.11 2.64
CA VAL A 22 -12.85 12.62 1.74
C VAL A 22 -13.23 11.18 2.10
N SER A 23 -14.49 10.83 1.89
CA SER A 23 -14.99 9.48 2.20
C SER A 23 -13.98 8.42 1.73
N PRO A 24 -13.82 8.25 0.41
CA PRO A 24 -12.87 7.26 -0.14
C PRO A 24 -11.43 7.69 0.12
N ALA A 25 -10.94 7.40 1.33
CA ALA A 25 -9.57 7.75 1.72
C ALA A 25 -8.58 7.44 0.60
N GLU A 26 -7.73 8.42 0.29
CA GLU A 26 -6.73 8.26 -0.76
C GLU A 26 -5.32 8.48 -0.21
N LEU A 27 -4.35 7.84 -0.84
CA LEU A 27 -2.96 7.96 -0.42
C LEU A 27 -2.11 8.57 -1.54
N THR A 28 -1.56 9.75 -1.29
CA THR A 28 -0.74 10.45 -2.27
C THR A 28 0.75 10.22 -1.99
N TRP A 29 1.55 10.19 -3.05
CA TRP A 29 2.98 9.98 -2.92
C TRP A 29 3.75 10.89 -3.87
N ARG A 30 4.45 11.88 -3.33
CA ARG A 30 5.23 12.81 -4.15
C ARG A 30 6.72 12.57 -3.95
N SER A 31 7.45 12.48 -5.06
CA SER A 31 8.88 12.25 -5.01
C SER A 31 9.58 13.36 -4.21
N THR A 32 10.81 13.09 -3.80
CA THR A 32 11.59 14.06 -3.02
C THR A 32 11.74 15.37 -3.78
N ASP A 33 11.96 15.26 -5.09
CA ASP A 33 12.14 16.43 -5.93
C ASP A 33 10.80 16.89 -6.52
N GLY A 34 9.91 15.92 -6.75
CA GLY A 34 8.60 16.24 -7.30
C GLY A 34 8.54 16.00 -8.80
N ASP A 35 9.25 14.98 -9.26
CA ASP A 35 9.26 14.65 -10.68
C ASP A 35 8.14 13.66 -11.02
N LYS A 36 7.88 12.73 -10.10
CA LYS A 36 6.84 11.73 -10.31
C LYS A 36 5.92 11.65 -9.09
N VAL A 37 4.62 11.62 -9.34
CA VAL A 37 3.64 11.55 -8.25
C VAL A 37 2.39 10.79 -8.70
N HIS A 38 1.98 9.81 -7.91
CA HIS A 38 0.80 9.01 -8.22
C HIS A 38 -0.14 8.93 -7.02
N THR A 39 -1.43 8.80 -7.29
CA THR A 39 -2.43 8.71 -6.24
C THR A 39 -3.17 7.38 -6.30
N VAL A 40 -3.52 6.85 -5.13
CA VAL A 40 -4.23 5.58 -5.05
C VAL A 40 -5.28 5.60 -3.93
N VAL A 41 -6.46 5.07 -4.22
CA VAL A 41 -7.53 5.03 -3.24
C VAL A 41 -7.28 3.96 -2.19
N LEU A 42 -7.18 4.39 -0.93
CA LEU A 42 -6.93 3.47 0.17
C LEU A 42 -8.14 2.56 0.40
N SER A 43 -9.33 3.06 0.08
CA SER A 43 -10.56 2.29 0.24
C SER A 43 -10.47 0.96 -0.51
N THR A 44 -9.73 0.95 -1.61
CA THR A 44 -9.57 -0.25 -2.41
C THR A 44 -8.81 -1.33 -1.64
N ILE A 45 -7.93 -0.90 -0.74
CA ILE A 45 -7.15 -1.83 0.07
C ILE A 45 -8.05 -2.74 0.90
N ASP A 46 -7.53 -3.88 1.28
CA ASP A 46 -8.28 -4.85 2.09
C ASP A 46 -7.54 -5.19 3.37
N LYS A 47 -6.29 -5.63 3.23
CA LYS A 47 -5.48 -5.99 4.39
C LYS A 47 -4.11 -5.31 4.31
N LEU A 48 -3.42 -5.25 5.45
CA LEU A 48 -2.10 -4.62 5.51
C LEU A 48 -1.07 -5.60 6.02
N GLN A 49 0.15 -5.49 5.51
CA GLN A 49 1.24 -6.37 5.92
C GLN A 49 2.59 -5.68 5.75
N ALA A 50 3.51 -5.97 6.67
CA ALA A 50 4.84 -5.37 6.63
C ALA A 50 5.87 -6.30 7.25
N THR A 51 7.15 -5.99 7.03
CA THR A 51 8.24 -6.80 7.55
C THR A 51 8.33 -6.66 9.07
N PRO A 52 8.78 -7.72 9.77
CA PRO A 52 8.93 -7.70 11.23
C PRO A 52 10.05 -6.79 11.70
N ALA A 53 10.06 -6.48 12.99
CA ALA A 53 11.08 -5.62 13.57
C ALA A 53 12.46 -6.27 13.50
N SER A 54 12.47 -7.61 13.59
CA SER A 54 13.72 -8.36 13.54
C SER A 54 14.36 -8.27 12.15
N SER A 55 13.52 -8.18 11.12
CA SER A 55 14.00 -8.08 9.75
C SER A 55 14.81 -6.81 9.55
N GLU A 56 16.03 -6.97 9.05
CA GLU A 56 16.91 -5.84 8.80
C GLU A 56 16.32 -4.90 7.75
N LYS A 57 15.74 -5.48 6.71
CA LYS A 57 15.12 -4.70 5.64
C LYS A 57 13.72 -4.26 6.03
N MET A 58 13.58 -2.97 6.32
CA MET A 58 12.29 -2.40 6.71
C MET A 58 11.48 -1.99 5.48
N MET A 59 10.38 -2.68 5.24
CA MET A 59 9.53 -2.39 4.10
C MET A 59 8.06 -2.68 4.42
N LEU A 60 7.16 -1.97 3.74
CA LEU A 60 5.73 -2.15 3.96
C LEU A 60 5.07 -2.79 2.74
N ARG A 61 3.91 -3.39 2.96
CA ARG A 61 3.18 -4.05 1.88
C ARG A 61 1.67 -3.91 2.08
N LEU A 62 0.95 -3.74 0.97
CA LEU A 62 -0.49 -3.60 1.01
C LEU A 62 -1.18 -4.65 0.14
N ILE A 63 -2.31 -5.15 0.60
CA ILE A 63 -3.06 -6.16 -0.15
C ILE A 63 -4.49 -5.71 -0.41
N GLY A 64 -4.80 -5.47 -1.68
CA GLY A 64 -6.13 -5.03 -2.04
C GLY A 64 -7.13 -6.16 -2.10
N LYS A 65 -8.40 -5.83 -2.31
CA LYS A 65 -9.45 -6.84 -2.38
C LYS A 65 -9.37 -7.62 -3.68
N VAL A 66 -10.38 -8.44 -3.95
CA VAL A 66 -10.43 -9.24 -5.16
C VAL A 66 -11.48 -8.71 -6.13
N ASP A 67 -11.30 -9.01 -7.41
CA ASP A 67 -12.22 -8.58 -8.45
C ASP A 67 -12.63 -9.74 -9.35
N GLU A 68 -13.57 -10.55 -8.87
CA GLU A 68 -14.03 -11.69 -9.64
C GLU A 68 -15.43 -11.43 -10.20
N SER A 69 -15.67 -10.19 -10.60
CA SER A 69 -16.97 -9.81 -11.17
C SER A 69 -16.82 -9.39 -12.62
N LYS A 70 -15.74 -8.69 -12.93
CA LYS A 70 -15.49 -8.23 -14.30
C LYS A 70 -14.92 -9.36 -15.15
N LYS A 71 -13.81 -9.93 -14.71
CA LYS A 71 -13.17 -11.02 -15.44
C LYS A 71 -12.69 -10.56 -16.82
N ARG A 72 -11.41 -10.80 -17.10
CA ARG A 72 -10.83 -10.40 -18.38
C ARG A 72 -10.86 -8.89 -18.54
N LYS A 73 -9.69 -8.29 -18.79
CA LYS A 73 -9.58 -6.85 -18.97
C LYS A 73 -10.02 -6.12 -17.70
N ASP A 74 -9.08 -5.44 -17.06
CA ASP A 74 -9.37 -4.68 -15.85
C ASP A 74 -9.46 -3.19 -16.13
N ASN A 75 -8.66 -2.74 -17.11
CA ASN A 75 -8.64 -1.33 -17.49
C ASN A 75 -8.39 -1.17 -18.98
N GLU A 76 -7.17 -1.48 -19.40
CA GLU A 76 -6.80 -1.38 -20.81
C GLU A 76 -5.39 -1.92 -21.05
N GLY A 77 -5.31 -2.98 -21.84
CA GLY A 77 -4.01 -3.57 -22.13
C GLY A 77 -3.70 -4.75 -21.24
N ASN A 78 -3.17 -5.82 -21.83
CA ASN A 78 -2.83 -7.02 -21.07
C ASN A 78 -4.07 -7.62 -20.42
N GLU A 79 -4.49 -8.78 -20.90
CA GLU A 79 -5.66 -9.46 -20.36
C GLU A 79 -5.31 -10.22 -19.08
N VAL A 80 -5.22 -9.48 -17.98
CA VAL A 80 -4.90 -10.07 -16.69
C VAL A 80 -6.08 -10.85 -16.13
N VAL A 81 -5.79 -11.86 -15.31
CA VAL A 81 -6.83 -12.69 -14.72
C VAL A 81 -7.17 -12.22 -13.31
N PRO A 82 -8.47 -12.18 -12.96
CA PRO A 82 -8.95 -11.74 -11.64
C PRO A 82 -8.08 -12.25 -10.50
N LYS A 83 -7.08 -11.47 -10.19
CA LYS A 83 -6.14 -11.79 -9.12
C LYS A 83 -6.05 -10.66 -8.10
N PRO A 84 -5.84 -10.99 -6.82
CA PRO A 84 -5.75 -9.99 -5.75
C PRO A 84 -4.72 -8.91 -6.06
N GLN A 85 -4.54 -7.99 -5.12
CA GLN A 85 -3.59 -6.89 -5.29
C GLN A 85 -2.47 -6.99 -4.26
N ARG A 86 -1.25 -6.71 -4.69
CA ARG A 86 -0.08 -6.77 -3.81
C ARG A 86 0.88 -5.62 -4.11
N HIS A 87 0.90 -4.62 -3.23
CA HIS A 87 1.77 -3.46 -3.40
C HIS A 87 2.82 -3.43 -2.30
N MET A 88 4.08 -3.27 -2.70
CA MET A 88 5.18 -3.20 -1.74
C MET A 88 5.88 -1.84 -1.78
N PHE A 89 6.22 -1.33 -0.61
CA PHE A 89 6.88 -0.04 -0.50
C PHE A 89 8.21 -0.16 0.25
N SER A 90 9.05 0.85 0.12
CA SER A 90 10.35 0.86 0.80
C SER A 90 10.47 2.06 1.73
N PHE A 91 10.73 1.78 3.01
CA PHE A 91 10.87 2.84 4.01
C PHE A 91 12.28 2.86 4.58
N ASN A 92 12.58 3.89 5.36
CA ASN A 92 13.90 4.02 5.98
C ASN A 92 13.79 4.24 7.48
N ASN A 93 12.74 3.68 8.08
CA ASN A 93 12.51 3.82 9.51
C ASN A 93 11.36 2.93 9.96
N ARG A 94 11.50 2.36 11.15
CA ARG A 94 10.46 1.49 11.70
C ARG A 94 9.35 2.30 12.37
N THR A 95 9.73 3.45 12.92
CA THR A 95 8.77 4.32 13.59
C THR A 95 7.86 5.00 12.58
N VAL A 96 8.45 5.48 11.48
CA VAL A 96 7.69 6.16 10.44
C VAL A 96 6.69 5.21 9.79
N MET A 97 7.17 4.05 9.36
CA MET A 97 6.31 3.05 8.73
C MET A 97 5.20 2.61 9.67
N ASP A 98 5.49 2.62 10.96
CA ASP A 98 4.53 2.21 11.98
C ASP A 98 3.33 3.15 11.99
N ASN A 99 3.58 4.42 11.67
CA ASN A 99 2.52 5.43 11.65
C ASN A 99 1.71 5.34 10.35
N ILE A 100 2.32 4.81 9.30
CA ILE A 100 1.66 4.67 8.02
C ILE A 100 0.68 3.49 8.03
N LYS A 101 1.18 2.32 8.44
CA LYS A 101 0.36 1.12 8.49
C LYS A 101 -0.77 1.29 9.50
N MET A 102 -0.45 1.82 10.67
CA MET A 102 -1.44 2.04 11.73
C MET A 102 -2.54 2.98 11.24
N THR A 103 -2.17 3.91 10.36
CA THR A 103 -3.12 4.87 9.82
C THR A 103 -3.89 4.29 8.63
N LEU A 104 -3.27 3.33 7.95
CA LEU A 104 -3.88 2.68 6.79
C LEU A 104 -4.87 1.61 7.24
N GLN A 105 -4.60 1.00 8.39
CA GLN A 105 -5.46 -0.06 8.92
C GLN A 105 -6.75 0.53 9.49
N GLN A 106 -6.63 1.66 10.17
CA GLN A 106 -7.79 2.31 10.78
C GLN A 106 -8.82 2.68 9.72
N ILE A 107 -8.35 2.93 8.50
CA ILE A 107 -9.24 3.30 7.40
C ILE A 107 -10.12 2.12 6.99
N ILE A 108 -9.47 1.02 6.60
CA ILE A 108 -10.18 -0.18 6.18
C ILE A 108 -11.04 -0.74 7.32
N SER A 109 -10.56 -0.56 8.55
CA SER A 109 -11.28 -1.05 9.72
C SER A 109 -12.46 -0.14 10.05
N ARG A 110 -12.32 1.15 9.74
CA ARG A 110 -13.38 2.11 10.00
C ARG A 110 -14.53 1.93 9.02
N TYR A 111 -14.22 1.49 7.81
CA TYR A 111 -15.23 1.28 6.79
C TYR A 111 -15.76 -0.16 6.81
N LYS A 112 -15.41 -0.89 7.86
CA LYS A 112 -15.85 -2.27 8.01
C LYS A 112 -16.63 -2.47 9.31
N ASP A 113 -16.11 -1.89 10.39
CA ASP A 113 -16.76 -2.00 11.69
C ASP A 113 -18.01 -1.13 11.75
N ALA A 114 -17.96 0.01 11.09
CA ALA A 114 -19.09 0.93 11.06
C ALA A 114 -20.05 0.60 9.92
N ASP A 115 -19.61 0.85 8.70
CA ASP A 115 -20.43 0.58 7.52
C ASP A 115 -20.32 -0.88 7.11
N ASP B 1 14.21 -14.80 -11.40
CA ASP B 1 13.56 -15.58 -10.36
C ASP B 1 14.02 -15.17 -8.97
N LEU B 2 13.56 -14.01 -8.51
CA LEU B 2 13.94 -13.49 -7.20
C LEU B 2 12.72 -12.97 -6.44
N ASP B 3 11.53 -13.26 -6.94
CA ASP B 3 10.30 -12.82 -6.30
C ASP B 3 10.01 -13.63 -5.04
N GLU B 4 10.47 -14.89 -5.03
CA GLU B 4 10.26 -15.76 -3.88
C GLU B 4 10.85 -15.16 -2.61
N SER B 5 11.93 -14.39 -2.78
CA SER B 5 12.58 -13.74 -1.65
C SER B 5 11.87 -12.46 -1.25
N TRP B 6 11.28 -11.78 -2.24
CA TRP B 6 10.57 -10.54 -1.99
C TRP B 6 9.14 -10.81 -1.51
N ASP B 7 8.58 -11.93 -1.95
CA ASP B 7 7.22 -12.31 -1.56
C ASP B 7 7.19 -12.83 -0.14
N TYR B 8 8.28 -13.47 0.28
CA TYR B 8 8.38 -14.03 1.62
C TYR B 8 8.51 -12.92 2.66
N ILE B 9 9.37 -11.94 2.38
CA ILE B 9 9.58 -10.83 3.29
C ILE B 9 8.28 -10.06 3.53
N PHE B 10 7.39 -10.08 2.55
CA PHE B 10 6.12 -9.39 2.66
C PHE B 10 4.98 -10.36 2.95
N GLU B 11 5.31 -11.65 3.08
CA GLU B 11 4.30 -12.67 3.35
C GLU B 11 4.27 -13.05 4.83
N THR B 12 5.09 -12.37 5.63
CA THR B 12 5.16 -12.65 7.07
C THR B 12 3.80 -12.40 7.72
N THR B 13 3.36 -13.37 8.53
CA THR B 13 2.07 -13.26 9.21
C THR B 13 2.22 -13.61 10.69
N PRO A 1 1.72 11.69 12.90
CA PRO A 1 1.53 13.17 12.99
C PRO A 1 0.78 13.72 11.78
N SER A 2 -0.53 13.93 11.94
CA SER A 2 -1.36 14.45 10.87
C SER A 2 -1.34 13.52 9.66
N HIS A 3 -1.18 12.22 9.92
CA HIS A 3 -1.15 11.22 8.86
C HIS A 3 -0.01 11.50 7.90
N SER A 4 1.18 10.99 8.23
CA SER A 4 2.36 11.17 7.39
C SER A 4 3.56 10.43 7.96
N GLY A 5 4.24 9.69 7.10
CA GLY A 5 5.41 8.93 7.54
C GLY A 5 6.44 8.76 6.45
N ALA A 6 7.71 8.88 6.82
CA ALA A 6 8.80 8.74 5.86
C ALA A 6 8.82 7.34 5.26
N ALA A 7 8.32 7.21 4.04
CA ALA A 7 8.28 5.92 3.34
C ALA A 7 9.20 5.93 2.13
N ILE A 8 10.00 4.87 1.99
CA ILE A 8 10.92 4.76 0.87
C ILE A 8 10.34 3.86 -0.22
N PHE A 9 10.09 4.45 -1.40
CA PHE A 9 9.54 3.71 -2.52
C PHE A 9 10.50 3.74 -3.71
N GLU A 10 10.70 2.59 -4.34
CA GLU A 10 11.60 2.48 -5.48
C GLU A 10 13.03 2.84 -5.08
N LYS A 11 13.40 2.51 -3.85
CA LYS A 11 14.74 2.80 -3.36
C LYS A 11 14.99 4.30 -3.29
N VAL A 12 13.95 5.07 -2.96
CA VAL A 12 14.06 6.51 -2.87
C VAL A 12 13.53 7.02 -1.53
N SER A 13 14.26 7.94 -0.93
CA SER A 13 13.87 8.51 0.36
C SER A 13 12.85 9.62 0.18
N GLY A 14 11.61 9.37 0.60
CA GLY A 14 10.56 10.36 0.46
C GLY A 14 9.54 10.26 1.58
N ILE A 15 8.67 11.28 1.68
CA ILE A 15 7.64 11.30 2.71
C ILE A 15 6.27 11.01 2.11
N ILE A 16 5.51 10.14 2.78
CA ILE A 16 4.19 9.77 2.31
C ILE A 16 3.11 10.52 3.09
N ALA A 17 1.97 10.76 2.44
CA ALA A 17 0.86 11.46 3.08
C ALA A 17 -0.48 10.86 2.67
N ILE A 18 -1.31 10.55 3.66
CA ILE A 18 -2.62 9.98 3.39
C ILE A 18 -3.72 11.04 3.45
N ASN A 19 -4.62 11.00 2.48
CA ASN A 19 -5.71 11.97 2.42
C ASN A 19 -7.02 11.33 2.91
N GLU A 20 -7.35 11.58 4.17
CA GLU A 20 -8.57 11.03 4.74
C GLU A 20 -9.78 11.92 4.44
N ASP A 21 -9.50 13.20 4.18
CA ASP A 21 -10.56 14.16 3.88
C ASP A 21 -11.44 13.66 2.73
N VAL A 22 -10.85 12.89 1.82
CA VAL A 22 -11.58 12.35 0.69
C VAL A 22 -12.15 10.98 1.02
N SER A 23 -13.32 10.68 0.45
CA SER A 23 -13.98 9.40 0.69
C SER A 23 -13.08 8.22 0.32
N PRO A 24 -12.76 8.05 -0.97
CA PRO A 24 -11.92 6.94 -1.44
C PRO A 24 -10.52 6.97 -0.84
N ALA A 25 -10.15 8.10 -0.25
CA ALA A 25 -8.84 8.24 0.37
C ALA A 25 -7.73 8.10 -0.67
N GLU A 26 -6.61 8.78 -0.44
CA GLU A 26 -5.48 8.73 -1.36
C GLU A 26 -4.15 8.77 -0.61
N LEU A 27 -3.14 8.10 -1.14
CA LEU A 27 -1.82 8.06 -0.53
C LEU A 27 -0.79 8.71 -1.45
N THR A 28 -0.33 9.91 -1.06
CA THR A 28 0.65 10.64 -1.86
C THR A 28 2.06 10.43 -1.32
N TRP A 29 3.02 10.20 -2.21
CA TRP A 29 4.40 9.98 -1.82
C TRP A 29 5.34 10.91 -2.60
N ARG A 30 6.03 11.79 -1.87
CA ARG A 30 6.95 12.73 -2.50
C ARG A 30 8.37 12.51 -1.98
N SER A 31 9.33 12.55 -2.89
CA SER A 31 10.74 12.36 -2.53
C SER A 31 11.18 13.40 -1.52
N THR A 32 12.25 13.08 -0.77
CA THR A 32 12.77 13.99 0.24
C THR A 32 13.18 15.32 -0.38
N ASP A 33 13.62 15.27 -1.64
CA ASP A 33 14.05 16.47 -2.35
C ASP A 33 12.90 17.03 -3.21
N GLY A 34 12.22 16.14 -3.91
CA GLY A 34 11.11 16.56 -4.76
C GLY A 34 11.38 16.30 -6.23
N ASP A 35 11.87 15.11 -6.55
CA ASP A 35 12.16 14.75 -7.92
C ASP A 35 11.14 13.77 -8.47
N LYS A 36 10.76 12.80 -7.65
CA LYS A 36 9.77 11.80 -8.05
C LYS A 36 8.64 11.70 -7.03
N VAL A 37 7.41 11.87 -7.50
CA VAL A 37 6.24 11.81 -6.62
C VAL A 37 5.10 11.05 -7.29
N HIS A 38 4.43 10.20 -6.52
CA HIS A 38 3.31 9.42 -7.03
C HIS A 38 2.23 9.25 -5.98
N THR A 39 0.98 9.12 -6.42
CA THR A 39 -0.14 8.95 -5.51
C THR A 39 -0.96 7.72 -5.88
N VAL A 40 -1.51 7.06 -4.88
CA VAL A 40 -2.34 5.87 -5.10
C VAL A 40 -3.52 5.83 -4.14
N VAL A 41 -4.64 5.29 -4.61
CA VAL A 41 -5.84 5.20 -3.79
C VAL A 41 -5.70 4.09 -2.75
N LEU A 42 -5.98 4.44 -1.49
CA LEU A 42 -5.88 3.49 -0.39
C LEU A 42 -7.13 2.60 -0.33
N SER A 43 -8.26 3.15 -0.76
CA SER A 43 -9.53 2.42 -0.74
C SER A 43 -9.42 1.14 -1.58
N THR A 44 -8.74 1.24 -2.71
CA THR A 44 -8.58 0.08 -3.60
C THR A 44 -7.87 -1.07 -2.88
N ILE A 45 -7.06 -0.72 -1.88
CA ILE A 45 -6.33 -1.73 -1.12
C ILE A 45 -7.28 -2.68 -0.40
N ASP A 46 -6.84 -3.91 -0.18
CA ASP A 46 -7.66 -4.91 0.50
C ASP A 46 -6.93 -5.49 1.70
N LYS A 47 -5.68 -5.91 1.48
CA LYS A 47 -4.87 -6.49 2.54
C LYS A 47 -3.49 -5.83 2.58
N LEU A 48 -3.06 -5.45 3.78
CA LEU A 48 -1.76 -4.81 3.97
C LEU A 48 -0.88 -5.62 4.90
N GLN A 49 0.39 -5.78 4.54
CA GLN A 49 1.33 -6.53 5.35
C GLN A 49 2.57 -5.70 5.66
N ALA A 50 3.35 -6.13 6.64
CA ALA A 50 4.57 -5.43 7.03
C ALA A 50 5.59 -6.38 7.64
N THR A 51 6.82 -5.91 7.78
CA THR A 51 7.89 -6.72 8.35
C THR A 51 7.91 -6.60 9.87
N PRO A 52 8.37 -7.66 10.57
CA PRO A 52 8.44 -7.67 12.03
C PRO A 52 9.53 -6.73 12.56
N ALA A 53 9.46 -6.44 13.87
CA ALA A 53 10.43 -5.56 14.49
C ALA A 53 11.80 -6.22 14.58
N SER A 54 11.80 -7.55 14.70
CA SER A 54 13.04 -8.31 14.78
C SER A 54 13.84 -8.21 13.47
N SER A 55 13.11 -8.09 12.36
CA SER A 55 13.74 -8.00 11.05
C SER A 55 14.65 -6.77 10.98
N GLU A 56 15.90 -7.00 10.58
CA GLU A 56 16.87 -5.91 10.46
C GLU A 56 16.40 -4.86 9.46
N LYS A 57 15.65 -5.30 8.46
CA LYS A 57 15.14 -4.40 7.43
C LYS A 57 13.65 -4.17 7.61
N MET A 58 13.28 -2.92 7.87
CA MET A 58 11.87 -2.56 8.05
C MET A 58 11.22 -2.16 6.74
N MET A 59 10.20 -2.91 6.34
CA MET A 59 9.49 -2.63 5.09
C MET A 59 8.01 -2.95 5.22
N LEU A 60 7.22 -2.46 4.28
CA LEU A 60 5.78 -2.69 4.28
C LEU A 60 5.29 -3.15 2.91
N ARG A 61 4.12 -3.77 2.87
CA ARG A 61 3.55 -4.24 1.62
C ARG A 61 2.04 -4.07 1.61
N LEU A 62 1.50 -3.71 0.44
CA LEU A 62 0.06 -3.51 0.29
C LEU A 62 -0.48 -4.38 -0.84
N ILE A 63 -1.69 -4.90 -0.63
CA ILE A 63 -2.33 -5.75 -1.64
C ILE A 63 -3.62 -5.13 -2.15
N GLY A 64 -3.60 -4.71 -3.40
CA GLY A 64 -4.79 -4.10 -3.99
C GLY A 64 -5.99 -5.01 -3.97
N LYS A 65 -7.08 -4.58 -4.60
CA LYS A 65 -8.30 -5.37 -4.63
C LYS A 65 -8.46 -6.07 -5.98
N VAL A 66 -8.81 -7.35 -5.95
CA VAL A 66 -8.98 -8.13 -7.16
C VAL A 66 -10.46 -8.35 -7.47
N ASP A 67 -10.79 -8.43 -8.75
CA ASP A 67 -12.18 -8.64 -9.17
C ASP A 67 -13.07 -7.48 -8.72
N GLU A 68 -13.20 -6.48 -9.57
CA GLU A 68 -14.02 -5.32 -9.26
C GLU A 68 -14.94 -4.97 -10.42
N SER A 69 -14.36 -4.38 -11.46
CA SER A 69 -15.12 -3.99 -12.65
C SER A 69 -14.70 -4.82 -13.86
N LYS A 70 -14.28 -6.06 -13.60
CA LYS A 70 -13.85 -6.96 -14.67
C LYS A 70 -13.92 -8.41 -14.22
N LYS A 71 -13.42 -8.67 -13.01
CA LYS A 71 -13.42 -10.02 -12.46
C LYS A 71 -12.96 -11.06 -13.48
N ARG A 72 -13.16 -12.33 -13.17
CA ARG A 72 -12.76 -13.41 -14.07
C ARG A 72 -13.85 -13.71 -15.09
N LYS A 73 -13.64 -13.23 -16.31
CA LYS A 73 -14.60 -13.43 -17.39
C LYS A 73 -15.92 -12.73 -17.09
N ASP A 74 -16.41 -11.97 -18.05
CA ASP A 74 -17.67 -11.24 -17.90
C ASP A 74 -18.83 -12.02 -18.51
N ASN A 75 -18.73 -13.35 -18.49
CA ASN A 75 -19.78 -14.19 -19.05
C ASN A 75 -20.00 -13.88 -20.53
N GLU A 76 -19.53 -14.78 -21.40
CA GLU A 76 -19.69 -14.61 -22.83
C GLU A 76 -19.02 -13.31 -23.30
N GLY A 77 -17.75 -13.43 -23.69
CA GLY A 77 -17.02 -12.26 -24.16
C GLY A 77 -15.54 -12.35 -23.85
N ASN A 78 -15.17 -13.21 -22.90
CA ASN A 78 -13.78 -13.38 -22.52
C ASN A 78 -13.23 -12.11 -21.87
N GLU A 79 -13.10 -12.15 -20.55
CA GLU A 79 -12.59 -10.99 -19.81
C GLU A 79 -12.02 -11.43 -18.46
N VAL A 80 -10.90 -12.14 -18.49
CA VAL A 80 -10.25 -12.61 -17.28
C VAL A 80 -9.76 -11.44 -16.44
N VAL A 81 -9.67 -11.67 -15.13
CA VAL A 81 -9.20 -10.64 -14.20
C VAL A 81 -7.83 -10.10 -14.63
N PRO A 82 -7.63 -8.77 -14.58
CA PRO A 82 -6.37 -8.14 -14.95
C PRO A 82 -5.29 -8.27 -13.88
N LYS A 83 -5.02 -9.52 -13.47
CA LYS A 83 -4.01 -9.81 -12.45
C LYS A 83 -4.25 -8.99 -11.18
N PRO A 84 -3.73 -9.47 -10.03
CA PRO A 84 -3.88 -8.78 -8.75
C PRO A 84 -2.94 -7.58 -8.61
N GLN A 85 -2.83 -7.05 -7.41
CA GLN A 85 -1.97 -5.91 -7.15
C GLN A 85 -1.25 -6.06 -5.81
N ARG A 86 0.07 -5.87 -5.83
CA ARG A 86 0.88 -5.98 -4.62
C ARG A 86 2.10 -5.07 -4.69
N HIS A 87 2.16 -4.12 -3.76
CA HIS A 87 3.28 -3.18 -3.71
C HIS A 87 4.03 -3.27 -2.39
N MET A 88 5.35 -3.19 -2.45
CA MET A 88 6.17 -3.27 -1.25
C MET A 88 7.02 -2.01 -1.08
N PHE A 89 6.85 -1.35 0.05
CA PHE A 89 7.60 -0.13 0.34
C PHE A 89 8.62 -0.36 1.45
N SER A 90 9.57 0.56 1.58
CA SER A 90 10.60 0.47 2.60
C SER A 90 10.39 1.49 3.70
N PHE A 91 10.94 1.22 4.88
CA PHE A 91 10.81 2.13 6.01
C PHE A 91 12.07 2.12 6.87
N ASN A 92 12.38 3.26 7.47
CA ASN A 92 13.57 3.38 8.31
C ASN A 92 13.18 3.52 9.78
N ASN A 93 12.04 4.15 10.02
CA ASN A 93 11.55 4.37 11.39
C ASN A 93 10.58 3.25 11.79
N ARG A 94 10.62 2.88 13.07
CA ARG A 94 9.75 1.84 13.59
C ARG A 94 8.37 2.39 13.93
N THR A 95 8.35 3.47 14.70
CA THR A 95 7.09 4.11 15.10
C THR A 95 6.30 4.57 13.87
N VAL A 96 6.98 5.25 12.96
CA VAL A 96 6.34 5.74 11.75
C VAL A 96 5.76 4.59 10.92
N MET A 97 6.51 3.51 10.83
CA MET A 97 6.07 2.34 10.07
C MET A 97 4.77 1.78 10.64
N ASP A 98 4.59 1.91 11.95
CA ASP A 98 3.39 1.42 12.61
C ASP A 98 2.21 2.35 12.35
N ASN A 99 2.50 3.64 12.21
CA ASN A 99 1.46 4.63 11.95
C ASN A 99 0.79 4.39 10.60
N ILE A 100 1.59 4.03 9.61
CA ILE A 100 1.08 3.76 8.27
C ILE A 100 0.23 2.50 8.25
N LYS A 101 0.80 1.39 8.71
CA LYS A 101 0.10 0.11 8.75
C LYS A 101 -1.18 0.22 9.58
N MET A 102 -1.04 0.77 10.78
CA MET A 102 -2.19 0.93 11.67
C MET A 102 -3.27 1.78 11.02
N THR A 103 -2.88 2.96 10.54
CA THR A 103 -3.82 3.87 9.91
C THR A 103 -4.44 3.23 8.67
N LEU A 104 -3.62 2.53 7.90
CA LEU A 104 -4.09 1.86 6.69
C LEU A 104 -5.18 0.85 7.01
N GLN A 105 -4.95 0.04 8.03
CA GLN A 105 -5.92 -0.97 8.44
C GLN A 105 -7.24 -0.33 8.82
N GLN A 106 -7.19 0.89 9.34
CA GLN A 106 -8.38 1.61 9.74
C GLN A 106 -9.13 2.16 8.53
N ILE A 107 -8.38 2.71 7.58
CA ILE A 107 -8.96 3.28 6.37
C ILE A 107 -9.69 2.20 5.56
N ILE A 108 -9.09 1.01 5.50
CA ILE A 108 -9.68 -0.10 4.75
C ILE A 108 -10.90 -0.66 5.49
N SER A 109 -10.82 -0.69 6.81
CA SER A 109 -11.91 -1.21 7.63
C SER A 109 -13.13 -0.29 7.55
N ARG A 110 -12.87 1.01 7.39
CA ARG A 110 -13.95 2.00 7.30
C ARG A 110 -14.70 1.87 5.98
N TYR A 111 -13.95 1.65 4.90
CA TYR A 111 -14.54 1.50 3.58
C TYR A 111 -14.80 0.04 3.24
N LYS A 112 -14.65 -0.84 4.23
CA LYS A 112 -14.88 -2.26 4.03
C LYS A 112 -16.37 -2.56 3.87
N ASP A 113 -17.17 -1.99 4.76
CA ASP A 113 -18.62 -2.20 4.71
C ASP A 113 -19.32 -1.01 4.08
N ALA A 114 -19.42 0.08 4.84
CA ALA A 114 -20.08 1.29 4.35
C ALA A 114 -19.84 2.46 5.29
N ASP A 115 -18.58 2.90 5.39
CA ASP A 115 -18.22 4.01 6.25
C ASP A 115 -17.29 4.98 5.54
N ASP B 1 16.18 -12.25 -9.71
CA ASP B 1 16.49 -13.45 -8.93
C ASP B 1 16.49 -13.15 -7.44
N LEU B 2 15.67 -12.20 -7.03
CA LEU B 2 15.57 -11.81 -5.63
C LEU B 2 14.12 -11.66 -5.18
N ASP B 3 13.19 -12.12 -6.03
CA ASP B 3 11.76 -12.03 -5.71
C ASP B 3 11.37 -13.11 -4.70
N GLU B 4 12.06 -14.24 -4.75
CA GLU B 4 11.77 -15.35 -3.85
C GLU B 4 11.93 -14.92 -2.39
N SER B 5 13.00 -14.18 -2.11
CA SER B 5 13.27 -13.70 -0.76
C SER B 5 12.42 -12.48 -0.43
N TRP B 6 12.20 -11.63 -1.43
CA TRP B 6 11.40 -10.42 -1.24
C TRP B 6 9.92 -10.76 -1.13
N ASP B 7 9.52 -11.89 -1.71
CA ASP B 7 8.13 -12.31 -1.67
C ASP B 7 7.80 -13.00 -0.34
N TYR B 8 8.82 -13.59 0.28
CA TYR B 8 8.63 -14.28 1.54
C TYR B 8 8.68 -13.30 2.72
N ILE B 9 9.59 -12.34 2.63
CA ILE B 9 9.75 -11.34 3.69
C ILE B 9 8.44 -10.60 3.95
N PHE B 10 7.61 -10.49 2.92
CA PHE B 10 6.33 -9.80 3.04
C PHE B 10 5.18 -10.80 3.16
N GLU B 11 5.35 -11.98 2.58
CA GLU B 11 4.33 -13.01 2.62
C GLU B 11 4.30 -13.69 3.99
N THR B 12 5.45 -13.71 4.66
CA THR B 12 5.56 -14.34 5.97
C THR B 12 4.56 -13.72 6.95
N THR B 13 4.09 -14.54 7.89
CA THR B 13 3.13 -14.09 8.89
C THR B 13 2.92 -15.14 9.96
N PRO A 1 2.69 17.91 10.54
CA PRO A 1 2.64 16.42 10.48
C PRO A 1 1.20 15.91 10.50
N SER A 2 0.64 15.67 9.32
CA SER A 2 -0.72 15.17 9.21
C SER A 2 -0.78 13.93 8.33
N HIS A 3 -0.40 12.79 8.89
CA HIS A 3 -0.42 11.53 8.16
C HIS A 3 0.51 11.60 6.94
N SER A 4 1.74 11.11 7.11
CA SER A 4 2.71 11.13 6.01
C SER A 4 4.00 10.44 6.45
N GLY A 5 4.60 9.68 5.53
CA GLY A 5 5.83 8.98 5.84
C GLY A 5 6.62 8.63 4.59
N ALA A 6 7.94 8.65 4.71
CA ALA A 6 8.81 8.32 3.57
C ALA A 6 8.58 6.89 3.11
N ALA A 7 8.15 6.74 1.86
CA ALA A 7 7.91 5.42 1.29
C ALA A 7 8.50 5.31 -0.11
N ILE A 8 9.18 4.20 -0.36
CA ILE A 8 9.79 3.97 -1.67
C ILE A 8 8.96 3.01 -2.51
N PHE A 9 8.68 3.40 -3.75
CA PHE A 9 7.89 2.57 -4.65
C PHE A 9 8.59 2.44 -6.01
N GLU A 10 8.79 1.21 -6.44
CA GLU A 10 9.44 0.94 -7.71
C GLU A 10 10.86 1.49 -7.73
N LYS A 11 11.58 1.29 -6.64
CA LYS A 11 12.96 1.78 -6.53
C LYS A 11 13.01 3.29 -6.66
N VAL A 12 11.99 3.97 -6.13
CA VAL A 12 11.93 5.43 -6.20
C VAL A 12 11.71 6.02 -4.81
N SER A 13 12.49 7.03 -4.47
CA SER A 13 12.38 7.69 -3.18
C SER A 13 11.33 8.78 -3.21
N GLY A 14 10.30 8.65 -2.39
CA GLY A 14 9.25 9.64 -2.34
C GLY A 14 8.51 9.65 -1.02
N ILE A 15 7.63 10.63 -0.83
CA ILE A 15 6.86 10.74 0.40
C ILE A 15 5.41 10.32 0.17
N ILE A 16 4.88 9.52 1.10
CA ILE A 16 3.50 9.05 1.00
C ILE A 16 2.58 9.87 1.91
N ALA A 17 1.48 10.34 1.35
CA ALA A 17 0.51 11.13 2.10
C ALA A 17 -0.86 10.47 2.09
N ILE A 18 -1.41 10.23 3.28
CA ILE A 18 -2.72 9.59 3.41
C ILE A 18 -3.82 10.64 3.44
N ASN A 19 -4.91 10.37 2.72
CA ASN A 19 -6.04 11.29 2.67
C ASN A 19 -7.19 10.79 3.54
N GLU A 20 -7.43 11.47 4.65
CA GLU A 20 -8.50 11.09 5.56
C GLU A 20 -9.72 11.98 5.38
N ASP A 21 -9.50 13.19 4.88
CA ASP A 21 -10.59 14.13 4.65
C ASP A 21 -11.73 13.49 3.87
N VAL A 22 -11.37 12.53 3.01
CA VAL A 22 -12.36 11.84 2.20
C VAL A 22 -12.72 10.50 2.84
N SER A 23 -13.98 10.09 2.70
CA SER A 23 -14.44 8.84 3.26
C SER A 23 -13.63 7.65 2.74
N PRO A 24 -13.75 7.33 1.43
CA PRO A 24 -13.00 6.22 0.83
C PRO A 24 -11.54 6.18 1.26
N ALA A 25 -10.99 7.35 1.58
CA ALA A 25 -9.61 7.46 2.00
C ALA A 25 -8.67 7.03 0.89
N GLU A 26 -7.77 7.93 0.48
CA GLU A 26 -6.83 7.64 -0.58
C GLU A 26 -5.38 7.80 -0.11
N LEU A 27 -4.50 6.97 -0.64
CA LEU A 27 -3.08 7.02 -0.28
C LEU A 27 -2.26 7.58 -1.44
N THR A 28 -1.72 8.78 -1.25
CA THR A 28 -0.92 9.42 -2.28
C THR A 28 0.57 9.22 -2.03
N TRP A 29 1.35 9.16 -3.11
CA TRP A 29 2.79 8.96 -3.02
C TRP A 29 3.51 9.84 -4.04
N ARG A 30 4.17 10.88 -3.54
CA ARG A 30 4.91 11.81 -4.41
C ARG A 30 6.40 11.59 -4.27
N SER A 31 7.09 11.51 -5.41
CA SER A 31 8.53 11.30 -5.42
C SER A 31 9.24 12.45 -4.69
N THR A 32 10.45 12.16 -4.20
CA THR A 32 11.23 13.17 -3.48
C THR A 32 11.47 14.40 -4.35
N ASP A 33 11.70 14.18 -5.64
CA ASP A 33 11.94 15.27 -6.58
C ASP A 33 10.64 15.94 -6.98
N GLY A 34 9.56 15.15 -7.02
CA GLY A 34 8.26 15.67 -7.39
C GLY A 34 8.00 15.56 -8.88
N ASP A 35 8.43 14.45 -9.47
CA ASP A 35 8.24 14.22 -10.90
C ASP A 35 7.23 13.12 -11.15
N LYS A 36 7.18 12.14 -10.24
CA LYS A 36 6.25 11.03 -10.36
C LYS A 36 5.40 10.88 -9.09
N VAL A 37 4.08 10.87 -9.28
CA VAL A 37 3.16 10.74 -8.15
C VAL A 37 1.90 10.00 -8.56
N HIS A 38 1.36 9.18 -7.66
CA HIS A 38 0.16 8.42 -7.93
C HIS A 38 -0.70 8.29 -6.67
N THR A 39 -2.01 8.18 -6.86
CA THR A 39 -2.93 8.04 -5.75
C THR A 39 -3.69 6.72 -5.83
N VAL A 40 -3.97 6.12 -4.66
CA VAL A 40 -4.68 4.86 -4.60
C VAL A 40 -5.65 4.83 -3.42
N VAL A 41 -6.91 4.57 -3.72
CA VAL A 41 -7.95 4.52 -2.68
C VAL A 41 -7.65 3.41 -1.68
N LEU A 42 -7.48 3.80 -0.42
CA LEU A 42 -7.18 2.85 0.65
C LEU A 42 -8.34 1.87 0.85
N SER A 43 -9.55 2.34 0.55
CA SER A 43 -10.74 1.51 0.69
C SER A 43 -10.64 0.25 -0.16
N THR A 44 -9.93 0.36 -1.27
CA THR A 44 -9.75 -0.77 -2.18
C THR A 44 -8.91 -1.87 -1.52
N ILE A 45 -8.05 -1.47 -0.59
CA ILE A 45 -7.19 -2.41 0.11
C ILE A 45 -8.02 -3.49 0.82
N ASP A 46 -7.41 -4.65 1.04
CA ASP A 46 -8.09 -5.75 1.70
C ASP A 46 -7.43 -6.07 3.03
N LYS A 47 -6.13 -6.33 3.00
CA LYS A 47 -5.38 -6.67 4.21
C LYS A 47 -4.00 -5.99 4.21
N LEU A 48 -3.32 -6.08 5.34
CA LEU A 48 -1.99 -5.48 5.47
C LEU A 48 -0.98 -6.52 5.93
N GLN A 49 0.23 -6.45 5.38
CA GLN A 49 1.29 -7.39 5.73
C GLN A 49 2.67 -6.76 5.53
N ALA A 50 3.57 -7.02 6.46
CA ALA A 50 4.93 -6.49 6.39
C ALA A 50 5.95 -7.50 6.89
N THR A 51 7.23 -7.23 6.63
CA THR A 51 8.30 -8.12 7.04
C THR A 51 8.62 -7.92 8.52
N PRO A 52 9.17 -8.96 9.17
CA PRO A 52 9.53 -8.90 10.60
C PRO A 52 10.73 -7.98 10.86
N ALA A 53 10.76 -7.40 12.05
CA ALA A 53 11.86 -6.50 12.42
C ALA A 53 13.20 -7.21 12.36
N SER A 54 13.18 -8.53 12.59
CA SER A 54 14.40 -9.32 12.55
C SER A 54 14.99 -9.37 11.15
N SER A 55 14.13 -9.29 10.15
CA SER A 55 14.56 -9.32 8.75
C SER A 55 15.52 -8.18 8.45
N GLU A 56 16.43 -8.41 7.52
CA GLU A 56 17.40 -7.39 7.14
C GLU A 56 16.76 -6.29 6.29
N LYS A 57 16.00 -6.71 5.29
CA LYS A 57 15.32 -5.75 4.41
C LYS A 57 13.96 -5.36 4.97
N MET A 58 13.73 -4.06 5.09
CA MET A 58 12.47 -3.55 5.61
C MET A 58 11.51 -3.18 4.48
N MET A 59 10.41 -3.91 4.38
CA MET A 59 9.42 -3.67 3.34
C MET A 59 8.03 -4.09 3.80
N LEU A 60 7.01 -3.65 3.06
CA LEU A 60 5.63 -3.98 3.40
C LEU A 60 4.85 -4.38 2.15
N ARG A 61 4.00 -5.40 2.29
CA ARG A 61 3.20 -5.88 1.18
C ARG A 61 1.70 -5.69 1.45
N LEU A 62 1.09 -4.79 0.68
CA LEU A 62 -0.33 -4.51 0.84
C LEU A 62 -1.16 -5.40 -0.07
N ILE A 63 -2.32 -5.83 0.42
CA ILE A 63 -3.21 -6.70 -0.34
C ILE A 63 -4.49 -5.96 -0.72
N GLY A 64 -4.97 -6.20 -1.94
CA GLY A 64 -6.18 -5.54 -2.40
C GLY A 64 -7.38 -6.47 -2.36
N LYS A 65 -8.57 -5.89 -2.43
CA LYS A 65 -9.80 -6.66 -2.40
C LYS A 65 -10.03 -7.38 -3.73
N VAL A 66 -10.97 -8.32 -3.74
CA VAL A 66 -11.28 -9.07 -4.95
C VAL A 66 -12.26 -8.31 -5.83
N ASP A 67 -12.28 -8.65 -7.11
CA ASP A 67 -13.18 -8.01 -8.07
C ASP A 67 -13.41 -8.89 -9.29
N GLU A 68 -14.59 -9.50 -9.35
CA GLU A 68 -14.94 -10.37 -10.47
C GLU A 68 -15.86 -9.66 -11.45
N SER A 69 -15.59 -8.37 -11.66
CA SER A 69 -16.39 -7.57 -12.57
C SER A 69 -15.50 -6.84 -13.58
N LYS A 70 -14.43 -7.51 -14.01
CA LYS A 70 -13.51 -6.93 -14.96
C LYS A 70 -12.91 -8.00 -15.86
N LYS A 71 -12.46 -9.09 -15.25
CA LYS A 71 -11.87 -10.20 -16.00
C LYS A 71 -10.62 -9.74 -16.75
N ARG A 72 -10.06 -10.62 -17.57
CA ARG A 72 -8.87 -10.30 -18.34
C ARG A 72 -9.09 -9.09 -19.23
N LYS A 73 -8.02 -8.35 -19.49
CA LYS A 73 -8.11 -7.16 -20.34
C LYS A 73 -9.04 -6.12 -19.71
N ASP A 74 -8.46 -5.02 -19.24
CA ASP A 74 -9.24 -3.95 -18.63
C ASP A 74 -9.77 -2.98 -19.68
N ASN A 75 -8.85 -2.33 -20.39
CA ASN A 75 -9.23 -1.38 -21.43
C ASN A 75 -8.41 -1.61 -22.70
N GLU A 76 -7.10 -1.38 -22.60
CA GLU A 76 -6.21 -1.57 -23.74
C GLU A 76 -4.76 -1.64 -23.29
N GLY A 77 -4.32 -2.84 -22.93
CA GLY A 77 -2.95 -3.02 -22.48
C GLY A 77 -2.84 -3.14 -20.98
N ASN A 78 -3.35 -4.23 -20.42
CA ASN A 78 -3.32 -4.45 -18.98
C ASN A 78 -3.85 -5.84 -18.64
N GLU A 79 -2.97 -6.70 -18.15
CA GLU A 79 -3.34 -8.06 -17.78
C GLU A 79 -4.06 -8.07 -16.43
N VAL A 80 -5.38 -8.19 -16.47
CA VAL A 80 -6.18 -8.22 -15.26
C VAL A 80 -6.56 -9.65 -14.89
N VAL A 81 -6.48 -9.96 -13.59
CA VAL A 81 -6.82 -11.29 -13.11
C VAL A 81 -7.92 -11.22 -12.05
N PRO A 82 -8.91 -12.13 -12.11
CA PRO A 82 -10.02 -12.16 -11.16
C PRO A 82 -9.57 -12.60 -9.77
N LYS A 83 -8.69 -11.81 -9.16
CA LYS A 83 -8.17 -12.11 -7.84
C LYS A 83 -7.79 -10.83 -7.09
N PRO A 84 -7.74 -10.87 -5.75
CA PRO A 84 -7.40 -9.71 -4.94
C PRO A 84 -6.02 -9.15 -5.28
N GLN A 85 -5.95 -7.84 -5.50
CA GLN A 85 -4.69 -7.19 -5.85
C GLN A 85 -3.64 -7.42 -4.77
N ARG A 86 -2.43 -6.92 -5.02
CA ARG A 86 -1.33 -7.08 -4.07
C ARG A 86 -0.19 -6.15 -4.42
N HIS A 87 -0.07 -5.04 -3.69
CA HIS A 87 0.99 -4.07 -3.93
C HIS A 87 1.85 -3.88 -2.69
N MET A 88 3.17 -3.98 -2.86
CA MET A 88 4.09 -3.82 -1.76
C MET A 88 4.94 -2.56 -1.94
N PHE A 89 5.35 -1.96 -0.82
CA PHE A 89 6.16 -0.75 -0.86
C PHE A 89 7.47 -0.95 -0.10
N SER A 90 8.44 -0.08 -0.36
CA SER A 90 9.74 -0.16 0.30
C SER A 90 9.89 0.94 1.35
N PHE A 91 10.71 0.68 2.36
CA PHE A 91 10.94 1.64 3.43
C PHE A 91 12.34 1.48 4.01
N ASN A 92 12.75 2.44 4.83
CA ASN A 92 14.06 2.41 5.45
C ASN A 92 13.98 2.81 6.92
N ASN A 93 12.86 2.51 7.55
CA ASN A 93 12.65 2.85 8.96
C ASN A 93 11.66 1.89 9.60
N ARG A 94 11.93 1.53 10.85
CA ARG A 94 11.04 0.62 11.58
C ARG A 94 9.88 1.37 12.19
N THR A 95 10.11 2.63 12.55
CA THR A 95 9.07 3.45 13.16
C THR A 95 8.14 4.01 12.09
N VAL A 96 8.72 4.54 11.01
CA VAL A 96 7.94 5.11 9.92
C VAL A 96 7.06 4.05 9.26
N MET A 97 7.63 2.88 8.99
CA MET A 97 6.90 1.80 8.38
C MET A 97 5.71 1.38 9.23
N ASP A 98 5.87 1.51 10.54
CA ASP A 98 4.80 1.14 11.48
C ASP A 98 3.70 2.21 11.50
N ASN A 99 4.11 3.46 11.29
CA ASN A 99 3.16 4.57 11.28
C ASN A 99 2.20 4.46 10.10
N ILE A 100 2.73 4.10 8.94
CA ILE A 100 1.92 3.95 7.74
C ILE A 100 0.98 2.76 7.85
N LYS A 101 1.54 1.59 8.14
CA LYS A 101 0.74 0.37 8.28
C LYS A 101 -0.31 0.53 9.37
N MET A 102 0.13 1.00 10.54
CA MET A 102 -0.77 1.20 11.66
C MET A 102 -1.89 2.16 11.31
N THR A 103 -1.54 3.25 10.64
CA THR A 103 -2.52 4.25 10.23
C THR A 103 -3.41 3.73 9.11
N LEU A 104 -2.87 2.81 8.31
CA LEU A 104 -3.62 2.23 7.20
C LEU A 104 -4.59 1.17 7.70
N GLN A 105 -4.23 0.51 8.80
CA GLN A 105 -5.08 -0.52 9.37
C GLN A 105 -6.32 0.08 10.02
N GLN A 106 -6.19 1.30 10.53
CA GLN A 106 -7.30 1.99 11.18
C GLN A 106 -8.33 2.47 10.15
N ILE A 107 -7.87 2.75 8.94
CA ILE A 107 -8.74 3.22 7.88
C ILE A 107 -9.62 2.09 7.35
N ILE A 108 -9.03 0.91 7.23
CA ILE A 108 -9.77 -0.25 6.73
C ILE A 108 -10.70 -0.81 7.80
N SER A 109 -10.24 -0.78 9.05
CA SER A 109 -11.04 -1.28 10.17
C SER A 109 -12.29 -0.42 10.37
N ARG A 110 -12.18 0.86 10.05
CA ARG A 110 -13.30 1.77 10.19
C ARG A 110 -14.33 1.55 9.09
N TYR A 111 -13.86 1.15 7.91
CA TYR A 111 -14.74 0.90 6.78
C TYR A 111 -15.00 -0.60 6.60
N LYS A 112 -14.60 -1.40 7.58
CA LYS A 112 -14.80 -2.84 7.52
C LYS A 112 -16.24 -3.21 7.87
N ASP A 113 -16.76 -2.58 8.92
CA ASP A 113 -18.12 -2.84 9.36
C ASP A 113 -19.05 -1.68 9.02
N ALA A 114 -18.57 -0.75 8.20
CA ALA A 114 -19.35 0.41 7.81
C ALA A 114 -19.88 1.17 9.02
N ASP A 115 -19.06 1.23 10.07
CA ASP A 115 -19.44 1.92 11.30
C ASP A 115 -18.66 3.22 11.44
N ASP B 1 16.64 -14.76 -8.56
CA ASP B 1 16.33 -15.65 -7.46
C ASP B 1 15.81 -14.85 -6.26
N LEU B 2 15.12 -13.75 -6.53
CA LEU B 2 14.58 -12.91 -5.49
C LEU B 2 13.05 -13.00 -5.44
N ASP B 3 12.45 -13.23 -6.60
CA ASP B 3 11.00 -13.35 -6.70
C ASP B 3 10.48 -14.49 -5.83
N GLU B 4 11.23 -15.59 -5.80
CA GLU B 4 10.85 -16.75 -4.99
C GLU B 4 10.75 -16.38 -3.51
N SER B 5 11.81 -15.76 -3.00
CA SER B 5 11.86 -15.37 -1.60
C SER B 5 10.96 -14.16 -1.35
N TRP B 6 10.80 -13.33 -2.37
CA TRP B 6 9.96 -12.14 -2.27
C TRP B 6 8.52 -12.50 -1.88
N ASP B 7 8.11 -13.71 -2.24
CA ASP B 7 6.76 -14.18 -1.93
C ASP B 7 6.66 -14.62 -0.47
N TYR B 8 7.77 -15.08 0.09
CA TYR B 8 7.81 -15.55 1.47
C TYR B 8 8.06 -14.39 2.43
N ILE B 9 9.00 -13.52 2.06
CA ILE B 9 9.35 -12.36 2.88
C ILE B 9 8.12 -11.51 3.18
N PHE B 10 7.15 -11.52 2.27
CA PHE B 10 5.92 -10.75 2.44
C PHE B 10 4.74 -11.65 2.81
N GLU B 11 5.03 -12.90 3.16
CA GLU B 11 3.98 -13.85 3.52
C GLU B 11 3.85 -13.94 5.04
N THR B 12 4.95 -14.22 5.72
CA THR B 12 4.95 -14.33 7.17
C THR B 12 4.49 -13.04 7.82
N THR B 13 3.79 -13.15 8.94
CA THR B 13 3.29 -11.99 9.67
C THR B 13 2.94 -12.36 11.11
N PRO A 1 5.76 12.87 9.80
CA PRO A 1 5.65 13.15 11.26
C PRO A 1 4.31 12.69 11.83
N SER A 2 3.22 13.23 11.28
CA SER A 2 1.88 12.88 11.73
C SER A 2 1.15 12.06 10.67
N HIS A 3 0.73 12.73 9.60
CA HIS A 3 0.01 12.08 8.52
C HIS A 3 0.89 11.94 7.29
N SER A 4 2.17 11.62 7.51
CA SER A 4 3.11 11.46 6.42
C SER A 4 4.38 10.76 6.90
N GLY A 5 5.00 9.98 6.01
CA GLY A 5 6.21 9.26 6.36
C GLY A 5 7.07 8.94 5.15
N ALA A 6 8.38 9.01 5.33
CA ALA A 6 9.31 8.72 4.25
C ALA A 6 9.18 7.28 3.76
N ALA A 7 8.48 7.09 2.66
CA ALA A 7 8.27 5.75 2.10
C ALA A 7 8.96 5.62 0.75
N ILE A 8 9.62 4.48 0.54
CA ILE A 8 10.32 4.22 -0.71
C ILE A 8 9.48 3.37 -1.65
N PHE A 9 9.47 3.74 -2.93
CA PHE A 9 8.71 3.00 -3.92
C PHE A 9 9.54 2.79 -5.19
N GLU A 10 9.81 1.53 -5.51
CA GLU A 10 10.59 1.19 -6.70
C GLU A 10 12.00 1.75 -6.59
N LYS A 11 12.67 1.46 -5.48
CA LYS A 11 14.03 1.93 -5.26
C LYS A 11 14.11 3.46 -5.35
N VAL A 12 13.02 4.12 -4.98
CA VAL A 12 12.96 5.58 -5.01
C VAL A 12 12.65 6.14 -3.63
N SER A 13 13.49 7.07 -3.18
CA SER A 13 13.30 7.69 -1.86
C SER A 13 12.31 8.86 -1.96
N GLY A 14 11.13 8.65 -1.40
CA GLY A 14 10.11 9.69 -1.43
C GLY A 14 9.29 9.74 -0.14
N ILE A 15 8.49 10.78 0.00
CA ILE A 15 7.65 10.94 1.19
C ILE A 15 6.19 10.71 0.85
N ILE A 16 5.50 9.95 1.69
CA ILE A 16 4.09 9.65 1.49
C ILE A 16 3.20 10.53 2.38
N ALA A 17 2.05 10.92 1.86
CA ALA A 17 1.12 11.76 2.60
C ALA A 17 -0.33 11.34 2.34
N ILE A 18 -1.02 10.95 3.41
CA ILE A 18 -2.41 10.53 3.31
C ILE A 18 -3.36 11.72 3.46
N ASN A 19 -4.37 11.77 2.60
CA ASN A 19 -5.35 12.86 2.65
C ASN A 19 -6.67 12.37 3.21
N GLU A 20 -7.01 12.83 4.41
CA GLU A 20 -8.26 12.45 5.06
C GLU A 20 -9.34 13.51 4.87
N ASP A 21 -9.24 14.23 3.75
CA ASP A 21 -10.21 15.27 3.44
C ASP A 21 -11.41 14.70 2.68
N VAL A 22 -11.15 13.67 1.88
CA VAL A 22 -12.21 13.03 1.10
C VAL A 22 -12.60 11.70 1.72
N SER A 23 -13.87 11.33 1.57
CA SER A 23 -14.38 10.07 2.12
C SER A 23 -13.47 8.89 1.78
N PRO A 24 -13.35 8.54 0.49
CA PRO A 24 -12.52 7.43 0.03
C PRO A 24 -11.05 7.61 0.41
N ALA A 25 -10.66 8.84 0.75
CA ALA A 25 -9.29 9.13 1.13
C ALA A 25 -8.33 8.85 -0.02
N GLU A 26 -7.09 9.29 0.14
CA GLU A 26 -6.07 9.08 -0.89
C GLU A 26 -4.67 9.13 -0.31
N LEU A 27 -3.77 8.33 -0.86
CA LEU A 27 -2.39 8.29 -0.40
C LEU A 27 -1.44 8.82 -1.47
N THR A 28 -0.82 9.96 -1.19
CA THR A 28 0.11 10.58 -2.13
C THR A 28 1.55 10.24 -1.78
N TRP A 29 2.39 10.13 -2.80
CA TRP A 29 3.80 9.81 -2.60
C TRP A 29 4.68 10.68 -3.49
N ARG A 30 5.38 11.62 -2.89
CA ARG A 30 6.27 12.53 -3.63
C ARG A 30 7.73 12.16 -3.38
N SER A 31 8.46 11.94 -4.47
CA SER A 31 9.88 11.59 -4.37
C SER A 31 10.66 12.67 -3.61
N THR A 32 11.84 12.30 -3.12
CA THR A 32 12.67 13.23 -2.38
C THR A 32 13.01 14.45 -3.23
N ASP A 33 13.12 14.25 -4.54
CA ASP A 33 13.44 15.33 -5.45
C ASP A 33 12.17 15.90 -6.09
N GLY A 34 11.23 15.03 -6.41
CA GLY A 34 9.98 15.46 -7.01
C GLY A 34 9.91 15.13 -8.49
N ASP A 35 10.29 13.91 -8.84
CA ASP A 35 10.27 13.47 -10.24
C ASP A 35 9.15 12.46 -10.47
N LYS A 36 8.98 11.55 -9.51
CA LYS A 36 7.94 10.53 -9.61
C LYS A 36 6.94 10.65 -8.47
N VAL A 37 5.68 10.84 -8.81
CA VAL A 37 4.62 10.97 -7.80
C VAL A 37 3.31 10.40 -8.32
N HIS A 38 2.59 9.69 -7.44
CA HIS A 38 1.31 9.09 -7.81
C HIS A 38 0.33 9.14 -6.65
N THR A 39 -0.95 9.21 -6.96
CA THR A 39 -1.99 9.26 -5.93
C THR A 39 -2.86 8.01 -5.98
N VAL A 40 -2.71 7.16 -4.97
CA VAL A 40 -3.48 5.91 -4.91
C VAL A 40 -4.55 5.99 -3.82
N VAL A 41 -5.77 5.65 -4.18
CA VAL A 41 -6.89 5.68 -3.24
C VAL A 41 -6.83 4.50 -2.27
N LEU A 42 -6.72 4.79 -0.98
CA LEU A 42 -6.65 3.76 0.04
C LEU A 42 -7.85 2.81 -0.05
N SER A 43 -8.95 3.30 -0.60
CA SER A 43 -10.16 2.50 -0.74
C SER A 43 -9.88 1.21 -1.53
N THR A 44 -8.93 1.29 -2.46
CA THR A 44 -8.57 0.15 -3.28
C THR A 44 -7.95 -0.96 -2.43
N ILE A 45 -7.31 -0.56 -1.32
CA ILE A 45 -6.68 -1.52 -0.43
C ILE A 45 -7.69 -2.54 0.09
N ASP A 46 -7.20 -3.73 0.41
CA ASP A 46 -8.06 -4.80 0.93
C ASP A 46 -7.55 -5.31 2.27
N LYS A 47 -6.27 -5.66 2.32
CA LYS A 47 -5.66 -6.17 3.54
C LYS A 47 -4.36 -5.42 3.86
N LEU A 48 -3.81 -5.68 5.04
CA LEU A 48 -2.57 -5.03 5.46
C LEU A 48 -1.55 -6.06 5.93
N GLN A 49 -0.37 -6.03 5.32
CA GLN A 49 0.70 -6.97 5.67
C GLN A 49 2.06 -6.28 5.63
N ALA A 50 2.88 -6.54 6.64
CA ALA A 50 4.21 -5.95 6.71
C ALA A 50 5.26 -7.00 7.06
N THR A 51 6.53 -6.64 6.90
CA THR A 51 7.63 -7.56 7.19
C THR A 51 7.79 -7.74 8.69
N PRO A 52 8.33 -8.90 9.12
CA PRO A 52 8.54 -9.19 10.54
C PRO A 52 9.64 -8.34 11.16
N ALA A 53 9.54 -8.10 12.46
CA ALA A 53 10.53 -7.29 13.17
C ALA A 53 11.91 -7.94 13.11
N SER A 54 11.94 -9.26 13.01
CA SER A 54 13.19 -10.00 12.94
C SER A 54 13.94 -9.68 11.65
N SER A 55 13.19 -9.37 10.60
CA SER A 55 13.79 -9.04 9.31
C SER A 55 14.74 -7.85 9.42
N GLU A 56 15.90 -7.97 8.80
CA GLU A 56 16.89 -6.90 8.83
C GLU A 56 16.34 -5.61 8.23
N LYS A 57 15.54 -5.76 7.17
CA LYS A 57 14.95 -4.61 6.50
C LYS A 57 13.47 -4.48 6.86
N MET A 58 13.04 -3.25 7.11
CA MET A 58 11.65 -2.99 7.47
C MET A 58 10.88 -2.44 6.28
N MET A 59 9.77 -3.10 5.94
CA MET A 59 8.94 -2.67 4.81
C MET A 59 7.48 -3.05 5.04
N LEU A 60 6.60 -2.47 4.24
CA LEU A 60 5.16 -2.74 4.35
C LEU A 60 4.57 -3.14 3.00
N ARG A 61 3.50 -3.91 3.03
CA ARG A 61 2.84 -4.36 1.82
C ARG A 61 1.33 -4.28 1.94
N LEU A 62 0.66 -3.92 0.85
CA LEU A 62 -0.79 -3.81 0.84
C LEU A 62 -1.40 -4.68 -0.26
N ILE A 63 -2.52 -5.33 0.05
CA ILE A 63 -3.19 -6.19 -0.91
C ILE A 63 -4.45 -5.52 -1.46
N GLY A 64 -4.50 -5.39 -2.78
CA GLY A 64 -5.65 -4.77 -3.41
C GLY A 64 -6.93 -5.55 -3.18
N LYS A 65 -8.06 -4.95 -3.55
CA LYS A 65 -9.36 -5.59 -3.39
C LYS A 65 -9.79 -6.30 -4.68
N VAL A 66 -10.71 -7.25 -4.55
CA VAL A 66 -11.20 -8.00 -5.70
C VAL A 66 -12.58 -7.50 -6.12
N ASP A 67 -13.13 -8.11 -7.17
CA ASP A 67 -14.44 -7.74 -7.68
C ASP A 67 -15.14 -8.92 -8.32
N GLU A 68 -16.26 -9.33 -7.74
CA GLU A 68 -17.02 -10.46 -8.25
C GLU A 68 -18.46 -10.05 -8.57
N SER A 69 -18.59 -9.01 -9.39
CA SER A 69 -19.92 -8.51 -9.78
C SER A 69 -20.15 -8.72 -11.27
N LYS A 70 -19.23 -8.22 -12.09
CA LYS A 70 -19.35 -8.36 -13.54
C LYS A 70 -18.59 -9.57 -14.04
N LYS A 71 -17.26 -9.49 -14.00
CA LYS A 71 -16.41 -10.58 -14.45
C LYS A 71 -16.68 -10.92 -15.91
N ARG A 72 -16.13 -12.04 -16.38
CA ARG A 72 -16.31 -12.48 -17.76
C ARG A 72 -15.69 -11.48 -18.72
N LYS A 73 -14.79 -11.97 -19.57
CA LYS A 73 -14.13 -11.12 -20.56
C LYS A 73 -14.85 -11.17 -21.90
N ASP A 74 -15.83 -10.29 -22.08
CA ASP A 74 -16.60 -10.25 -23.32
C ASP A 74 -15.69 -10.03 -24.52
N ASN A 75 -16.18 -10.39 -25.70
CA ASN A 75 -15.40 -10.23 -26.93
C ASN A 75 -15.19 -8.77 -27.27
N GLU A 76 -15.96 -7.89 -26.62
CA GLU A 76 -15.85 -6.45 -26.86
C GLU A 76 -14.40 -5.98 -26.74
N GLY A 77 -13.63 -6.66 -25.90
CA GLY A 77 -12.23 -6.30 -25.72
C GLY A 77 -11.79 -6.42 -24.27
N ASN A 78 -11.51 -7.66 -23.85
CA ASN A 78 -11.07 -7.93 -22.47
C ASN A 78 -11.90 -7.15 -21.45
N GLU A 79 -12.83 -7.84 -20.82
CA GLU A 79 -13.69 -7.23 -19.81
C GLU A 79 -13.49 -7.90 -18.45
N VAL A 80 -12.24 -7.98 -18.01
CA VAL A 80 -11.91 -8.59 -16.73
C VAL A 80 -12.40 -7.74 -15.58
N VAL A 81 -12.50 -8.34 -14.40
CA VAL A 81 -12.96 -7.62 -13.22
C VAL A 81 -12.28 -8.15 -11.95
N PRO A 82 -12.53 -9.43 -11.56
CA PRO A 82 -11.92 -10.03 -10.37
C PRO A 82 -10.41 -10.20 -10.50
N LYS A 83 -9.70 -9.08 -10.63
CA LYS A 83 -8.25 -9.10 -10.77
C LYS A 83 -7.57 -8.57 -9.50
N PRO A 84 -7.24 -9.47 -8.56
CA PRO A 84 -6.59 -9.09 -7.29
C PRO A 84 -5.17 -8.60 -7.51
N GLN A 85 -4.78 -7.56 -6.77
CA GLN A 85 -3.45 -6.98 -6.87
C GLN A 85 -2.80 -6.85 -5.50
N ARG A 86 -1.53 -6.47 -5.49
CA ARG A 86 -0.79 -6.30 -4.24
C ARG A 86 0.32 -5.26 -4.40
N HIS A 87 0.20 -4.15 -3.68
CA HIS A 87 1.18 -3.08 -3.74
C HIS A 87 2.12 -3.13 -2.54
N MET A 88 3.42 -3.26 -2.80
CA MET A 88 4.41 -3.32 -1.75
C MET A 88 5.28 -2.07 -1.73
N PHE A 89 5.62 -1.60 -0.55
CA PHE A 89 6.45 -0.40 -0.39
C PHE A 89 7.65 -0.67 0.50
N SER A 90 8.63 0.22 0.45
CA SER A 90 9.84 0.07 1.24
C SER A 90 9.93 1.17 2.30
N PHE A 91 10.64 0.90 3.39
CA PHE A 91 10.81 1.86 4.46
C PHE A 91 12.18 1.72 5.12
N ASN A 92 12.53 2.67 5.98
CA ASN A 92 13.80 2.65 6.68
C ASN A 92 13.61 2.89 8.17
N ASN A 93 12.48 2.45 8.70
CA ASN A 93 12.17 2.62 10.11
C ASN A 93 10.91 1.86 10.50
N ARG A 94 11.02 1.02 11.53
CA ARG A 94 9.89 0.23 12.00
C ARG A 94 8.87 1.10 12.72
N THR A 95 9.36 2.15 13.37
CA THR A 95 8.48 3.07 14.09
C THR A 95 7.75 3.99 13.13
N VAL A 96 8.41 4.37 12.05
CA VAL A 96 7.82 5.26 11.06
C VAL A 96 6.83 4.50 10.17
N MET A 97 7.27 3.39 9.61
CA MET A 97 6.42 2.57 8.74
C MET A 97 5.19 2.07 9.51
N ASP A 98 5.38 1.80 10.80
CA ASP A 98 4.29 1.32 11.63
C ASP A 98 3.17 2.35 11.73
N ASN A 99 3.54 3.62 11.66
CA ASN A 99 2.56 4.71 11.74
C ASN A 99 1.70 4.75 10.48
N ILE A 100 2.25 4.28 9.37
CA ILE A 100 1.52 4.26 8.11
C ILE A 100 0.46 3.17 8.10
N LYS A 101 0.87 1.95 8.43
CA LYS A 101 -0.04 0.82 8.47
C LYS A 101 -1.17 1.06 9.46
N MET A 102 -0.83 1.51 10.66
CA MET A 102 -1.82 1.79 11.69
C MET A 102 -2.84 2.81 11.21
N THR A 103 -2.39 3.73 10.36
CA THR A 103 -3.26 4.77 9.82
C THR A 103 -4.05 4.24 8.62
N LEU A 104 -3.50 3.24 7.94
CA LEU A 104 -4.15 2.66 6.78
C LEU A 104 -5.21 1.64 7.20
N GLN A 105 -5.01 1.04 8.38
CA GLN A 105 -5.94 0.04 8.89
C GLN A 105 -7.17 0.71 9.50
N GLN A 106 -6.99 1.91 10.03
CA GLN A 106 -8.09 2.65 10.65
C GLN A 106 -9.03 3.20 9.57
N ILE A 107 -8.50 3.49 8.40
CA ILE A 107 -9.30 4.02 7.30
C ILE A 107 -10.14 2.93 6.65
N ILE A 108 -9.53 1.76 6.46
CA ILE A 108 -10.22 0.63 5.84
C ILE A 108 -11.23 0.01 6.81
N SER A 109 -10.90 0.03 8.10
CA SER A 109 -11.77 -0.53 9.12
C SER A 109 -13.10 0.20 9.17
N ARG A 110 -13.09 1.48 8.79
CA ARG A 110 -14.30 2.29 8.80
C ARG A 110 -15.04 2.20 7.46
N TYR A 111 -14.30 1.93 6.40
CA TYR A 111 -14.89 1.83 5.07
C TYR A 111 -15.21 0.38 4.70
N LYS A 112 -14.70 -0.57 5.48
CA LYS A 112 -14.93 -1.98 5.23
C LYS A 112 -16.38 -2.35 5.52
N ASP A 113 -17.00 -1.64 6.45
CA ASP A 113 -18.38 -1.90 6.82
C ASP A 113 -19.30 -0.78 6.32
N ALA A 114 -18.77 0.44 6.28
CA ALA A 114 -19.53 1.59 5.81
C ALA A 114 -19.87 1.47 4.33
N ASP A 115 -18.93 0.92 3.57
CA ASP A 115 -19.12 0.74 2.13
C ASP A 115 -19.34 2.09 1.44
N ASP B 1 18.82 -12.39 -4.22
CA ASP B 1 17.53 -13.03 -4.49
C ASP B 1 16.38 -12.14 -4.05
N LEU B 2 16.02 -11.18 -4.90
CA LEU B 2 14.93 -10.26 -4.60
C LEU B 2 13.63 -10.68 -5.29
N ASP B 3 13.61 -11.90 -5.82
CA ASP B 3 12.44 -12.42 -6.50
C ASP B 3 11.59 -13.28 -5.56
N GLU B 4 12.26 -14.17 -4.84
CA GLU B 4 11.56 -15.04 -3.89
C GLU B 4 11.48 -14.41 -2.51
N SER B 5 12.58 -13.79 -2.08
CA SER B 5 12.62 -13.14 -0.78
C SER B 5 11.57 -12.04 -0.68
N TRP B 6 11.28 -11.41 -1.82
CA TRP B 6 10.29 -10.33 -1.85
C TRP B 6 8.88 -10.89 -1.68
N ASP B 7 8.68 -12.12 -2.11
CA ASP B 7 7.37 -12.76 -2.01
C ASP B 7 7.16 -13.37 -0.62
N TYR B 8 8.27 -13.73 0.04
CA TYR B 8 8.20 -14.32 1.36
C TYR B 8 8.33 -13.26 2.45
N ILE B 9 9.13 -12.23 2.18
CA ILE B 9 9.34 -11.16 3.14
C ILE B 9 8.02 -10.47 3.50
N PHE B 10 7.19 -10.22 2.48
CA PHE B 10 5.90 -9.58 2.70
C PHE B 10 4.79 -10.59 2.91
N GLU B 11 5.17 -11.85 3.13
CA GLU B 11 4.21 -12.92 3.34
C GLU B 11 3.93 -13.11 4.83
N THR B 12 4.98 -12.96 5.65
CA THR B 12 4.84 -13.12 7.09
C THR B 12 3.85 -12.12 7.66
N THR B 13 3.30 -12.43 8.83
CA THR B 13 2.34 -11.56 9.48
C THR B 13 2.55 -11.53 10.99
N PRO A 1 4.42 12.48 17.32
CA PRO A 1 4.18 12.40 15.85
C PRO A 1 2.73 12.00 15.55
N SER A 2 2.07 12.81 14.73
CA SER A 2 0.68 12.55 14.36
C SER A 2 0.49 12.67 12.85
N HIS A 3 0.03 11.60 12.23
CA HIS A 3 -0.21 11.59 10.79
C HIS A 3 1.10 11.83 10.03
N SER A 4 1.15 11.36 8.79
CA SER A 4 2.33 11.52 7.95
C SER A 4 3.55 10.86 8.60
N GLY A 5 4.56 10.57 7.78
CA GLY A 5 5.76 9.93 8.30
C GLY A 5 6.76 9.63 7.19
N ALA A 6 8.00 9.34 7.59
CA ALA A 6 9.05 9.03 6.63
C ALA A 6 8.70 7.80 5.81
N ALA A 7 8.97 7.86 4.51
CA ALA A 7 8.68 6.76 3.61
C ALA A 7 9.52 6.85 2.34
N ILE A 8 10.31 5.81 2.08
CA ILE A 8 11.16 5.77 0.90
C ILE A 8 10.55 4.90 -0.19
N PHE A 9 10.25 5.50 -1.33
CA PHE A 9 9.67 4.77 -2.45
C PHE A 9 10.55 4.90 -3.70
N GLU A 10 10.77 3.77 -4.36
CA GLU A 10 11.59 3.75 -5.57
C GLU A 10 13.02 4.17 -5.25
N LYS A 11 13.50 3.79 -4.07
CA LYS A 11 14.85 4.13 -3.65
C LYS A 11 15.02 5.64 -3.51
N VAL A 12 13.94 6.32 -3.15
CA VAL A 12 13.97 7.77 -2.98
C VAL A 12 13.48 8.17 -1.60
N SER A 13 14.22 9.06 -0.95
CA SER A 13 13.86 9.53 0.38
C SER A 13 12.81 10.63 0.31
N GLY A 14 11.63 10.35 0.87
CA GLY A 14 10.55 11.33 0.86
C GLY A 14 9.61 11.16 2.02
N ILE A 15 8.73 12.14 2.22
CA ILE A 15 7.76 12.09 3.31
C ILE A 15 6.36 11.78 2.78
N ILE A 16 5.66 10.89 3.48
CA ILE A 16 4.30 10.52 3.08
C ILE A 16 3.25 11.23 3.92
N ALA A 17 2.23 11.77 3.26
CA ALA A 17 1.16 12.48 3.95
C ALA A 17 -0.19 11.86 3.66
N ILE A 18 -0.83 11.32 4.70
CA ILE A 18 -2.13 10.69 4.55
C ILE A 18 -3.26 11.70 4.72
N ASN A 19 -4.23 11.66 3.83
CA ASN A 19 -5.36 12.58 3.88
C ASN A 19 -6.64 11.84 4.29
N GLU A 20 -6.97 11.91 5.57
CA GLU A 20 -8.17 11.26 6.09
C GLU A 20 -9.25 12.28 6.39
N ASP A 21 -9.24 13.39 5.66
CA ASP A 21 -10.24 14.44 5.85
C ASP A 21 -11.34 14.34 4.81
N VAL A 22 -10.99 13.84 3.63
CA VAL A 22 -11.96 13.68 2.55
C VAL A 22 -12.73 12.36 2.69
N SER A 23 -13.62 12.09 1.74
CA SER A 23 -14.42 10.88 1.77
C SER A 23 -13.57 9.64 1.47
N PRO A 24 -12.95 9.58 0.28
CA PRO A 24 -12.12 8.44 -0.12
C PRO A 24 -10.78 8.41 0.60
N ALA A 25 -10.24 9.59 0.90
CA ALA A 25 -8.95 9.70 1.58
C ALA A 25 -7.83 9.13 0.71
N GLU A 26 -6.74 9.88 0.60
CA GLU A 26 -5.60 9.45 -0.20
C GLU A 26 -4.29 9.61 0.55
N LEU A 27 -3.23 9.05 -0.01
CA LEU A 27 -1.90 9.12 0.60
C LEU A 27 -0.90 9.73 -0.38
N THR A 28 -0.36 10.90 -0.02
CA THR A 28 0.61 11.58 -0.87
C THR A 28 2.03 11.30 -0.41
N TRP A 29 2.96 11.33 -1.37
CA TRP A 29 4.37 11.08 -1.07
C TRP A 29 5.28 12.02 -1.87
N ARG A 30 5.89 12.97 -1.17
CA ARG A 30 6.77 13.93 -1.82
C ARG A 30 8.22 13.68 -1.41
N SER A 31 9.13 13.75 -2.38
CA SER A 31 10.55 13.54 -2.12
C SER A 31 11.08 14.57 -1.11
N THR A 32 12.00 14.13 -0.26
CA THR A 32 12.58 15.00 0.75
C THR A 32 13.27 16.20 0.11
N ASP A 33 13.92 15.96 -1.04
CA ASP A 33 14.62 17.02 -1.75
C ASP A 33 15.03 16.55 -3.14
N GLY A 34 14.07 16.51 -4.06
CA GLY A 34 14.34 16.08 -5.42
C GLY A 34 13.33 16.61 -6.41
N ASP A 35 12.52 15.71 -6.96
CA ASP A 35 11.50 16.09 -7.94
C ASP A 35 10.62 14.90 -8.31
N LYS A 36 10.34 14.05 -7.32
CA LYS A 36 9.52 12.87 -7.55
C LYS A 36 8.46 12.74 -6.46
N VAL A 37 7.19 12.76 -6.88
CA VAL A 37 6.08 12.64 -5.93
C VAL A 37 5.06 11.62 -6.42
N HIS A 38 4.54 10.83 -5.50
CA HIS A 38 3.54 9.80 -5.83
C HIS A 38 2.36 9.85 -4.86
N THR A 39 1.18 9.53 -5.36
CA THR A 39 -0.02 9.53 -4.54
C THR A 39 -0.77 8.20 -4.66
N VAL A 40 -1.42 7.80 -3.57
CA VAL A 40 -2.17 6.55 -3.57
C VAL A 40 -3.47 6.69 -2.77
N VAL A 41 -4.59 6.46 -3.43
CA VAL A 41 -5.90 6.55 -2.79
C VAL A 41 -6.17 5.35 -1.91
N LEU A 42 -6.02 5.53 -0.59
CA LEU A 42 -6.25 4.44 0.36
C LEU A 42 -7.64 3.84 0.19
N SER A 43 -8.56 4.62 -0.37
CA SER A 43 -9.93 4.17 -0.59
C SER A 43 -9.95 2.93 -1.47
N THR A 44 -9.15 2.94 -2.53
CA THR A 44 -9.07 1.81 -3.44
C THR A 44 -8.38 0.61 -2.79
N ILE A 45 -7.50 0.88 -1.84
CA ILE A 45 -6.77 -0.17 -1.13
C ILE A 45 -7.74 -1.11 -0.44
N ASP A 46 -7.31 -2.36 -0.28
CA ASP A 46 -8.15 -3.37 0.37
C ASP A 46 -7.43 -3.97 1.58
N LYS A 47 -6.15 -4.28 1.41
CA LYS A 47 -5.36 -4.87 2.49
C LYS A 47 -4.05 -4.12 2.67
N LEU A 48 -3.37 -4.37 3.79
CA LEU A 48 -2.10 -3.72 4.08
C LEU A 48 -1.20 -4.64 4.90
N GLN A 49 -0.08 -5.03 4.30
CA GLN A 49 0.87 -5.92 4.97
C GLN A 49 2.18 -5.19 5.26
N ALA A 50 2.99 -5.78 6.14
CA ALA A 50 4.27 -5.19 6.51
C ALA A 50 5.29 -6.26 6.86
N THR A 51 6.55 -6.00 6.55
CA THR A 51 7.63 -6.95 6.82
C THR A 51 7.71 -7.26 8.31
N PRO A 52 8.14 -8.48 8.66
CA PRO A 52 8.26 -8.90 10.06
C PRO A 52 9.41 -8.20 10.78
N ALA A 53 9.34 -8.16 12.10
CA ALA A 53 10.36 -7.51 12.91
C ALA A 53 11.73 -8.16 12.68
N SER A 54 11.71 -9.45 12.36
CA SER A 54 12.95 -10.19 12.12
C SER A 54 13.66 -9.67 10.87
N SER A 55 12.89 -9.17 9.92
CA SER A 55 13.44 -8.65 8.68
C SER A 55 14.40 -7.50 8.95
N GLU A 56 15.60 -7.59 8.38
CA GLU A 56 16.61 -6.55 8.57
C GLU A 56 16.11 -5.20 8.06
N LYS A 57 15.26 -5.24 7.04
CA LYS A 57 14.71 -4.02 6.47
C LYS A 57 13.19 -3.96 6.66
N MET A 58 12.74 -2.94 7.38
CA MET A 58 11.31 -2.77 7.64
C MET A 58 10.63 -2.04 6.48
N MET A 59 9.62 -2.68 5.90
CA MET A 59 8.89 -2.09 4.78
C MET A 59 7.40 -2.42 4.87
N LEU A 60 6.58 -1.53 4.31
CA LEU A 60 5.13 -1.73 4.33
C LEU A 60 4.57 -1.71 2.90
N ARG A 61 3.45 -2.40 2.70
CA ARG A 61 2.82 -2.46 1.39
C ARG A 61 1.30 -2.52 1.52
N LEU A 62 0.61 -2.02 0.49
CA LEU A 62 -0.84 -2.03 0.49
C LEU A 62 -1.39 -2.77 -0.72
N ILE A 63 -2.47 -3.51 -0.53
CA ILE A 63 -3.08 -4.27 -1.61
C ILE A 63 -4.26 -3.52 -2.22
N GLY A 64 -4.37 -3.58 -3.55
CA GLY A 64 -5.45 -2.90 -4.24
C GLY A 64 -6.75 -3.67 -4.19
N LYS A 65 -7.85 -3.00 -4.49
CA LYS A 65 -9.16 -3.63 -4.47
C LYS A 65 -9.29 -4.64 -5.61
N VAL A 66 -10.27 -5.54 -5.48
CA VAL A 66 -10.51 -6.55 -6.51
C VAL A 66 -11.97 -6.62 -6.89
N ASP A 67 -12.24 -7.17 -8.07
CA ASP A 67 -13.61 -7.29 -8.56
C ASP A 67 -13.83 -8.64 -9.25
N GLU A 68 -13.55 -9.72 -8.53
CA GLU A 68 -13.71 -11.06 -9.07
C GLU A 68 -15.15 -11.55 -8.91
N SER A 69 -16.06 -10.96 -9.69
CA SER A 69 -17.46 -11.33 -9.63
C SER A 69 -18.19 -10.90 -10.90
N LYS A 70 -17.46 -10.86 -12.01
CA LYS A 70 -18.03 -10.47 -13.29
C LYS A 70 -17.16 -10.95 -14.45
N LYS A 71 -16.07 -10.25 -14.69
CA LYS A 71 -15.15 -10.60 -15.76
C LYS A 71 -14.57 -12.00 -15.55
N ARG A 72 -14.46 -12.75 -16.64
CA ARG A 72 -13.92 -14.11 -16.58
C ARG A 72 -13.16 -14.45 -17.85
N LYS A 73 -12.46 -15.58 -17.83
CA LYS A 73 -11.68 -16.02 -18.98
C LYS A 73 -12.59 -16.38 -20.16
N ASP A 74 -13.01 -15.37 -20.91
CA ASP A 74 -13.88 -15.57 -22.05
C ASP A 74 -13.60 -14.54 -23.15
N ASN A 75 -13.00 -15.01 -24.25
CA ASN A 75 -12.68 -14.15 -25.37
C ASN A 75 -11.95 -14.92 -26.47
N GLU A 76 -10.67 -15.17 -26.25
CA GLU A 76 -9.86 -15.91 -27.22
C GLU A 76 -8.44 -16.13 -26.70
N GLY A 77 -8.34 -16.36 -25.40
CA GLY A 77 -7.04 -16.58 -24.79
C GLY A 77 -7.06 -16.36 -23.29
N ASN A 78 -8.15 -16.80 -22.65
CA ASN A 78 -8.31 -16.67 -21.21
C ASN A 78 -8.04 -15.23 -20.76
N GLU A 79 -9.12 -14.47 -20.59
CA GLU A 79 -9.01 -13.09 -20.15
C GLU A 79 -9.49 -12.95 -18.71
N VAL A 80 -8.78 -13.61 -17.79
CA VAL A 80 -9.12 -13.58 -16.37
C VAL A 80 -9.55 -12.19 -15.92
N VAL A 81 -10.32 -12.13 -14.83
CA VAL A 81 -10.81 -10.87 -14.30
C VAL A 81 -9.66 -9.90 -14.01
N PRO A 82 -9.84 -8.61 -14.37
CA PRO A 82 -8.84 -7.57 -14.16
C PRO A 82 -8.10 -7.71 -12.84
N LYS A 83 -7.02 -8.44 -12.89
CA LYS A 83 -6.17 -8.69 -11.72
C LYS A 83 -5.93 -7.41 -10.93
N PRO A 84 -5.90 -7.51 -9.59
CA PRO A 84 -5.67 -6.35 -8.72
C PRO A 84 -4.24 -5.84 -8.79
N GLN A 85 -3.91 -4.91 -7.90
CA GLN A 85 -2.57 -4.34 -7.85
C GLN A 85 -2.01 -4.39 -6.43
N ARG A 86 -0.70 -4.55 -6.32
CA ARG A 86 -0.04 -4.61 -5.02
C ARG A 86 1.17 -3.68 -4.98
N HIS A 87 1.04 -2.57 -4.26
CA HIS A 87 2.12 -1.60 -4.13
C HIS A 87 2.82 -1.76 -2.79
N MET A 88 4.15 -1.56 -2.79
CA MET A 88 4.93 -1.68 -1.58
C MET A 88 5.89 -0.49 -1.43
N PHE A 89 6.01 0.00 -0.20
CA PHE A 89 6.89 1.13 0.08
C PHE A 89 8.01 0.71 1.03
N SER A 90 9.06 1.53 1.10
CA SER A 90 10.19 1.25 1.96
C SER A 90 10.23 2.21 3.15
N PHE A 91 10.54 1.67 4.34
CA PHE A 91 10.61 2.49 5.53
C PHE A 91 11.92 2.24 6.28
N ASN A 92 12.18 3.06 7.30
CA ASN A 92 13.39 2.92 8.10
C ASN A 92 13.10 3.11 9.58
N ASN A 93 11.91 2.67 10.00
CA ASN A 93 11.51 2.79 11.40
C ASN A 93 10.27 1.95 11.68
N ARG A 94 10.24 1.33 12.85
CA ARG A 94 9.11 0.49 13.25
C ARG A 94 7.98 1.34 13.82
N THR A 95 8.34 2.37 14.57
CA THR A 95 7.36 3.27 15.16
C THR A 95 6.75 4.19 14.12
N VAL A 96 7.54 4.53 13.11
CA VAL A 96 7.08 5.41 12.03
C VAL A 96 6.12 4.68 11.10
N MET A 97 6.41 3.40 10.86
CA MET A 97 5.56 2.59 9.98
C MET A 97 4.30 2.14 10.69
N ASP A 98 4.39 1.96 12.01
CA ASP A 98 3.25 1.53 12.81
C ASP A 98 2.13 2.58 12.76
N ASN A 99 2.52 3.84 12.63
CA ASN A 99 1.55 4.93 12.56
C ASN A 99 0.84 4.96 11.22
N ILE A 100 1.55 4.52 10.18
CA ILE A 100 0.98 4.50 8.83
C ILE A 100 0.00 3.34 8.68
N LYS A 101 0.44 2.15 9.06
CA LYS A 101 -0.40 0.96 8.95
C LYS A 101 -1.66 1.11 9.80
N MET A 102 -1.49 1.58 11.04
CA MET A 102 -2.61 1.77 11.95
C MET A 102 -3.64 2.73 11.36
N THR A 103 -3.16 3.68 10.57
CA THR A 103 -4.03 4.66 9.93
C THR A 103 -4.86 4.02 8.81
N LEU A 104 -4.16 3.36 7.89
CA LEU A 104 -4.82 2.70 6.77
C LEU A 104 -5.84 1.67 7.25
N GLN A 105 -5.46 0.92 8.28
CA GLN A 105 -6.33 -0.10 8.84
C GLN A 105 -7.65 0.50 9.31
N GLN A 106 -7.60 1.76 9.75
CA GLN A 106 -8.79 2.45 10.23
C GLN A 106 -9.54 3.11 9.07
N ILE A 107 -8.79 3.75 8.17
CA ILE A 107 -9.39 4.41 7.03
C ILE A 107 -10.09 3.41 6.11
N ILE A 108 -9.42 2.30 5.85
CA ILE A 108 -9.98 1.26 4.98
C ILE A 108 -11.13 0.54 5.67
N SER A 109 -11.07 0.45 7.00
CA SER A 109 -12.10 -0.22 7.77
C SER A 109 -13.28 0.72 8.04
N ARG A 110 -12.98 2.02 8.14
CA ARG A 110 -14.01 3.01 8.38
C ARG A 110 -14.89 3.21 7.15
N TYR A 111 -14.27 3.11 5.98
CA TYR A 111 -14.99 3.27 4.71
C TYR A 111 -15.53 1.95 4.20
N LYS A 112 -15.49 0.91 5.03
CA LYS A 112 -15.97 -0.40 4.66
C LYS A 112 -17.38 -0.63 5.18
N ASP A 113 -17.67 -0.08 6.36
CA ASP A 113 -18.99 -0.23 6.96
C ASP A 113 -19.98 0.76 6.36
N ALA A 114 -19.47 1.92 5.95
CA ALA A 114 -20.31 2.95 5.35
C ALA A 114 -20.98 2.45 4.08
N ASP A 115 -20.18 1.85 3.19
CA ASP A 115 -20.71 1.32 1.94
C ASP A 115 -20.22 -0.11 1.70
N ASP B 1 11.51 -14.33 -11.63
CA ASP B 1 11.87 -14.78 -10.29
C ASP B 1 12.57 -13.66 -9.52
N LEU B 2 12.17 -12.42 -9.78
CA LEU B 2 12.77 -11.28 -9.10
C LEU B 2 11.78 -10.63 -8.14
N ASP B 3 10.49 -10.72 -8.46
CA ASP B 3 9.44 -10.16 -7.63
C ASP B 3 8.97 -11.16 -6.59
N GLU B 4 9.06 -12.45 -6.92
CA GLU B 4 8.64 -13.51 -6.02
C GLU B 4 9.44 -13.46 -4.72
N SER B 5 10.76 -13.41 -4.84
CA SER B 5 11.63 -13.35 -3.67
C SER B 5 11.34 -12.11 -2.83
N TRP B 6 10.93 -11.03 -3.50
CA TRP B 6 10.62 -9.79 -2.82
C TRP B 6 9.18 -9.78 -2.31
N ASP B 7 8.33 -10.60 -2.91
CA ASP B 7 6.93 -10.68 -2.51
C ASP B 7 6.77 -11.48 -1.22
N TYR B 8 7.70 -12.40 -0.99
CA TYR B 8 7.66 -13.23 0.21
C TYR B 8 7.86 -12.39 1.46
N ILE B 9 8.85 -11.51 1.43
CA ILE B 9 9.15 -10.64 2.56
C ILE B 9 7.92 -9.81 2.97
N PHE B 10 7.03 -9.59 2.01
CA PHE B 10 5.82 -8.80 2.26
C PHE B 10 4.61 -9.72 2.46
N GLU B 11 4.64 -10.89 1.81
CA GLU B 11 3.55 -11.85 1.93
C GLU B 11 3.60 -12.57 3.27
N THR B 12 4.81 -12.75 3.79
CA THR B 12 5.00 -13.43 5.07
C THR B 12 4.62 -12.52 6.24
N THR B 13 3.49 -12.81 6.86
CA THR B 13 3.01 -12.01 7.99
C THR B 13 1.94 -12.77 8.77
N PRO A 1 3.71 14.71 13.02
CA PRO A 1 3.22 13.53 12.25
C PRO A 1 1.71 13.61 11.98
N SER A 2 1.37 13.96 10.74
CA SER A 2 -0.03 14.08 10.34
C SER A 2 -0.28 13.39 9.01
N HIS A 3 -0.40 12.06 9.06
CA HIS A 3 -0.65 11.28 7.86
C HIS A 3 0.48 11.45 6.85
N SER A 4 1.60 10.78 7.11
CA SER A 4 2.76 10.87 6.23
C SER A 4 3.89 9.95 6.71
N GLY A 5 4.56 9.31 5.77
CA GLY A 5 5.65 8.40 6.12
C GLY A 5 6.56 8.11 4.95
N ALA A 6 7.86 8.16 5.19
CA ALA A 6 8.85 7.89 4.16
C ALA A 6 8.72 6.48 3.61
N ALA A 7 8.08 6.35 2.44
CA ALA A 7 7.89 5.05 1.81
C ALA A 7 8.69 4.94 0.52
N ILE A 8 9.24 3.76 0.27
CA ILE A 8 10.02 3.53 -0.95
C ILE A 8 9.26 2.66 -1.94
N PHE A 9 9.10 3.16 -3.16
CA PHE A 9 8.39 2.43 -4.21
C PHE A 9 9.28 2.26 -5.44
N GLU A 10 9.38 1.02 -5.91
CA GLU A 10 10.19 0.72 -7.08
C GLU A 10 11.66 1.10 -6.85
N LYS A 11 12.17 0.77 -5.67
CA LYS A 11 13.55 1.07 -5.33
C LYS A 11 13.81 2.57 -5.36
N VAL A 12 12.77 3.36 -5.07
CA VAL A 12 12.89 4.81 -5.07
C VAL A 12 12.50 5.38 -3.70
N SER A 13 13.37 6.24 -3.17
CA SER A 13 13.13 6.86 -1.88
C SER A 13 12.20 8.06 -2.01
N GLY A 14 11.06 7.99 -1.33
CA GLY A 14 10.09 9.07 -1.39
C GLY A 14 9.20 9.12 -0.16
N ILE A 15 8.42 10.20 -0.04
CA ILE A 15 7.52 10.35 1.09
C ILE A 15 6.07 10.14 0.67
N ILE A 16 5.32 9.40 1.49
CA ILE A 16 3.92 9.12 1.18
C ILE A 16 3.00 10.01 2.01
N ALA A 17 1.82 10.30 1.46
CA ALA A 17 0.85 11.14 2.15
C ALA A 17 -0.57 10.64 1.94
N ILE A 18 -1.30 10.46 3.04
CA ILE A 18 -2.68 9.98 2.97
C ILE A 18 -3.66 11.13 3.04
N ASN A 19 -4.67 11.10 2.18
CA ASN A 19 -5.68 12.15 2.15
C ASN A 19 -7.06 11.59 2.49
N GLU A 20 -7.61 12.04 3.61
CA GLU A 20 -8.93 11.58 4.05
C GLU A 20 -10.01 12.58 3.67
N ASP A 21 -9.79 13.30 2.57
CA ASP A 21 -10.75 14.28 2.10
C ASP A 21 -11.97 13.61 1.48
N VAL A 22 -11.74 12.46 0.87
CA VAL A 22 -12.81 11.70 0.23
C VAL A 22 -12.96 10.32 0.85
N SER A 23 -14.17 9.77 0.81
CA SER A 23 -14.45 8.46 1.39
C SER A 23 -13.39 7.43 0.99
N PRO A 24 -13.22 7.17 -0.32
CA PRO A 24 -12.22 6.20 -0.81
C PRO A 24 -10.81 6.53 -0.36
N ALA A 25 -10.59 7.78 0.06
CA ALA A 25 -9.27 8.22 0.51
C ALA A 25 -8.29 8.26 -0.65
N GLU A 26 -7.08 8.75 -0.39
CA GLU A 26 -6.05 8.84 -1.42
C GLU A 26 -4.65 8.79 -0.81
N LEU A 27 -3.80 7.96 -1.40
CA LEU A 27 -2.42 7.81 -0.92
C LEU A 27 -1.44 8.31 -1.98
N THR A 28 -0.83 9.46 -1.72
CA THR A 28 0.13 10.05 -2.64
C THR A 28 1.56 9.72 -2.23
N TRP A 29 2.39 9.37 -3.22
CA TRP A 29 3.78 9.03 -2.97
C TRP A 29 4.70 9.81 -3.90
N ARG A 30 5.41 10.79 -3.34
CA ARG A 30 6.32 11.61 -4.13
C ARG A 30 7.78 11.27 -3.80
N SER A 31 8.62 11.24 -4.81
CA SER A 31 10.03 10.94 -4.64
C SER A 31 10.68 11.91 -3.66
N THR A 32 11.79 11.49 -3.06
CA THR A 32 12.51 12.33 -2.10
C THR A 32 12.96 13.64 -2.76
N ASP A 33 13.24 13.58 -4.06
CA ASP A 33 13.68 14.75 -4.80
C ASP A 33 12.51 15.43 -5.48
N GLY A 34 11.85 14.71 -6.38
CA GLY A 34 10.71 15.26 -7.10
C GLY A 34 10.73 14.92 -8.57
N ASP A 35 10.65 13.63 -8.88
CA ASP A 35 10.66 13.16 -10.26
C ASP A 35 9.53 12.16 -10.50
N LYS A 36 9.57 11.05 -9.77
CA LYS A 36 8.55 10.01 -9.91
C LYS A 36 7.53 10.09 -8.77
N VAL A 37 6.26 9.96 -9.10
CA VAL A 37 5.20 10.00 -8.12
C VAL A 37 4.02 9.13 -8.53
N HIS A 38 3.44 8.42 -7.57
CA HIS A 38 2.31 7.53 -7.83
C HIS A 38 1.25 7.67 -6.74
N THR A 39 -0.01 7.56 -7.14
CA THR A 39 -1.12 7.67 -6.19
C THR A 39 -2.06 6.48 -6.32
N VAL A 40 -2.53 5.96 -5.19
CA VAL A 40 -3.44 4.82 -5.17
C VAL A 40 -4.48 4.97 -4.08
N VAL A 41 -5.75 4.78 -4.45
CA VAL A 41 -6.85 4.88 -3.50
C VAL A 41 -6.81 3.76 -2.48
N LEU A 42 -6.66 4.12 -1.21
CA LEU A 42 -6.61 3.13 -0.14
C LEU A 42 -7.87 2.27 -0.11
N SER A 43 -8.96 2.80 -0.66
CA SER A 43 -10.23 2.08 -0.70
C SER A 43 -10.08 0.74 -1.41
N THR A 44 -9.17 0.67 -2.37
CA THR A 44 -8.93 -0.55 -3.13
C THR A 44 -8.34 -1.63 -2.23
N ILE A 45 -7.60 -1.22 -1.20
CA ILE A 45 -6.96 -2.14 -0.28
C ILE A 45 -8.02 -3.01 0.42
N ASP A 46 -7.61 -4.22 0.79
CA ASP A 46 -8.51 -5.15 1.48
C ASP A 46 -7.92 -5.62 2.79
N LYS A 47 -6.66 -6.07 2.75
CA LYS A 47 -5.98 -6.54 3.94
C LYS A 47 -4.60 -5.89 4.07
N LEU A 48 -4.04 -5.95 5.26
CA LEU A 48 -2.72 -5.36 5.52
C LEU A 48 -1.75 -6.41 6.06
N GLN A 49 -0.50 -6.32 5.62
CA GLN A 49 0.53 -7.25 6.05
C GLN A 49 1.91 -6.60 6.00
N ALA A 50 2.67 -6.74 7.09
CA ALA A 50 4.00 -6.16 7.17
C ALA A 50 4.98 -7.12 7.86
N THR A 51 6.26 -6.82 7.74
CA THR A 51 7.30 -7.65 8.35
C THR A 51 7.36 -7.44 9.86
N PRO A 52 7.83 -8.45 10.61
CA PRO A 52 7.94 -8.36 12.07
C PRO A 52 9.01 -7.37 12.51
N ALA A 53 8.91 -6.93 13.77
CA ALA A 53 9.87 -5.97 14.32
C ALA A 53 11.29 -6.54 14.28
N SER A 54 11.40 -7.86 14.39
CA SER A 54 12.70 -8.52 14.37
C SER A 54 13.36 -8.38 13.00
N SER A 55 12.53 -8.33 11.96
CA SER A 55 13.04 -8.19 10.59
C SER A 55 13.81 -6.88 10.43
N GLU A 56 14.89 -6.94 9.65
CA GLU A 56 15.72 -5.76 9.41
C GLU A 56 15.09 -4.88 8.34
N LYS A 57 14.77 -5.48 7.19
CA LYS A 57 14.16 -4.74 6.08
C LYS A 57 12.70 -4.46 6.36
N MET A 58 12.42 -3.28 6.93
CA MET A 58 11.05 -2.89 7.24
C MET A 58 10.26 -2.62 5.96
N MET A 59 9.26 -3.45 5.69
CA MET A 59 8.43 -3.30 4.51
C MET A 59 7.00 -3.77 4.77
N LEU A 60 6.09 -3.41 3.88
CA LEU A 60 4.69 -3.79 4.03
C LEU A 60 4.11 -4.26 2.69
N ARG A 61 2.96 -4.92 2.75
CA ARG A 61 2.31 -5.44 1.55
C ARG A 61 0.79 -5.37 1.69
N LEU A 62 0.16 -4.51 0.90
CA LEU A 62 -1.28 -4.36 0.93
C LEU A 62 -1.95 -5.26 -0.10
N ILE A 63 -3.10 -5.83 0.27
CA ILE A 63 -3.83 -6.72 -0.63
C ILE A 63 -5.18 -6.12 -1.01
N GLY A 64 -5.30 -5.66 -2.25
CA GLY A 64 -6.54 -5.07 -2.72
C GLY A 64 -7.66 -6.09 -2.83
N LYS A 65 -8.88 -5.61 -3.02
CA LYS A 65 -10.03 -6.49 -3.16
C LYS A 65 -10.19 -6.99 -4.59
N VAL A 66 -10.72 -8.19 -4.74
CA VAL A 66 -10.92 -8.78 -6.06
C VAL A 66 -12.39 -8.70 -6.48
N ASP A 67 -12.62 -8.80 -7.78
CA ASP A 67 -13.98 -8.74 -8.32
C ASP A 67 -14.16 -9.75 -9.46
N GLU A 68 -14.92 -10.80 -9.19
CA GLU A 68 -15.18 -11.84 -10.19
C GLU A 68 -16.47 -11.54 -10.96
N SER A 69 -17.42 -10.91 -10.28
CA SER A 69 -18.70 -10.58 -10.90
C SER A 69 -18.59 -9.31 -11.73
N LYS A 70 -17.71 -8.41 -11.32
CA LYS A 70 -17.51 -7.15 -12.03
C LYS A 70 -16.37 -7.27 -13.05
N LYS A 71 -15.17 -7.56 -12.55
CA LYS A 71 -14.01 -7.72 -13.41
C LYS A 71 -13.70 -6.41 -14.14
N ARG A 72 -12.52 -5.86 -13.87
CA ARG A 72 -12.10 -4.61 -14.49
C ARG A 72 -11.59 -4.85 -15.91
N LYS A 73 -12.04 -4.03 -16.85
CA LYS A 73 -11.62 -4.17 -18.25
C LYS A 73 -10.66 -3.05 -18.63
N ASP A 74 -9.39 -3.23 -18.32
CA ASP A 74 -8.37 -2.25 -18.63
C ASP A 74 -7.17 -2.90 -19.33
N ASN A 75 -7.44 -3.92 -20.13
CA ASN A 75 -6.39 -4.62 -20.85
C ASN A 75 -6.41 -4.26 -22.33
N GLU A 76 -7.59 -4.31 -22.94
CA GLU A 76 -7.74 -3.99 -24.35
C GLU A 76 -9.21 -4.05 -24.77
N GLY A 77 -9.83 -5.21 -24.59
CA GLY A 77 -11.23 -5.37 -24.95
C GLY A 77 -11.83 -6.65 -24.40
N ASN A 78 -11.85 -6.76 -23.07
CA ASN A 78 -12.41 -7.94 -22.41
C ASN A 78 -12.38 -7.78 -20.90
N GLU A 79 -13.53 -8.01 -20.27
CA GLU A 79 -13.65 -7.88 -18.82
C GLU A 79 -13.02 -9.09 -18.12
N VAL A 80 -11.82 -8.90 -17.59
CA VAL A 80 -11.12 -9.97 -16.90
C VAL A 80 -10.44 -9.45 -15.63
N VAL A 81 -10.21 -10.35 -14.68
CA VAL A 81 -9.57 -9.98 -13.42
C VAL A 81 -8.05 -10.20 -13.48
N PRO A 82 -7.27 -9.12 -13.60
CA PRO A 82 -5.81 -9.21 -13.67
C PRO A 82 -5.19 -9.58 -12.33
N LYS A 83 -5.54 -10.77 -11.83
CA LYS A 83 -5.02 -11.25 -10.55
C LYS A 83 -5.38 -10.29 -9.42
N PRO A 84 -5.33 -10.77 -8.17
CA PRO A 84 -5.66 -9.96 -6.99
C PRO A 84 -4.63 -8.86 -6.75
N GLN A 85 -5.11 -7.67 -6.40
CA GLN A 85 -4.23 -6.54 -6.13
C GLN A 85 -3.28 -6.85 -4.98
N ARG A 86 -1.99 -6.64 -5.22
CA ARG A 86 -0.98 -6.90 -4.20
C ARG A 86 0.21 -5.96 -4.36
N HIS A 87 0.23 -4.90 -3.55
CA HIS A 87 1.30 -3.91 -3.60
C HIS A 87 2.11 -3.91 -2.30
N MET A 88 3.36 -3.50 -2.38
CA MET A 88 4.23 -3.45 -1.21
C MET A 88 5.03 -2.14 -1.18
N PHE A 89 5.35 -1.70 0.03
CA PHE A 89 6.11 -0.47 0.20
C PHE A 89 7.19 -0.65 1.26
N SER A 90 8.43 -0.34 0.90
CA SER A 90 9.56 -0.46 1.81
C SER A 90 9.66 0.75 2.73
N PHE A 91 10.23 0.54 3.91
CA PHE A 91 10.38 1.62 4.88
C PHE A 91 11.70 1.48 5.64
N ASN A 92 12.09 2.54 6.34
CA ASN A 92 13.33 2.54 7.11
C ASN A 92 13.08 3.03 8.54
N ASN A 93 11.91 2.71 9.08
CA ASN A 93 11.57 3.11 10.44
C ASN A 93 10.33 2.37 10.92
N ARG A 94 10.43 1.75 12.09
CA ARG A 94 9.32 1.01 12.67
C ARG A 94 8.19 1.94 13.08
N THR A 95 8.56 3.08 13.66
CA THR A 95 7.58 4.07 14.11
C THR A 95 6.86 4.69 12.92
N VAL A 96 7.61 4.96 11.85
CA VAL A 96 7.04 5.55 10.65
C VAL A 96 6.20 4.54 9.88
N MET A 97 6.69 3.30 9.83
CA MET A 97 5.97 2.23 9.13
C MET A 97 4.72 1.82 9.88
N ASP A 98 4.78 1.89 11.21
CA ASP A 98 3.64 1.52 12.04
C ASP A 98 2.50 2.52 11.87
N ASN A 99 2.85 3.77 11.62
CA ASN A 99 1.86 4.83 11.45
C ASN A 99 1.04 4.60 10.18
N ILE A 100 1.70 4.10 9.14
CA ILE A 100 1.02 3.82 7.87
C ILE A 100 0.05 2.66 8.01
N LYS A 101 0.55 1.53 8.49
CA LYS A 101 -0.27 0.34 8.67
C LYS A 101 -1.44 0.62 9.61
N MET A 102 -1.17 1.34 10.69
CA MET A 102 -2.19 1.69 11.67
C MET A 102 -3.25 2.58 11.05
N THR A 103 -2.81 3.59 10.29
CA THR A 103 -3.72 4.52 9.64
C THR A 103 -4.56 3.81 8.59
N LEU A 104 -3.91 3.05 7.73
CA LEU A 104 -4.59 2.31 6.66
C LEU A 104 -5.61 1.34 7.25
N GLN A 105 -5.22 0.65 8.32
CA GLN A 105 -6.10 -0.31 8.97
C GLN A 105 -7.38 0.36 9.46
N GLN A 106 -7.27 1.64 9.81
CA GLN A 106 -8.42 2.40 10.29
C GLN A 106 -9.28 2.89 9.12
N ILE A 107 -8.61 3.35 8.07
CA ILE A 107 -9.31 3.85 6.88
C ILE A 107 -10.10 2.75 6.21
N ILE A 108 -9.49 1.57 6.10
CA ILE A 108 -10.14 0.43 5.47
C ILE A 108 -11.25 -0.14 6.37
N SER A 109 -10.98 -0.20 7.66
CA SER A 109 -11.93 -0.72 8.62
C SER A 109 -13.11 0.25 8.78
N ARG A 110 -12.84 1.53 8.62
CA ARG A 110 -13.88 2.56 8.75
C ARG A 110 -14.90 2.43 7.63
N TYR A 111 -14.44 1.98 6.47
CA TYR A 111 -15.32 1.82 5.31
C TYR A 111 -15.79 0.37 5.16
N LYS A 112 -15.50 -0.45 6.18
CA LYS A 112 -15.89 -1.86 6.15
C LYS A 112 -17.18 -2.07 6.95
N ASP A 113 -17.37 -1.27 7.98
CA ASP A 113 -18.55 -1.38 8.84
C ASP A 113 -19.57 -0.32 8.46
N ALA A 114 -19.09 0.84 8.01
CA ALA A 114 -19.97 1.93 7.63
C ALA A 114 -20.10 2.02 6.11
N ASP A 115 -18.98 1.95 5.41
CA ASP A 115 -18.97 2.02 3.96
C ASP A 115 -19.55 3.34 3.48
N ASP B 1 15.31 -12.30 -10.34
CA ASP B 1 15.31 -12.79 -8.97
C ASP B 1 15.17 -11.64 -7.98
N LEU B 2 13.95 -11.44 -7.48
CA LEU B 2 13.69 -10.37 -6.52
C LEU B 2 12.26 -10.45 -5.99
N ASP B 3 11.32 -10.73 -6.90
CA ASP B 3 9.91 -10.83 -6.53
C ASP B 3 9.65 -12.10 -5.73
N GLU B 4 10.43 -13.14 -6.00
CA GLU B 4 10.28 -14.41 -5.31
C GLU B 4 10.51 -14.24 -3.81
N SER B 5 11.63 -13.63 -3.45
CA SER B 5 11.97 -13.40 -2.05
C SER B 5 11.05 -12.35 -1.43
N TRP B 6 10.62 -11.40 -2.25
CA TRP B 6 9.75 -10.33 -1.79
C TRP B 6 8.43 -10.89 -1.25
N ASP B 7 8.00 -12.01 -1.84
CA ASP B 7 6.75 -12.65 -1.42
C ASP B 7 6.91 -13.31 -0.06
N TYR B 8 8.10 -13.83 0.21
CA TYR B 8 8.38 -14.49 1.48
C TYR B 8 8.41 -13.50 2.64
N ILE B 9 9.08 -12.37 2.41
CA ILE B 9 9.18 -11.33 3.43
C ILE B 9 7.82 -10.74 3.78
N PHE B 10 6.88 -10.81 2.84
CA PHE B 10 5.54 -10.28 3.04
C PHE B 10 4.56 -11.39 3.41
N GLU B 11 4.83 -12.60 2.93
CA GLU B 11 3.97 -13.74 3.21
C GLU B 11 4.34 -14.39 4.54
N THR B 12 5.63 -14.51 4.79
CA THR B 12 6.12 -15.11 6.03
C THR B 12 6.31 -14.06 7.11
N THR B 13 5.58 -14.21 8.21
CA THR B 13 5.66 -13.27 9.33
C THR B 13 5.09 -13.88 10.60
N PRO A 1 -4.67 16.87 9.31
CA PRO A 1 -4.36 15.44 9.54
C PRO A 1 -2.87 15.20 9.79
N SER A 2 -2.57 14.40 10.81
CA SER A 2 -1.19 14.10 11.15
C SER A 2 -0.80 12.69 10.72
N HIS A 3 -1.32 12.28 9.56
CA HIS A 3 -1.04 10.95 9.03
C HIS A 3 0.12 11.00 8.04
N SER A 4 1.33 10.73 8.55
CA SER A 4 2.53 10.75 7.72
C SER A 4 3.68 10.04 8.41
N GLY A 5 4.70 9.68 7.64
CA GLY A 5 5.85 9.01 8.20
C GLY A 5 6.98 8.82 7.18
N ALA A 6 8.19 8.66 7.68
CA ALA A 6 9.35 8.48 6.82
C ALA A 6 9.21 7.22 5.97
N ALA A 7 8.96 7.40 4.68
CA ALA A 7 8.80 6.28 3.76
C ALA A 7 9.71 6.44 2.55
N ILE A 8 10.04 5.31 1.91
CA ILE A 8 10.90 5.33 0.74
C ILE A 8 10.30 4.52 -0.40
N PHE A 9 9.97 5.22 -1.50
CA PHE A 9 9.39 4.57 -2.66
C PHE A 9 10.31 4.70 -3.87
N GLU A 10 10.41 3.63 -4.65
CA GLU A 10 11.26 3.61 -5.84
C GLU A 10 12.72 3.86 -5.47
N LYS A 11 13.10 3.42 -4.27
CA LYS A 11 14.47 3.60 -3.80
C LYS A 11 14.81 5.07 -3.64
N VAL A 12 13.85 5.85 -3.18
CA VAL A 12 14.04 7.29 -2.98
C VAL A 12 13.63 7.71 -1.57
N SER A 13 14.53 8.42 -0.89
CA SER A 13 14.25 8.88 0.46
C SER A 13 13.29 10.06 0.45
N GLY A 14 12.16 9.91 1.14
CA GLY A 14 11.17 10.97 1.19
C GLY A 14 10.18 10.78 2.33
N ILE A 15 9.21 11.69 2.41
CA ILE A 15 8.21 11.63 3.47
C ILE A 15 6.83 11.31 2.90
N ILE A 16 6.19 10.30 3.46
CA ILE A 16 4.85 9.89 3.01
C ILE A 16 3.77 10.42 3.96
N ALA A 17 2.81 11.13 3.38
CA ALA A 17 1.71 11.69 4.17
C ALA A 17 0.37 11.44 3.50
N ILE A 18 -0.63 11.06 4.29
CA ILE A 18 -1.95 10.79 3.77
C ILE A 18 -2.82 12.05 3.75
N ASN A 19 -3.51 12.27 2.65
CA ASN A 19 -4.37 13.43 2.50
C ASN A 19 -5.85 13.04 2.58
N GLU A 20 -6.52 13.47 3.64
CA GLU A 20 -7.93 13.16 3.83
C GLU A 20 -8.80 14.37 3.54
N ASP A 21 -8.31 15.27 2.70
CA ASP A 21 -9.05 16.47 2.34
C ASP A 21 -9.78 16.29 1.01
N VAL A 22 -10.03 15.04 0.65
CA VAL A 22 -10.72 14.72 -0.59
C VAL A 22 -11.43 13.37 -0.49
N SER A 23 -12.57 13.24 -1.17
CA SER A 23 -13.35 12.00 -1.14
C SER A 23 -12.42 10.79 -1.30
N PRO A 24 -11.85 10.59 -2.50
CA PRO A 24 -10.94 9.47 -2.74
C PRO A 24 -9.62 9.63 -2.00
N ALA A 25 -9.57 9.13 -0.77
CA ALA A 25 -8.37 9.23 0.06
C ALA A 25 -7.10 8.99 -0.74
N GLU A 26 -6.24 10.01 -0.78
CA GLU A 26 -4.99 9.91 -1.52
C GLU A 26 -3.79 10.14 -0.60
N LEU A 27 -2.68 9.48 -0.90
CA LEU A 27 -1.47 9.61 -0.10
C LEU A 27 -0.37 10.32 -0.91
N THR A 28 0.23 11.33 -0.30
CA THR A 28 1.29 12.09 -0.95
C THR A 28 2.67 11.62 -0.49
N TRP A 29 3.65 11.74 -1.38
CA TRP A 29 5.02 11.33 -1.06
C TRP A 29 6.02 12.29 -1.69
N ARG A 30 6.73 13.04 -0.85
CA ARG A 30 7.73 13.99 -1.32
C ARG A 30 9.12 13.58 -0.85
N SER A 31 10.07 13.60 -1.77
CA SER A 31 11.45 13.23 -1.46
C SER A 31 12.01 14.13 -0.36
N THR A 32 13.00 13.62 0.37
CA THR A 32 13.62 14.36 1.45
C THR A 32 14.19 15.69 0.94
N ASP A 33 14.95 15.61 -0.15
CA ASP A 33 15.56 16.81 -0.73
C ASP A 33 14.49 17.73 -1.29
N GLY A 34 13.40 17.16 -1.77
CA GLY A 34 12.31 17.96 -2.33
C GLY A 34 12.47 18.17 -3.82
N ASP A 35 12.80 17.09 -4.54
CA ASP A 35 12.97 17.16 -5.98
C ASP A 35 11.94 16.30 -6.69
N LYS A 36 11.64 15.14 -6.12
CA LYS A 36 10.67 14.23 -6.70
C LYS A 36 9.52 13.97 -5.74
N VAL A 37 8.30 13.99 -6.26
CA VAL A 37 7.12 13.76 -5.43
C VAL A 37 6.01 13.08 -6.24
N HIS A 38 5.51 11.97 -5.72
CA HIS A 38 4.45 11.22 -6.39
C HIS A 38 3.28 10.98 -5.44
N THR A 39 2.08 10.87 -6.00
CA THR A 39 0.87 10.63 -5.21
C THR A 39 0.29 9.26 -5.51
N VAL A 40 -0.32 8.65 -4.50
CA VAL A 40 -0.93 7.34 -4.65
C VAL A 40 -2.31 7.29 -3.99
N VAL A 41 -3.34 7.16 -4.81
CA VAL A 41 -4.72 7.09 -4.31
C VAL A 41 -4.93 5.85 -3.45
N LEU A 42 -4.98 6.04 -2.14
CA LEU A 42 -5.18 4.93 -1.21
C LEU A 42 -6.51 4.24 -1.48
N SER A 43 -7.48 4.99 -2.00
CA SER A 43 -8.79 4.45 -2.30
C SER A 43 -8.70 3.25 -3.24
N THR A 44 -7.68 3.26 -4.09
CA THR A 44 -7.47 2.17 -5.04
C THR A 44 -7.05 0.89 -4.32
N ILE A 45 -6.39 1.05 -3.18
CA ILE A 45 -5.93 -0.10 -2.39
C ILE A 45 -7.11 -0.95 -1.94
N ASP A 46 -6.85 -2.23 -1.69
CA ASP A 46 -7.89 -3.15 -1.25
C ASP A 46 -7.54 -3.73 0.11
N LYS A 47 -6.33 -4.24 0.25
CA LYS A 47 -5.87 -4.84 1.49
C LYS A 47 -4.52 -4.26 1.90
N LEU A 48 -4.21 -4.37 3.19
CA LEU A 48 -2.94 -3.86 3.72
C LEU A 48 -2.00 -5.00 4.08
N GLN A 49 -0.72 -4.83 3.79
CA GLN A 49 0.28 -5.85 4.09
C GLN A 49 1.60 -5.21 4.53
N ALA A 50 2.27 -5.84 5.48
CA ALA A 50 3.54 -5.35 5.98
C ALA A 50 4.43 -6.48 6.48
N THR A 51 5.72 -6.20 6.62
CA THR A 51 6.68 -7.20 7.08
C THR A 51 6.44 -7.54 8.55
N PRO A 52 6.83 -8.75 8.97
CA PRO A 52 6.67 -9.19 10.36
C PRO A 52 7.58 -8.45 11.33
N ALA A 53 7.24 -8.50 12.61
CA ALA A 53 8.03 -7.83 13.63
C ALA A 53 9.41 -8.48 13.77
N SER A 54 9.48 -9.78 13.51
CA SER A 54 10.74 -10.51 13.60
C SER A 54 11.72 -10.04 12.54
N SER A 55 11.20 -9.63 11.39
CA SER A 55 12.02 -9.16 10.30
C SER A 55 12.79 -7.90 10.70
N GLU A 56 14.12 -7.96 10.59
CA GLU A 56 14.97 -6.83 10.95
C GLU A 56 14.63 -5.61 10.09
N LYS A 57 14.21 -5.85 8.85
CA LYS A 57 13.87 -4.78 7.94
C LYS A 57 12.36 -4.52 7.96
N MET A 58 11.97 -3.38 8.51
CA MET A 58 10.56 -3.01 8.60
C MET A 58 10.10 -2.31 7.32
N MET A 59 9.14 -2.91 6.63
CA MET A 59 8.62 -2.34 5.39
C MET A 59 7.11 -2.55 5.29
N LEU A 60 6.47 -1.79 4.40
CA LEU A 60 5.03 -1.90 4.21
C LEU A 60 4.69 -2.04 2.73
N ARG A 61 3.62 -2.77 2.44
CA ARG A 61 3.20 -2.99 1.06
C ARG A 61 1.68 -3.08 0.97
N LEU A 62 1.11 -2.37 0.01
CA LEU A 62 -0.34 -2.37 -0.19
C LEU A 62 -0.73 -3.21 -1.40
N ILE A 63 -1.85 -3.92 -1.27
CA ILE A 63 -2.33 -4.77 -2.36
C ILE A 63 -3.55 -4.17 -3.04
N GLY A 64 -3.33 -3.54 -4.18
CA GLY A 64 -4.42 -2.92 -4.92
C GLY A 64 -5.47 -3.92 -5.34
N LYS A 65 -6.57 -3.42 -5.89
CA LYS A 65 -7.66 -4.28 -6.34
C LYS A 65 -7.18 -5.25 -7.42
N VAL A 66 -8.09 -6.07 -7.94
CA VAL A 66 -7.76 -7.03 -8.97
C VAL A 66 -8.38 -6.64 -10.31
N ASP A 67 -7.73 -7.04 -11.39
CA ASP A 67 -8.22 -6.73 -12.74
C ASP A 67 -9.54 -7.44 -13.01
N GLU A 68 -10.63 -6.87 -12.51
CA GLU A 68 -11.96 -7.46 -12.69
C GLU A 68 -12.28 -7.58 -14.18
N SER A 69 -11.77 -6.66 -14.98
CA SER A 69 -12.01 -6.65 -16.42
C SER A 69 -11.45 -7.92 -17.06
N LYS A 70 -10.37 -8.45 -16.48
CA LYS A 70 -9.73 -9.65 -17.00
C LYS A 70 -10.49 -10.90 -16.54
N LYS A 71 -10.32 -11.25 -15.28
CA LYS A 71 -10.98 -12.42 -14.71
C LYS A 71 -11.64 -12.08 -13.37
N ARG A 72 -12.78 -12.71 -13.11
CA ARG A 72 -13.51 -12.48 -11.87
C ARG A 72 -14.37 -13.69 -11.52
N LYS A 73 -13.94 -14.44 -10.50
CA LYS A 73 -14.66 -15.63 -10.05
C LYS A 73 -15.13 -16.48 -11.23
N ASP A 74 -14.30 -17.44 -11.62
CA ASP A 74 -14.63 -18.32 -12.74
C ASP A 74 -15.44 -19.53 -12.28
N ASN A 75 -16.71 -19.56 -12.65
CA ASN A 75 -17.59 -20.66 -12.28
C ASN A 75 -17.62 -20.87 -10.77
N GLU A 76 -17.34 -19.79 -10.02
CA GLU A 76 -17.33 -19.86 -8.57
C GLU A 76 -16.40 -20.96 -8.07
N GLY A 77 -15.41 -21.33 -8.90
CA GLY A 77 -14.48 -22.36 -8.51
C GLY A 77 -13.20 -21.80 -7.92
N ASN A 78 -12.93 -20.53 -8.20
CA ASN A 78 -11.74 -19.87 -7.69
C ASN A 78 -11.86 -18.36 -7.81
N GLU A 79 -11.88 -17.68 -6.66
CA GLU A 79 -12.01 -16.23 -6.63
C GLU A 79 -10.91 -15.57 -7.47
N VAL A 80 -11.20 -15.35 -8.74
CA VAL A 80 -10.24 -14.72 -9.65
C VAL A 80 -9.01 -15.60 -9.82
N VAL A 81 -8.60 -15.81 -11.07
CA VAL A 81 -7.44 -16.64 -11.37
C VAL A 81 -6.15 -15.81 -11.36
N PRO A 82 -6.14 -14.65 -12.05
CA PRO A 82 -4.95 -13.78 -12.11
C PRO A 82 -4.57 -13.24 -10.73
N LYS A 83 -3.87 -12.13 -10.72
CA LYS A 83 -3.44 -11.50 -9.46
C LYS A 83 -3.59 -9.98 -9.54
N PRO A 84 -3.96 -9.33 -8.42
CA PRO A 84 -4.14 -7.89 -8.36
C PRO A 84 -2.80 -7.14 -8.32
N GLN A 85 -2.86 -5.85 -8.03
CA GLN A 85 -1.66 -5.03 -7.96
C GLN A 85 -1.10 -5.00 -6.53
N ARG A 86 0.20 -4.76 -6.42
CA ARG A 86 0.85 -4.71 -5.12
C ARG A 86 1.95 -3.65 -5.10
N HIS A 87 1.85 -2.71 -4.17
CA HIS A 87 2.84 -1.64 -4.05
C HIS A 87 3.60 -1.75 -2.72
N MET A 88 4.90 -1.97 -2.81
CA MET A 88 5.74 -2.09 -1.61
C MET A 88 6.51 -0.80 -1.36
N PHE A 89 6.77 -0.52 -0.09
CA PHE A 89 7.51 0.68 0.29
C PHE A 89 8.62 0.34 1.27
N SER A 90 9.66 1.18 1.29
CA SER A 90 10.80 0.97 2.18
C SER A 90 10.72 1.90 3.39
N PHE A 91 10.85 1.32 4.58
CA PHE A 91 10.80 2.09 5.82
C PHE A 91 12.01 1.81 6.69
N ASN A 92 12.17 2.60 7.74
CA ASN A 92 13.30 2.43 8.65
C ASN A 92 12.87 2.66 10.10
N ASN A 93 11.62 2.33 10.40
CA ASN A 93 11.09 2.50 11.74
C ASN A 93 9.73 1.82 11.88
N ARG A 94 9.63 0.92 12.86
CA ARG A 94 8.38 0.20 13.09
C ARG A 94 7.28 1.15 13.54
N THR A 95 7.65 2.14 14.35
CA THR A 95 6.70 3.11 14.86
C THR A 95 6.06 3.89 13.71
N VAL A 96 6.83 4.12 12.66
CA VAL A 96 6.34 4.85 11.50
C VAL A 96 5.39 4.00 10.67
N MET A 97 5.82 2.79 10.34
CA MET A 97 5.00 1.88 9.55
C MET A 97 3.69 1.56 10.27
N ASP A 98 3.75 1.53 11.60
CA ASP A 98 2.56 1.25 12.40
C ASP A 98 1.50 2.32 12.22
N ASN A 99 1.94 3.56 12.07
CA ASN A 99 1.02 4.68 11.88
C ASN A 99 0.42 4.65 10.49
N ILE A 100 1.25 4.32 9.49
CA ILE A 100 0.78 4.25 8.11
C ILE A 100 -0.17 3.08 7.90
N LYS A 101 0.29 1.88 8.26
CA LYS A 101 -0.52 0.68 8.11
C LYS A 101 -1.83 0.81 8.88
N MET A 102 -1.74 1.22 10.14
CA MET A 102 -2.92 1.38 10.98
C MET A 102 -3.89 2.40 10.37
N THR A 103 -3.36 3.57 10.03
CA THR A 103 -4.17 4.63 9.44
C THR A 103 -4.75 4.19 8.10
N LEU A 104 -3.94 3.50 7.31
CA LEU A 104 -4.37 3.02 5.99
C LEU A 104 -5.56 2.09 6.13
N GLN A 105 -5.53 1.23 7.15
CA GLN A 105 -6.60 0.28 7.39
C GLN A 105 -7.92 1.00 7.66
N GLN A 106 -7.82 2.19 8.25
CA GLN A 106 -9.01 2.98 8.57
C GLN A 106 -9.62 3.58 7.30
N ILE A 107 -8.77 3.86 6.32
CA ILE A 107 -9.22 4.43 5.06
C ILE A 107 -9.93 3.38 4.21
N ILE A 108 -9.46 2.14 4.28
CA ILE A 108 -10.04 1.05 3.52
C ILE A 108 -11.34 0.57 4.15
N SER A 109 -11.34 0.48 5.48
CA SER A 109 -12.52 0.02 6.21
C SER A 109 -13.65 1.04 6.10
N ARG A 110 -13.28 2.32 6.00
CA ARG A 110 -14.26 3.39 5.89
C ARG A 110 -14.94 3.36 4.52
N TYR A 111 -14.20 2.95 3.51
CA TYR A 111 -14.73 2.89 2.15
C TYR A 111 -15.32 1.51 1.84
N LYS A 112 -15.48 0.69 2.87
CA LYS A 112 -16.03 -0.65 2.71
C LYS A 112 -17.54 -0.64 2.95
N ASP A 113 -17.99 0.20 3.88
CA ASP A 113 -19.41 0.30 4.22
C ASP A 113 -19.94 1.71 3.95
N ALA A 114 -19.14 2.53 3.27
CA ALA A 114 -19.55 3.89 2.96
C ALA A 114 -18.93 4.36 1.65
N ASP A 115 -18.83 3.45 0.69
CA ASP A 115 -18.26 3.77 -0.62
C ASP A 115 -19.18 4.70 -1.41
N ASP B 1 13.90 -10.08 -12.50
CA ASP B 1 13.07 -10.79 -11.53
C ASP B 1 13.76 -10.91 -10.18
N LEU B 2 13.61 -9.88 -9.35
CA LEU B 2 14.23 -9.87 -8.03
C LEU B 2 13.18 -9.89 -6.92
N ASP B 3 11.93 -10.15 -7.30
CA ASP B 3 10.83 -10.19 -6.33
C ASP B 3 10.62 -11.60 -5.79
N GLU B 4 11.55 -12.51 -6.11
CA GLU B 4 11.45 -13.89 -5.65
C GLU B 4 11.46 -13.95 -4.12
N SER B 5 12.45 -13.31 -3.51
CA SER B 5 12.57 -13.30 -2.06
C SER B 5 11.77 -12.14 -1.46
N TRP B 6 11.68 -11.05 -2.21
CA TRP B 6 10.95 -9.87 -1.76
C TRP B 6 9.49 -10.20 -1.48
N ASP B 7 8.96 -11.17 -2.23
CA ASP B 7 7.57 -11.57 -2.08
C ASP B 7 7.36 -12.25 -0.73
N TYR B 8 8.33 -13.05 -0.30
CA TYR B 8 8.25 -13.75 0.97
C TYR B 8 8.11 -12.77 2.13
N ILE B 9 9.01 -11.79 2.18
CA ILE B 9 9.00 -10.78 3.23
C ILE B 9 7.69 -10.00 3.22
N PHE B 10 7.09 -9.87 2.04
CA PHE B 10 5.83 -9.14 1.89
C PHE B 10 4.65 -10.10 1.74
N GLU B 11 4.88 -11.38 1.99
CA GLU B 11 3.82 -12.39 1.87
C GLU B 11 3.24 -12.74 3.23
N THR B 12 3.71 -12.07 4.28
CA THR B 12 3.22 -12.32 5.64
C THR B 12 1.81 -11.80 5.80
N THR B 13 0.92 -12.65 6.31
CA THR B 13 -0.48 -12.27 6.52
C THR B 13 -1.17 -13.24 7.48
N PRO A 1 5.24 14.43 11.26
CA PRO A 1 4.59 14.91 12.51
C PRO A 1 3.33 14.12 12.83
N SER A 2 2.42 14.04 11.86
CA SER A 2 1.17 13.31 12.04
C SER A 2 0.61 12.86 10.70
N HIS A 3 0.38 11.55 10.57
CA HIS A 3 -0.14 10.97 9.33
C HIS A 3 0.78 11.27 8.16
N SER A 4 2.09 11.18 8.40
CA SER A 4 3.08 11.43 7.37
C SER A 4 4.39 10.73 7.69
N GLY A 5 5.04 10.19 6.66
CA GLY A 5 6.31 9.50 6.86
C GLY A 5 6.98 9.14 5.55
N ALA A 6 8.27 8.81 5.63
CA ALA A 6 9.03 8.44 4.43
C ALA A 6 8.43 7.22 3.75
N ALA A 7 8.52 7.18 2.43
CA ALA A 7 7.99 6.06 1.66
C ALA A 7 8.70 5.93 0.32
N ILE A 8 9.26 4.75 0.07
CA ILE A 8 9.97 4.49 -1.18
C ILE A 8 9.19 3.52 -2.05
N PHE A 9 8.99 3.89 -3.32
CA PHE A 9 8.26 3.04 -4.25
C PHE A 9 9.21 2.32 -5.19
N GLU A 10 9.45 1.04 -4.90
CA GLU A 10 10.32 0.19 -5.71
C GLU A 10 11.58 0.92 -6.21
N LYS A 11 11.99 2.00 -5.55
CA LYS A 11 13.19 2.74 -5.95
C LYS A 11 13.17 4.18 -5.41
N VAL A 12 12.19 4.96 -5.85
CA VAL A 12 12.07 6.36 -5.45
C VAL A 12 11.70 6.48 -3.99
N SER A 13 12.42 7.34 -3.27
CA SER A 13 12.16 7.57 -1.86
C SER A 13 11.58 8.96 -1.63
N GLY A 14 10.33 9.01 -1.18
CA GLY A 14 9.69 10.29 -0.93
C GLY A 14 8.92 10.32 0.38
N ILE A 15 8.13 11.36 0.58
CA ILE A 15 7.34 11.50 1.79
C ILE A 15 5.85 11.30 1.50
N ILE A 16 5.22 10.45 2.30
CA ILE A 16 3.80 10.16 2.13
C ILE A 16 2.96 10.93 3.15
N ALA A 17 1.72 11.25 2.77
CA ALA A 17 0.82 11.98 3.64
C ALA A 17 -0.61 11.46 3.53
N ILE A 18 -1.20 11.11 4.67
CA ILE A 18 -2.56 10.60 4.70
C ILE A 18 -3.55 11.67 5.14
N ASN A 19 -4.66 11.78 4.42
CA ASN A 19 -5.67 12.77 4.73
C ASN A 19 -6.87 12.12 5.41
N GLU A 20 -6.91 12.19 6.74
CA GLU A 20 -8.01 11.60 7.51
C GLU A 20 -9.21 12.53 7.55
N ASP A 21 -8.97 13.83 7.35
CA ASP A 21 -10.03 14.82 7.37
C ASP A 21 -11.17 14.42 6.43
N VAL A 22 -10.84 13.71 5.37
CA VAL A 22 -11.82 13.25 4.40
C VAL A 22 -12.32 11.86 4.73
N SER A 23 -13.59 11.58 4.44
CA SER A 23 -14.18 10.28 4.72
C SER A 23 -13.40 9.15 4.05
N PRO A 24 -13.40 9.10 2.70
CA PRO A 24 -12.69 8.06 1.96
C PRO A 24 -11.18 8.06 2.22
N ALA A 25 -10.68 9.14 2.80
CA ALA A 25 -9.26 9.27 3.10
C ALA A 25 -8.43 9.29 1.82
N GLU A 26 -7.26 9.90 1.88
CA GLU A 26 -6.37 9.97 0.72
C GLU A 26 -4.91 9.89 1.13
N LEU A 27 -4.13 9.13 0.38
CA LEU A 27 -2.72 8.96 0.65
C LEU A 27 -1.87 9.57 -0.46
N THR A 28 -1.23 10.69 -0.17
CA THR A 28 -0.40 11.38 -1.16
C THR A 28 1.08 11.09 -0.92
N TRP A 29 1.80 10.82 -2.00
CA TRP A 29 3.22 10.52 -1.92
C TRP A 29 4.02 11.47 -2.80
N ARG A 30 4.79 12.35 -2.18
CA ARG A 30 5.61 13.32 -2.91
C ARG A 30 7.08 12.95 -2.84
N SER A 31 7.77 13.09 -3.97
CA SER A 31 9.19 12.76 -4.04
C SER A 31 10.00 13.69 -3.14
N THR A 32 11.05 13.15 -2.53
CA THR A 32 11.91 13.93 -1.65
C THR A 32 12.55 15.10 -2.41
N ASP A 33 13.12 14.81 -3.57
CA ASP A 33 13.76 15.84 -4.38
C ASP A 33 13.63 15.51 -5.87
N GLY A 34 12.49 15.87 -6.45
CA GLY A 34 12.27 15.61 -7.86
C GLY A 34 10.98 16.22 -8.36
N ASP A 35 10.15 15.41 -9.01
CA ASP A 35 8.88 15.87 -9.54
C ASP A 35 7.92 14.71 -9.78
N LYS A 36 8.04 13.67 -8.97
CA LYS A 36 7.19 12.50 -9.08
C LYS A 36 6.30 12.34 -7.86
N VAL A 37 4.99 12.39 -8.08
CA VAL A 37 4.02 12.25 -6.99
C VAL A 37 2.82 11.43 -7.42
N HIS A 38 2.37 10.54 -6.54
CA HIS A 38 1.22 9.68 -6.83
C HIS A 38 0.22 9.72 -5.69
N THR A 39 -1.06 9.57 -6.03
CA THR A 39 -2.12 9.59 -5.03
C THR A 39 -3.02 8.36 -5.17
N VAL A 40 -3.29 7.70 -4.04
CA VAL A 40 -4.13 6.51 -4.03
C VAL A 40 -5.02 6.49 -2.79
N VAL A 41 -6.33 6.42 -3.02
CA VAL A 41 -7.29 6.38 -1.92
C VAL A 41 -7.06 5.16 -1.03
N LEU A 42 -6.92 5.39 0.26
CA LEU A 42 -6.68 4.32 1.22
C LEU A 42 -7.90 3.39 1.30
N SER A 43 -9.08 3.95 1.08
CA SER A 43 -10.31 3.19 1.13
C SER A 43 -10.28 2.03 0.13
N THR A 44 -9.52 2.21 -0.94
CA THR A 44 -9.39 1.18 -1.97
C THR A 44 -8.70 -0.06 -1.41
N ILE A 45 -7.84 0.15 -0.42
CA ILE A 45 -7.11 -0.96 0.20
C ILE A 45 -8.07 -2.00 0.77
N ASP A 46 -7.62 -3.25 0.83
CA ASP A 46 -8.44 -4.33 1.36
C ASP A 46 -7.76 -5.03 2.53
N LYS A 47 -6.45 -5.22 2.41
CA LYS A 47 -5.68 -5.88 3.47
C LYS A 47 -4.44 -5.07 3.83
N LEU A 48 -3.78 -5.45 4.92
CA LEU A 48 -2.59 -4.76 5.38
C LEU A 48 -1.50 -5.76 5.76
N GLN A 49 -0.41 -5.77 4.99
CA GLN A 49 0.70 -6.69 5.26
C GLN A 49 2.02 -5.94 5.23
N ALA A 50 2.84 -6.16 6.25
CA ALA A 50 4.14 -5.50 6.35
C ALA A 50 5.16 -6.42 7.03
N THR A 51 6.43 -6.04 6.93
CA THR A 51 7.51 -6.83 7.52
C THR A 51 7.67 -6.49 9.01
N PRO A 52 8.06 -7.48 9.83
CA PRO A 52 8.25 -7.29 11.27
C PRO A 52 9.50 -6.47 11.58
N ALA A 53 9.58 -5.99 12.82
CA ALA A 53 10.72 -5.19 13.25
C ALA A 53 11.99 -6.04 13.34
N SER A 54 11.81 -7.33 13.65
CA SER A 54 12.94 -8.25 13.77
C SER A 54 13.62 -8.45 12.43
N SER A 55 12.85 -8.37 11.35
CA SER A 55 13.37 -8.55 10.00
C SER A 55 14.45 -7.50 9.71
N GLU A 56 15.36 -7.85 8.80
CA GLU A 56 16.45 -6.94 8.43
C GLU A 56 15.96 -5.90 7.43
N LYS A 57 15.13 -6.34 6.48
CA LYS A 57 14.59 -5.46 5.46
C LYS A 57 13.20 -4.95 5.85
N MET A 58 13.15 -3.70 6.31
CA MET A 58 11.89 -3.09 6.72
C MET A 58 11.10 -2.60 5.52
N MET A 59 9.96 -3.23 5.26
CA MET A 59 9.12 -2.86 4.13
C MET A 59 7.65 -3.18 4.42
N LEU A 60 6.76 -2.58 3.64
CA LEU A 60 5.33 -2.80 3.81
C LEU A 60 4.65 -3.08 2.47
N ARG A 61 3.48 -3.70 2.52
CA ARG A 61 2.74 -4.02 1.30
C ARG A 61 1.24 -3.92 1.53
N LEU A 62 0.53 -3.31 0.59
CA LEU A 62 -0.91 -3.15 0.68
C LEU A 62 -1.62 -3.95 -0.40
N ILE A 63 -2.76 -4.53 -0.05
CA ILE A 63 -3.53 -5.32 -0.99
C ILE A 63 -4.86 -4.65 -1.32
N GLY A 64 -5.08 -4.35 -2.59
CA GLY A 64 -6.32 -3.72 -3.00
C GLY A 64 -7.45 -4.70 -3.19
N LYS A 65 -8.67 -4.19 -3.25
CA LYS A 65 -9.84 -5.04 -3.42
C LYS A 65 -9.76 -5.81 -4.74
N VAL A 66 -10.64 -6.79 -4.90
CA VAL A 66 -10.67 -7.61 -6.11
C VAL A 66 -12.09 -7.72 -6.67
N ASP A 67 -12.19 -8.03 -7.95
CA ASP A 67 -13.49 -8.17 -8.61
C ASP A 67 -13.55 -9.45 -9.42
N GLU A 68 -14.28 -10.44 -8.91
CA GLU A 68 -14.43 -11.72 -9.59
C GLU A 68 -15.89 -12.12 -9.71
N SER A 69 -16.44 -11.96 -10.91
CA SER A 69 -17.84 -12.30 -11.15
C SER A 69 -18.09 -12.57 -12.64
N LYS A 70 -18.04 -11.50 -13.44
CA LYS A 70 -18.26 -11.61 -14.87
C LYS A 70 -16.98 -12.05 -15.59
N LYS A 71 -15.86 -11.44 -15.19
CA LYS A 71 -14.57 -11.77 -15.79
C LYS A 71 -14.56 -11.43 -17.28
N ARG A 72 -13.79 -10.42 -17.65
CA ARG A 72 -13.69 -9.99 -19.04
C ARG A 72 -12.23 -9.93 -19.49
N LYS A 73 -11.99 -9.28 -20.62
CA LYS A 73 -10.64 -9.15 -21.16
C LYS A 73 -10.06 -10.51 -21.50
N ASP A 74 -10.38 -11.01 -22.70
CA ASP A 74 -9.88 -12.30 -23.15
C ASP A 74 -10.35 -12.59 -24.58
N ASN A 75 -9.40 -12.53 -25.52
CA ASN A 75 -9.71 -12.79 -26.92
C ASN A 75 -10.72 -11.77 -27.45
N GLU A 76 -10.34 -10.50 -27.41
CA GLU A 76 -11.21 -9.43 -27.89
C GLU A 76 -10.52 -8.07 -27.76
N GLY A 77 -10.38 -7.60 -26.53
CA GLY A 77 -9.74 -6.31 -26.30
C GLY A 77 -8.69 -6.38 -25.21
N ASN A 78 -7.42 -6.37 -25.61
CA ASN A 78 -6.30 -6.43 -24.67
C ASN A 78 -6.52 -7.50 -23.60
N GLU A 79 -5.85 -8.64 -23.77
CA GLU A 79 -5.97 -9.74 -22.81
C GLU A 79 -5.41 -9.33 -21.45
N VAL A 80 -6.26 -9.43 -20.43
CA VAL A 80 -5.86 -9.09 -19.08
C VAL A 80 -6.79 -9.73 -18.04
N VAL A 81 -6.30 -9.87 -16.81
CA VAL A 81 -7.09 -10.47 -15.74
C VAL A 81 -7.27 -9.49 -14.58
N PRO A 82 -8.49 -9.39 -14.03
CA PRO A 82 -8.78 -8.49 -12.91
C PRO A 82 -8.23 -9.01 -11.59
N LYS A 83 -6.92 -9.19 -11.52
CA LYS A 83 -6.27 -9.68 -10.32
C LYS A 83 -6.16 -8.58 -9.26
N PRO A 84 -5.91 -8.95 -8.00
CA PRO A 84 -5.78 -7.97 -6.90
C PRO A 84 -4.52 -7.14 -7.03
N GLN A 85 -4.64 -5.84 -6.77
CA GLN A 85 -3.50 -4.93 -6.85
C GLN A 85 -2.74 -4.89 -5.52
N ARG A 86 -1.55 -5.47 -5.51
CA ARG A 86 -0.72 -5.50 -4.32
C ARG A 86 0.50 -4.59 -4.48
N HIS A 87 0.51 -3.49 -3.72
CA HIS A 87 1.61 -2.54 -3.78
C HIS A 87 2.55 -2.71 -2.60
N MET A 88 3.84 -2.81 -2.88
CA MET A 88 4.86 -2.98 -1.85
C MET A 88 5.70 -1.73 -1.71
N PHE A 89 5.60 -1.07 -0.55
CA PHE A 89 6.37 0.14 -0.29
C PHE A 89 7.44 -0.11 0.77
N SER A 90 8.63 0.41 0.52
CA SER A 90 9.75 0.24 1.45
C SER A 90 9.81 1.39 2.45
N PHE A 91 10.45 1.15 3.58
CA PHE A 91 10.58 2.17 4.62
C PHE A 91 11.97 2.12 5.25
N ASN A 92 12.27 3.13 6.08
CA ASN A 92 13.56 3.20 6.75
C ASN A 92 13.38 3.54 8.23
N ASN A 93 12.29 3.05 8.82
CA ASN A 93 12.02 3.30 10.23
C ASN A 93 10.87 2.42 10.72
N ARG A 94 11.11 1.65 11.77
CA ARG A 94 10.10 0.77 12.34
C ARG A 94 8.95 1.57 12.92
N THR A 95 9.26 2.74 13.46
CA THR A 95 8.24 3.60 14.05
C THR A 95 7.41 4.29 12.97
N VAL A 96 8.07 4.68 11.88
CA VAL A 96 7.40 5.34 10.77
C VAL A 96 6.67 4.34 9.89
N MET A 97 7.35 3.24 9.55
CA MET A 97 6.77 2.21 8.71
C MET A 97 5.53 1.61 9.36
N ASP A 98 5.52 1.57 10.69
CA ASP A 98 4.39 1.03 11.43
C ASP A 98 3.29 2.07 11.59
N ASN A 99 3.70 3.33 11.67
CA ASN A 99 2.75 4.43 11.84
C ASN A 99 1.78 4.50 10.65
N ILE A 100 2.23 4.01 9.50
CA ILE A 100 1.41 4.02 8.30
C ILE A 100 0.33 2.94 8.37
N LYS A 101 0.75 1.71 8.67
CA LYS A 101 -0.19 0.60 8.77
C LYS A 101 -1.25 0.86 9.84
N MET A 102 -0.80 1.31 11.01
CA MET A 102 -1.72 1.60 12.11
C MET A 102 -2.75 2.63 11.70
N THR A 103 -2.38 3.51 10.77
CA THR A 103 -3.28 4.55 10.29
C THR A 103 -4.23 4.01 9.23
N LEU A 104 -3.76 3.02 8.47
CA LEU A 104 -4.56 2.41 7.42
C LEU A 104 -5.53 1.39 7.99
N GLN A 105 -5.05 0.59 8.94
CA GLN A 105 -5.88 -0.43 9.57
C GLN A 105 -7.11 0.19 10.23
N GLN A 106 -6.98 1.44 10.66
CA GLN A 106 -8.08 2.15 11.31
C GLN A 106 -9.06 2.68 10.28
N ILE A 107 -8.54 3.27 9.21
CA ILE A 107 -9.38 3.81 8.15
C ILE A 107 -10.16 2.71 7.44
N ILE A 108 -9.49 1.60 7.17
CA ILE A 108 -10.12 0.47 6.50
C ILE A 108 -11.09 -0.25 7.43
N SER A 109 -10.68 -0.43 8.68
CA SER A 109 -11.51 -1.11 9.66
C SER A 109 -12.72 -0.26 10.03
N ARG A 110 -12.54 1.05 9.99
CA ARG A 110 -13.63 1.98 10.32
C ARG A 110 -14.70 1.96 9.24
N TYR A 111 -14.28 1.71 7.99
CA TYR A 111 -15.22 1.67 6.87
C TYR A 111 -15.49 0.24 6.42
N LYS A 112 -15.03 -0.73 7.22
CA LYS A 112 -15.23 -2.14 6.90
C LYS A 112 -16.63 -2.59 7.29
N ASP A 113 -17.00 -2.34 8.54
CA ASP A 113 -18.32 -2.72 9.04
C ASP A 113 -19.10 -1.50 9.52
N ALA A 114 -18.41 -0.60 10.22
CA ALA A 114 -19.04 0.61 10.72
C ALA A 114 -19.58 1.47 9.58
N ASP A 115 -18.91 1.41 8.44
CA ASP A 115 -19.33 2.18 7.27
C ASP A 115 -18.95 1.46 5.98
N ASP B 1 16.99 -12.58 -8.48
CA ASP B 1 17.19 -11.16 -8.73
C ASP B 1 16.18 -10.31 -7.97
N LEU B 2 16.13 -10.50 -6.65
CA LEU B 2 15.21 -9.76 -5.79
C LEU B 2 13.76 -10.17 -6.06
N ASP B 3 13.57 -11.26 -6.80
CA ASP B 3 12.23 -11.74 -7.12
C ASP B 3 11.76 -12.76 -6.09
N GLU B 4 12.50 -13.86 -5.98
CA GLU B 4 12.15 -14.91 -5.03
C GLU B 4 12.31 -14.43 -3.60
N SER B 5 13.25 -13.51 -3.39
CA SER B 5 13.49 -12.97 -2.05
C SER B 5 12.33 -12.09 -1.60
N TRP B 6 11.89 -11.21 -2.48
CA TRP B 6 10.78 -10.30 -2.17
C TRP B 6 9.55 -11.08 -1.70
N ASP B 7 9.44 -12.32 -2.16
CA ASP B 7 8.31 -13.17 -1.79
C ASP B 7 8.38 -13.58 -0.33
N TYR B 8 9.58 -13.52 0.25
CA TYR B 8 9.78 -13.89 1.65
C TYR B 8 9.84 -12.67 2.55
N ILE B 9 9.68 -11.48 1.97
CA ILE B 9 9.72 -10.24 2.74
C ILE B 9 8.32 -9.71 3.03
N PHE B 10 7.41 -9.94 2.10
CA PHE B 10 6.02 -9.48 2.27
C PHE B 10 5.08 -10.66 2.50
N GLU B 11 5.62 -11.85 2.68
CA GLU B 11 4.81 -13.04 2.91
C GLU B 11 4.77 -13.39 4.39
N THR B 12 5.89 -13.21 5.08
CA THR B 12 5.99 -13.50 6.50
C THR B 12 5.00 -12.65 7.29
N THR B 13 3.80 -13.18 7.52
CA THR B 13 2.79 -12.47 8.28
C THR B 13 1.62 -13.40 8.62
N PRO A 1 3.03 17.98 12.24
CA PRO A 1 2.42 17.28 11.07
C PRO A 1 2.18 15.81 11.36
N SER A 2 1.51 15.13 10.43
CA SER A 2 1.21 13.71 10.58
C SER A 2 0.54 13.16 9.33
N HIS A 3 0.17 11.88 9.38
CA HIS A 3 -0.48 11.23 8.25
C HIS A 3 0.41 11.25 7.01
N SER A 4 1.71 11.04 7.22
CA SER A 4 2.67 11.04 6.13
C SER A 4 4.01 10.46 6.58
N GLY A 5 4.98 10.44 5.67
CA GLY A 5 6.29 9.93 6.00
C GLY A 5 7.04 9.43 4.77
N ALA A 6 8.36 9.31 4.90
CA ALA A 6 9.19 8.85 3.79
C ALA A 6 8.79 7.46 3.34
N ALA A 7 8.71 7.27 2.04
CA ALA A 7 8.32 5.97 1.47
C ALA A 7 8.91 5.78 0.07
N ILE A 8 9.57 4.65 -0.14
CA ILE A 8 10.18 4.35 -1.42
C ILE A 8 9.33 3.36 -2.21
N PHE A 9 8.88 3.77 -3.39
CA PHE A 9 8.08 2.92 -4.25
C PHE A 9 8.92 2.34 -5.38
N GLU A 10 9.10 1.02 -5.37
CA GLU A 10 9.89 0.34 -6.39
C GLU A 10 11.39 0.59 -6.20
N LYS A 11 11.77 1.84 -5.95
CA LYS A 11 13.18 2.18 -5.74
C LYS A 11 13.35 3.67 -5.45
N VAL A 12 12.49 4.49 -6.05
CA VAL A 12 12.56 5.94 -5.86
C VAL A 12 12.18 6.33 -4.44
N SER A 13 12.97 7.20 -3.84
CA SER A 13 12.72 7.66 -2.49
C SER A 13 11.90 8.95 -2.49
N GLY A 14 10.69 8.88 -1.93
CA GLY A 14 9.84 10.04 -1.89
C GLY A 14 9.09 10.17 -0.59
N ILE A 15 8.14 11.11 -0.52
CA ILE A 15 7.35 11.33 0.68
C ILE A 15 5.91 10.85 0.48
N ILE A 16 5.46 9.97 1.36
CA ILE A 16 4.10 9.44 1.29
C ILE A 16 3.19 10.14 2.29
N ALA A 17 2.05 10.61 1.82
CA ALA A 17 1.08 11.30 2.68
C ALA A 17 -0.33 10.82 2.39
N ILE A 18 -1.00 10.31 3.42
CA ILE A 18 -2.36 9.83 3.27
C ILE A 18 -3.37 10.93 3.53
N ASN A 19 -4.38 11.02 2.67
CA ASN A 19 -5.42 12.04 2.81
C ASN A 19 -6.77 11.41 3.15
N GLU A 20 -7.23 11.65 4.37
CA GLU A 20 -8.51 11.11 4.82
C GLU A 20 -9.61 12.16 4.73
N ASP A 21 -9.48 13.07 3.78
CA ASP A 21 -10.47 14.13 3.60
C ASP A 21 -11.60 13.66 2.71
N VAL A 22 -11.28 12.81 1.74
CA VAL A 22 -12.28 12.27 0.81
C VAL A 22 -12.72 10.88 1.24
N SER A 23 -13.98 10.55 0.96
CA SER A 23 -14.54 9.26 1.33
C SER A 23 -13.63 8.10 0.88
N PRO A 24 -13.45 7.91 -0.44
CA PRO A 24 -12.61 6.84 -0.98
C PRO A 24 -11.16 6.94 -0.50
N ALA A 25 -10.77 8.12 -0.01
CA ALA A 25 -9.41 8.33 0.48
C ALA A 25 -8.40 8.11 -0.64
N GLU A 26 -7.22 8.71 -0.48
CA GLU A 26 -6.16 8.58 -1.48
C GLU A 26 -4.80 8.90 -0.87
N LEU A 27 -3.79 8.14 -1.28
CA LEU A 27 -2.43 8.35 -0.78
C LEU A 27 -1.56 8.99 -1.85
N THR A 28 -1.04 10.18 -1.55
CA THR A 28 -0.19 10.90 -2.49
C THR A 28 1.29 10.68 -2.16
N TRP A 29 2.03 10.13 -3.12
CA TRP A 29 3.44 9.87 -2.93
C TRP A 29 4.28 10.75 -3.87
N ARG A 30 4.97 11.72 -3.31
CA ARG A 30 5.80 12.63 -4.10
C ARG A 30 7.27 12.21 -4.04
N SER A 31 7.98 12.40 -5.15
CA SER A 31 9.39 12.05 -5.23
C SER A 31 10.24 13.07 -4.49
N THR A 32 11.29 12.59 -3.81
CA THR A 32 12.19 13.46 -3.06
C THR A 32 13.01 14.34 -4.00
N ASP A 33 13.47 13.74 -5.10
CA ASP A 33 14.27 14.46 -6.08
C ASP A 33 13.40 14.93 -7.25
N GLY A 34 12.99 13.99 -8.09
CA GLY A 34 12.17 14.32 -9.23
C GLY A 34 10.86 14.99 -8.84
N ASP A 35 9.98 15.18 -9.80
CA ASP A 35 8.69 15.81 -9.56
C ASP A 35 7.55 14.98 -10.14
N LYS A 36 7.28 13.84 -9.52
CA LYS A 36 6.21 12.96 -9.98
C LYS A 36 5.44 12.37 -8.79
N VAL A 37 4.12 12.55 -8.80
CA VAL A 37 3.28 12.04 -7.74
C VAL A 37 2.44 10.86 -8.21
N HIS A 38 2.14 9.96 -7.28
CA HIS A 38 1.34 8.78 -7.60
C HIS A 38 0.16 8.64 -6.64
N THR A 39 -1.05 8.85 -7.17
CA THR A 39 -2.26 8.76 -6.36
C THR A 39 -2.78 7.33 -6.32
N VAL A 40 -2.84 6.75 -5.13
CA VAL A 40 -3.32 5.39 -4.95
C VAL A 40 -4.44 5.33 -3.93
N VAL A 41 -5.66 5.06 -4.42
CA VAL A 41 -6.82 4.99 -3.54
C VAL A 41 -6.65 3.89 -2.50
N LEU A 42 -6.75 4.27 -1.23
CA LEU A 42 -6.61 3.31 -0.14
C LEU A 42 -7.89 2.53 0.09
N SER A 43 -9.03 3.14 -0.27
CA SER A 43 -10.32 2.48 -0.11
C SER A 43 -10.35 1.15 -0.84
N THR A 44 -9.63 1.07 -1.96
CA THR A 44 -9.57 -0.16 -2.74
C THR A 44 -8.94 -1.29 -1.94
N ILE A 45 -8.04 -0.94 -1.03
CA ILE A 45 -7.37 -1.93 -0.20
C ILE A 45 -8.37 -2.70 0.65
N ASP A 46 -8.02 -3.94 1.00
CA ASP A 46 -8.88 -4.78 1.81
C ASP A 46 -8.19 -5.21 3.09
N LYS A 47 -6.94 -5.64 2.97
CA LYS A 47 -6.16 -6.08 4.12
C LYS A 47 -4.79 -5.40 4.13
N LEU A 48 -4.17 -5.34 5.30
CA LEU A 48 -2.86 -4.71 5.45
C LEU A 48 -1.79 -5.78 5.69
N GLN A 49 -0.63 -5.60 5.07
CA GLN A 49 0.47 -6.53 5.23
C GLN A 49 1.81 -5.81 5.31
N ALA A 50 2.70 -6.30 6.16
CA ALA A 50 4.01 -5.70 6.32
C ALA A 50 5.01 -6.71 6.88
N THR A 51 6.30 -6.35 6.81
CA THR A 51 7.35 -7.23 7.31
C THR A 51 7.32 -7.31 8.83
N PRO A 52 7.73 -8.47 9.40
CA PRO A 52 7.74 -8.67 10.86
C PRO A 52 8.83 -7.84 11.55
N ALA A 53 8.62 -7.57 12.84
CA ALA A 53 9.58 -6.80 13.61
C ALA A 53 10.94 -7.48 13.66
N SER A 54 10.93 -8.81 13.69
CA SER A 54 12.16 -9.58 13.74
C SER A 54 12.96 -9.42 12.45
N SER A 55 12.25 -9.23 11.34
CA SER A 55 12.89 -9.06 10.05
C SER A 55 13.53 -7.69 9.94
N GLU A 56 14.83 -7.66 9.63
CA GLU A 56 15.56 -6.41 9.49
C GLU A 56 14.96 -5.54 8.38
N LYS A 57 14.40 -6.19 7.37
CA LYS A 57 13.79 -5.49 6.25
C LYS A 57 12.42 -4.95 6.64
N MET A 58 12.28 -3.62 6.62
CA MET A 58 11.01 -2.99 6.96
C MET A 58 10.32 -2.46 5.71
N MET A 59 9.14 -3.00 5.41
CA MET A 59 8.38 -2.58 4.24
C MET A 59 6.88 -2.78 4.46
N LEU A 60 6.08 -1.90 3.87
CA LEU A 60 4.63 -1.99 4.00
C LEU A 60 3.98 -2.36 2.67
N ARG A 61 3.07 -3.33 2.71
CA ARG A 61 2.38 -3.77 1.50
C ARG A 61 0.89 -3.94 1.75
N LEU A 62 0.08 -3.26 0.95
CA LEU A 62 -1.37 -3.33 1.09
C LEU A 62 -1.98 -4.23 0.02
N ILE A 63 -3.00 -4.99 0.40
CA ILE A 63 -3.67 -5.89 -0.53
C ILE A 63 -4.99 -5.30 -1.02
N GLY A 64 -5.18 -5.32 -2.34
CA GLY A 64 -6.40 -4.78 -2.92
C GLY A 64 -7.56 -5.75 -2.80
N LYS A 65 -8.77 -5.24 -3.02
CA LYS A 65 -9.98 -6.06 -2.95
C LYS A 65 -10.13 -6.90 -4.21
N VAL A 66 -10.32 -8.21 -4.02
CA VAL A 66 -10.49 -9.12 -5.15
C VAL A 66 -11.90 -9.05 -5.71
N ASP A 67 -12.02 -9.27 -7.02
CA ASP A 67 -13.33 -9.23 -7.67
C ASP A 67 -13.51 -10.43 -8.60
N GLU A 68 -14.17 -11.46 -8.10
CA GLU A 68 -14.41 -12.67 -8.88
C GLU A 68 -15.43 -12.42 -9.98
N SER A 69 -16.70 -12.32 -9.60
CA SER A 69 -17.77 -12.08 -10.55
C SER A 69 -17.81 -10.61 -10.97
N LYS A 70 -16.81 -10.19 -11.73
CA LYS A 70 -16.72 -8.82 -12.19
C LYS A 70 -15.98 -8.72 -13.52
N LYS A 71 -14.73 -9.18 -13.52
CA LYS A 71 -13.91 -9.16 -14.73
C LYS A 71 -13.73 -7.73 -15.23
N ARG A 72 -12.55 -7.17 -15.01
CA ARG A 72 -12.25 -5.81 -15.45
C ARG A 72 -11.76 -5.79 -16.89
N LYS A 73 -11.79 -4.62 -17.50
CA LYS A 73 -11.36 -4.47 -18.89
C LYS A 73 -10.33 -3.35 -19.02
N ASP A 74 -9.07 -3.72 -19.16
CA ASP A 74 -7.99 -2.75 -19.29
C ASP A 74 -8.19 -1.86 -20.52
N ASN A 75 -8.71 -2.47 -21.59
CA ASN A 75 -8.96 -1.74 -22.83
C ASN A 75 -9.69 -2.63 -23.83
N GLU A 76 -10.59 -3.45 -23.34
CA GLU A 76 -11.36 -4.35 -24.20
C GLU A 76 -10.44 -5.31 -24.95
N GLY A 77 -11.04 -6.29 -25.62
CA GLY A 77 -10.26 -7.26 -26.37
C GLY A 77 -10.00 -8.52 -25.59
N ASN A 78 -9.96 -8.41 -24.27
CA ASN A 78 -9.72 -9.56 -23.40
C ASN A 78 -9.79 -9.15 -21.93
N GLU A 79 -10.88 -9.53 -21.28
CA GLU A 79 -11.08 -9.21 -19.86
C GLU A 79 -9.97 -9.82 -19.01
N VAL A 80 -9.74 -9.23 -17.85
CA VAL A 80 -8.71 -9.73 -16.94
C VAL A 80 -9.30 -10.63 -15.87
N VAL A 81 -8.61 -11.74 -15.59
CA VAL A 81 -9.08 -12.69 -14.59
C VAL A 81 -8.87 -12.14 -13.18
N PRO A 82 -9.86 -12.34 -12.28
CA PRO A 82 -9.80 -11.87 -10.89
C PRO A 82 -8.43 -12.03 -10.26
N LYS A 83 -7.62 -11.01 -10.44
CA LYS A 83 -6.27 -10.98 -9.91
C LYS A 83 -6.14 -9.96 -8.78
N PRO A 84 -6.25 -10.41 -7.52
CA PRO A 84 -6.15 -9.53 -6.36
C PRO A 84 -4.92 -8.64 -6.41
N GLN A 85 -5.15 -7.33 -6.29
CA GLN A 85 -4.06 -6.36 -6.33
C GLN A 85 -3.18 -6.47 -5.08
N ARG A 86 -1.88 -6.28 -5.27
CA ARG A 86 -0.93 -6.37 -4.17
C ARG A 86 0.25 -5.42 -4.39
N HIS A 87 0.14 -4.21 -3.85
CA HIS A 87 1.20 -3.22 -4.00
C HIS A 87 2.05 -3.13 -2.72
N MET A 88 3.37 -3.21 -2.89
CA MET A 88 4.29 -3.15 -1.76
C MET A 88 5.11 -1.86 -1.81
N PHE A 89 5.49 -1.37 -0.64
CA PHE A 89 6.29 -0.15 -0.54
C PHE A 89 7.51 -0.36 0.33
N SER A 90 8.57 0.40 0.06
CA SER A 90 9.81 0.29 0.81
C SER A 90 9.90 1.39 1.87
N PHE A 91 10.37 1.03 3.06
CA PHE A 91 10.51 1.99 4.14
C PHE A 91 11.86 1.83 4.84
N ASN A 92 12.29 2.87 5.54
CA ASN A 92 13.56 2.85 6.25
C ASN A 92 13.41 3.41 7.66
N ASN A 93 12.25 3.15 8.27
CA ASN A 93 11.99 3.62 9.62
C ASN A 93 10.81 2.87 10.24
N ARG A 94 11.10 2.08 11.27
CA ARG A 94 10.07 1.30 11.95
C ARG A 94 9.05 2.21 12.62
N THR A 95 9.52 3.38 13.07
CA THR A 95 8.64 4.35 13.73
C THR A 95 7.64 4.94 12.75
N VAL A 96 8.10 5.19 11.52
CA VAL A 96 7.24 5.76 10.50
C VAL A 96 6.31 4.70 9.90
N MET A 97 6.80 3.46 9.85
CA MET A 97 6.01 2.36 9.30
C MET A 97 4.74 2.15 10.11
N ASP A 98 4.84 2.37 11.42
CA ASP A 98 3.69 2.20 12.31
C ASP A 98 2.62 3.23 12.00
N ASN A 99 3.04 4.47 11.75
CA ASN A 99 2.12 5.55 11.45
C ASN A 99 1.31 5.24 10.19
N ILE A 100 2.00 4.78 9.15
CA ILE A 100 1.36 4.45 7.90
C ILE A 100 0.41 3.26 8.06
N LYS A 101 0.94 2.16 8.57
CA LYS A 101 0.15 0.96 8.79
C LYS A 101 -1.01 1.23 9.75
N MET A 102 -0.79 2.14 10.68
CA MET A 102 -1.82 2.49 11.66
C MET A 102 -2.89 3.38 11.03
N THR A 103 -2.44 4.36 10.24
CA THR A 103 -3.36 5.28 9.57
C THR A 103 -4.27 4.52 8.61
N LEU A 104 -3.69 3.65 7.79
CA LEU A 104 -4.45 2.88 6.83
C LEU A 104 -5.49 2.01 7.53
N GLN A 105 -5.08 1.36 8.61
CA GLN A 105 -5.98 0.50 9.38
C GLN A 105 -7.19 1.28 9.87
N GLN A 106 -6.99 2.57 10.12
CA GLN A 106 -8.07 3.42 10.60
C GLN A 106 -9.03 3.80 9.47
N ILE A 107 -8.46 4.06 8.29
CA ILE A 107 -9.25 4.42 7.13
C ILE A 107 -9.99 3.21 6.56
N ILE A 108 -9.31 2.08 6.50
CA ILE A 108 -9.90 0.86 5.98
C ILE A 108 -10.94 0.30 6.95
N SER A 109 -10.60 0.30 8.24
CA SER A 109 -11.51 -0.20 9.26
C SER A 109 -12.79 0.63 9.32
N ARG A 110 -12.65 1.94 9.09
CA ARG A 110 -13.79 2.84 9.11
C ARG A 110 -14.73 2.56 7.95
N TYR A 111 -14.18 2.11 6.83
CA TYR A 111 -14.97 1.79 5.65
C TYR A 111 -15.25 0.30 5.55
N LYS A 112 -14.96 -0.44 6.61
CA LYS A 112 -15.18 -1.88 6.63
C LYS A 112 -16.65 -2.19 6.90
N ASP A 113 -17.23 -1.48 7.86
CA ASP A 113 -18.63 -1.68 8.22
C ASP A 113 -19.55 -0.75 7.43
N ALA A 114 -19.00 -0.10 6.40
CA ALA A 114 -19.77 0.82 5.57
C ALA A 114 -20.43 1.90 6.42
N ASP A 115 -19.72 2.36 7.44
CA ASP A 115 -20.22 3.41 8.33
C ASP A 115 -21.51 2.95 9.01
N ASP B 1 17.95 -13.91 -7.06
CA ASP B 1 17.68 -14.72 -5.88
C ASP B 1 17.05 -13.88 -4.76
N LEU B 2 16.30 -12.86 -5.16
CA LEU B 2 15.65 -11.98 -4.19
C LEU B 2 14.14 -12.22 -4.16
N ASP B 3 13.59 -12.64 -5.29
CA ASP B 3 12.16 -12.91 -5.40
C ASP B 3 11.73 -13.95 -4.38
N GLU B 4 12.63 -14.88 -4.05
CA GLU B 4 12.34 -15.92 -3.09
C GLU B 4 12.06 -15.34 -1.71
N SER B 5 12.71 -14.21 -1.41
CA SER B 5 12.54 -13.55 -0.13
C SER B 5 11.39 -12.54 -0.19
N TRP B 6 11.16 -11.99 -1.37
CA TRP B 6 10.09 -11.01 -1.56
C TRP B 6 8.74 -11.59 -1.16
N ASP B 7 8.60 -12.90 -1.29
CA ASP B 7 7.35 -13.59 -0.95
C ASP B 7 7.36 -14.03 0.51
N TYR B 8 8.56 -14.28 1.05
CA TYR B 8 8.69 -14.71 2.44
C TYR B 8 8.93 -13.52 3.37
N ILE B 9 9.00 -12.32 2.80
CA ILE B 9 9.23 -11.12 3.60
C ILE B 9 7.92 -10.37 3.87
N PHE B 10 7.07 -10.32 2.86
CA PHE B 10 5.78 -9.65 2.97
C PHE B 10 4.71 -10.59 3.51
N GLU B 11 4.84 -11.87 3.16
CA GLU B 11 3.89 -12.88 3.60
C GLU B 11 3.95 -13.07 5.11
N THR B 12 5.16 -13.06 5.65
CA THR B 12 5.37 -13.23 7.08
C THR B 12 4.72 -12.10 7.86
N THR B 13 4.12 -12.43 9.00
CA THR B 13 3.45 -11.44 9.84
C THR B 13 3.74 -11.69 11.32
N PRO A 1 3.69 9.66 13.33
CA PRO A 1 2.38 9.83 14.01
C PRO A 1 1.63 11.06 13.50
N SER A 2 1.44 11.12 12.18
CA SER A 2 0.74 12.24 11.56
C SER A 2 0.19 11.85 10.20
N HIS A 3 -0.20 10.58 10.06
CA HIS A 3 -0.75 10.08 8.81
C HIS A 3 0.27 10.23 7.67
N SER A 4 1.53 9.97 7.98
CA SER A 4 2.60 10.08 6.99
C SER A 4 3.86 9.37 7.47
N GLY A 5 4.79 9.15 6.56
CA GLY A 5 6.04 8.50 6.90
C GLY A 5 6.89 8.18 5.69
N ALA A 6 8.18 7.93 5.93
CA ALA A 6 9.10 7.62 4.84
C ALA A 6 8.66 6.36 4.09
N ALA A 7 8.78 6.41 2.77
CA ALA A 7 8.39 5.28 1.94
C ALA A 7 9.07 5.35 0.57
N ILE A 8 9.74 4.27 0.19
CA ILE A 8 10.44 4.21 -1.08
C ILE A 8 9.64 3.40 -2.11
N PHE A 9 9.35 4.03 -3.25
CA PHE A 9 8.60 3.38 -4.31
C PHE A 9 9.33 3.47 -5.64
N GLU A 10 9.45 2.35 -6.33
CA GLU A 10 10.14 2.30 -7.62
C GLU A 10 11.61 2.66 -7.46
N LYS A 11 12.21 2.24 -6.36
CA LYS A 11 13.62 2.51 -6.08
C LYS A 11 13.86 4.02 -5.95
N VAL A 12 12.89 4.71 -5.36
CA VAL A 12 13.00 6.16 -5.18
C VAL A 12 12.62 6.55 -3.75
N SER A 13 13.43 7.41 -3.14
CA SER A 13 13.19 7.86 -1.78
C SER A 13 12.18 9.01 -1.77
N GLY A 14 11.13 8.86 -0.95
CA GLY A 14 10.12 9.89 -0.85
C GLY A 14 9.27 9.74 0.39
N ILE A 15 8.43 10.75 0.66
CA ILE A 15 7.57 10.73 1.83
C ILE A 15 6.13 10.44 1.44
N ILE A 16 5.47 9.57 2.19
CA ILE A 16 4.09 9.21 1.92
C ILE A 16 3.13 9.93 2.86
N ALA A 17 2.01 10.38 2.34
CA ALA A 17 1.01 11.09 3.13
C ALA A 17 -0.41 10.63 2.79
N ILE A 18 -1.12 10.15 3.80
CA ILE A 18 -2.48 9.68 3.61
C ILE A 18 -3.49 10.81 3.79
N ASN A 19 -4.45 10.88 2.87
CA ASN A 19 -5.47 11.92 2.92
C ASN A 19 -6.77 11.37 3.49
N GLU A 20 -7.16 11.86 4.66
CA GLU A 20 -8.38 11.42 5.31
C GLU A 20 -9.50 12.45 5.12
N ASP A 21 -9.43 13.19 4.02
CA ASP A 21 -10.44 14.20 3.72
C ASP A 21 -11.54 13.62 2.84
N VAL A 22 -11.13 12.78 1.89
CA VAL A 22 -12.07 12.15 0.98
C VAL A 22 -12.62 10.85 1.56
N SER A 23 -13.88 10.56 1.26
CA SER A 23 -14.54 9.35 1.77
C SER A 23 -13.67 8.10 1.56
N PRO A 24 -13.46 7.69 0.30
CA PRO A 24 -12.65 6.50 -0.02
C PRO A 24 -11.21 6.62 0.47
N ALA A 25 -10.79 7.84 0.80
CA ALA A 25 -9.43 8.07 1.29
C ALA A 25 -8.40 7.65 0.24
N GLU A 26 -7.18 8.17 0.38
CA GLU A 26 -6.11 7.85 -0.56
C GLU A 26 -4.74 8.06 0.08
N LEU A 27 -3.71 7.47 -0.53
CA LEU A 27 -2.35 7.59 -0.03
C LEU A 27 -1.46 8.25 -1.09
N THR A 28 -0.92 9.42 -0.76
CA THR A 28 -0.05 10.15 -1.68
C THR A 28 1.42 9.90 -1.35
N TRP A 29 2.25 9.86 -2.38
CA TRP A 29 3.68 9.63 -2.21
C TRP A 29 4.49 10.58 -3.07
N ARG A 30 5.17 11.53 -2.43
CA ARG A 30 5.98 12.50 -3.15
C ARG A 30 7.48 12.24 -2.93
N SER A 31 8.24 12.31 -4.00
CA SER A 31 9.68 12.09 -3.93
C SER A 31 10.35 13.07 -2.97
N THR A 32 11.36 12.60 -2.24
CA THR A 32 12.07 13.44 -1.29
C THR A 32 12.72 14.63 -2.00
N ASP A 33 13.39 14.35 -3.12
CA ASP A 33 14.05 15.41 -3.89
C ASP A 33 13.58 15.39 -5.34
N GLY A 34 13.48 14.20 -5.92
CA GLY A 34 13.05 14.08 -7.30
C GLY A 34 11.68 14.69 -7.53
N ASP A 35 11.12 14.44 -8.70
CA ASP A 35 9.81 14.98 -9.05
C ASP A 35 8.83 13.85 -9.41
N LYS A 36 9.04 12.69 -8.80
CA LYS A 36 8.17 11.54 -9.05
C LYS A 36 7.17 11.34 -7.92
N VAL A 37 5.90 11.44 -8.24
CA VAL A 37 4.84 11.27 -7.24
C VAL A 37 3.74 10.34 -7.75
N HIS A 38 3.26 9.47 -6.88
CA HIS A 38 2.21 8.53 -7.23
C HIS A 38 1.11 8.50 -6.17
N THR A 39 -0.12 8.21 -6.60
CA THR A 39 -1.25 8.15 -5.68
C THR A 39 -1.94 6.79 -5.74
N VAL A 40 -2.45 6.33 -4.61
CA VAL A 40 -3.13 5.05 -4.53
C VAL A 40 -4.32 5.12 -3.59
N VAL A 41 -5.50 4.81 -4.12
CA VAL A 41 -6.73 4.83 -3.33
C VAL A 41 -6.80 3.64 -2.38
N LEU A 42 -6.65 3.91 -1.09
CA LEU A 42 -6.69 2.85 -0.08
C LEU A 42 -8.07 2.17 -0.05
N SER A 43 -9.08 2.88 -0.53
CA SER A 43 -10.44 2.34 -0.56
C SER A 43 -10.49 1.00 -1.28
N THR A 44 -9.84 0.94 -2.44
CA THR A 44 -9.80 -0.29 -3.22
C THR A 44 -9.15 -1.43 -2.43
N ILE A 45 -8.23 -1.07 -1.54
CA ILE A 45 -7.54 -2.06 -0.72
C ILE A 45 -8.52 -2.81 0.17
N ASP A 46 -8.16 -4.04 0.53
CA ASP A 46 -9.00 -4.87 1.38
C ASP A 46 -8.23 -5.34 2.61
N LYS A 47 -7.04 -5.87 2.39
CA LYS A 47 -6.20 -6.37 3.47
C LYS A 47 -4.79 -5.78 3.36
N LEU A 48 -4.06 -5.80 4.48
CA LEU A 48 -2.70 -5.28 4.51
C LEU A 48 -1.75 -6.26 5.20
N GLN A 49 -0.48 -6.21 4.83
CA GLN A 49 0.52 -7.09 5.42
C GLN A 49 1.88 -6.41 5.46
N ALA A 50 2.58 -6.54 6.58
CA ALA A 50 3.90 -5.95 6.74
C ALA A 50 4.94 -7.01 7.10
N THR A 51 6.21 -6.68 6.86
CA THR A 51 7.30 -7.60 7.15
C THR A 51 7.60 -7.63 8.65
N PRO A 52 8.27 -8.70 9.12
CA PRO A 52 8.62 -8.84 10.54
C PRO A 52 9.68 -7.84 10.98
N ALA A 53 9.51 -7.28 12.18
CA ALA A 53 10.46 -6.32 12.71
C ALA A 53 11.85 -6.92 12.83
N SER A 54 11.91 -8.23 13.04
CA SER A 54 13.19 -8.93 13.19
C SER A 54 13.96 -8.91 11.88
N SER A 55 13.23 -8.90 10.76
CA SER A 55 13.86 -8.87 9.44
C SER A 55 14.56 -7.54 9.20
N GLU A 56 15.40 -7.50 8.17
CA GLU A 56 16.14 -6.29 7.83
C GLU A 56 15.37 -5.46 6.79
N LYS A 57 14.87 -6.14 5.77
CA LYS A 57 14.12 -5.46 4.71
C LYS A 57 12.73 -5.05 5.20
N MET A 58 12.65 -3.88 5.82
CA MET A 58 11.38 -3.37 6.33
C MET A 58 10.54 -2.79 5.21
N MET A 59 9.39 -3.41 4.94
CA MET A 59 8.50 -2.95 3.89
C MET A 59 7.05 -3.31 4.21
N LEU A 60 6.12 -2.70 3.49
CA LEU A 60 4.70 -2.97 3.69
C LEU A 60 4.04 -3.42 2.39
N ARG A 61 2.93 -4.13 2.51
CA ARG A 61 2.20 -4.62 1.35
C ARG A 61 0.69 -4.60 1.59
N LEU A 62 -0.02 -3.94 0.69
CA LEU A 62 -1.48 -3.84 0.80
C LEU A 62 -2.16 -4.64 -0.30
N ILE A 63 -3.02 -5.57 0.09
CA ILE A 63 -3.75 -6.39 -0.87
C ILE A 63 -5.03 -5.71 -1.34
N GLY A 64 -5.27 -5.74 -2.63
CA GLY A 64 -6.47 -5.12 -3.19
C GLY A 64 -7.71 -5.93 -2.90
N LYS A 65 -8.80 -5.61 -3.62
CA LYS A 65 -10.05 -6.32 -3.43
C LYS A 65 -10.33 -7.27 -4.60
N VAL A 66 -11.19 -8.26 -4.36
CA VAL A 66 -11.53 -9.23 -5.38
C VAL A 66 -12.90 -8.95 -5.98
N ASP A 67 -13.14 -9.46 -7.18
CA ASP A 67 -14.41 -9.26 -7.86
C ASP A 67 -14.52 -10.14 -9.10
N GLU A 68 -15.58 -10.93 -9.18
CA GLU A 68 -15.80 -11.82 -10.32
C GLU A 68 -17.26 -11.82 -10.74
N SER A 69 -17.90 -10.66 -10.63
CA SER A 69 -19.30 -10.53 -11.00
C SER A 69 -19.54 -9.23 -11.77
N LYS A 70 -19.27 -8.10 -11.11
CA LYS A 70 -19.46 -6.80 -11.73
C LYS A 70 -18.58 -6.65 -12.98
N LYS A 71 -17.30 -6.99 -12.83
CA LYS A 71 -16.36 -6.89 -13.95
C LYS A 71 -16.26 -5.46 -14.45
N ARG A 72 -15.23 -5.20 -15.25
CA ARG A 72 -15.01 -3.86 -15.81
C ARG A 72 -14.33 -3.95 -17.16
N LYS A 73 -14.07 -2.78 -17.76
CA LYS A 73 -13.41 -2.73 -19.06
C LYS A 73 -12.62 -1.43 -19.22
N ASP A 74 -11.31 -1.54 -19.34
CA ASP A 74 -10.44 -0.39 -19.49
C ASP A 74 -9.11 -0.77 -20.12
N ASN A 75 -9.06 -0.74 -21.45
CA ASN A 75 -7.84 -1.08 -22.18
C ASN A 75 -7.98 -0.75 -23.67
N GLU A 76 -8.73 -1.57 -24.39
CA GLU A 76 -8.94 -1.36 -25.81
C GLU A 76 -9.89 -2.41 -26.39
N GLY A 77 -10.90 -2.78 -25.60
CA GLY A 77 -11.85 -3.77 -26.05
C GLY A 77 -11.53 -5.16 -25.54
N ASN A 78 -11.75 -5.37 -24.24
CA ASN A 78 -11.48 -6.67 -23.63
C ASN A 78 -11.89 -6.66 -22.15
N GLU A 79 -12.66 -7.65 -21.75
CA GLU A 79 -13.12 -7.77 -20.37
C GLU A 79 -12.04 -8.38 -19.49
N VAL A 80 -11.70 -7.69 -18.41
CA VAL A 80 -10.68 -8.18 -17.48
C VAL A 80 -11.30 -8.58 -16.15
N VAL A 81 -10.78 -9.65 -15.55
CA VAL A 81 -11.28 -10.13 -14.28
C VAL A 81 -10.41 -9.63 -13.12
N PRO A 82 -10.91 -8.66 -12.33
CA PRO A 82 -10.19 -8.09 -11.20
C PRO A 82 -9.41 -9.12 -10.41
N LYS A 83 -8.18 -9.31 -10.83
CA LYS A 83 -7.28 -10.27 -10.20
C LYS A 83 -6.79 -9.74 -8.84
N PRO A 84 -6.53 -10.65 -7.89
CA PRO A 84 -6.05 -10.27 -6.55
C PRO A 84 -4.83 -9.35 -6.61
N GLN A 85 -5.09 -8.05 -6.62
CA GLN A 85 -4.00 -7.07 -6.67
C GLN A 85 -3.22 -7.05 -5.35
N ARG A 86 -1.92 -6.82 -5.45
CA ARG A 86 -1.06 -6.78 -4.27
C ARG A 86 0.15 -5.87 -4.50
N HIS A 87 0.12 -4.69 -3.90
CA HIS A 87 1.20 -3.74 -4.04
C HIS A 87 2.03 -3.65 -2.76
N MET A 88 3.30 -3.32 -2.89
CA MET A 88 4.19 -3.21 -1.74
C MET A 88 5.06 -1.96 -1.83
N PHE A 89 5.42 -1.42 -0.68
CA PHE A 89 6.25 -0.21 -0.63
C PHE A 89 7.46 -0.43 0.28
N SER A 90 8.60 0.15 -0.10
CA SER A 90 9.82 0.02 0.68
C SER A 90 9.86 1.04 1.82
N PHE A 91 10.50 0.68 2.92
CA PHE A 91 10.61 1.57 4.07
C PHE A 91 12.01 1.52 4.67
N ASN A 92 12.28 2.43 5.60
CA ASN A 92 13.58 2.49 6.25
C ASN A 92 13.43 2.75 7.74
N ASN A 93 12.36 2.23 8.32
CA ASN A 93 12.10 2.41 9.75
C ASN A 93 10.95 1.50 10.20
N ARG A 94 11.03 1.06 11.45
CA ARG A 94 10.00 0.18 12.02
C ARG A 94 8.81 1.00 12.50
N THR A 95 9.08 2.00 13.33
CA THR A 95 8.02 2.85 13.87
C THR A 95 7.26 3.55 12.75
N VAL A 96 8.00 4.14 11.82
CA VAL A 96 7.40 4.85 10.70
C VAL A 96 6.52 3.91 9.87
N MET A 97 7.13 2.85 9.34
CA MET A 97 6.40 1.87 8.53
C MET A 97 5.27 1.24 9.33
N ASP A 98 5.46 1.12 10.63
CA ASP A 98 4.44 0.53 11.51
C ASP A 98 3.19 1.41 11.55
N ASN A 99 3.39 2.71 11.74
CA ASN A 99 2.28 3.65 11.81
C ASN A 99 1.43 3.59 10.53
N ILE A 100 2.07 3.26 9.41
CA ILE A 100 1.37 3.17 8.13
C ILE A 100 0.36 2.02 8.15
N LYS A 101 0.82 0.84 8.54
CA LYS A 101 -0.05 -0.34 8.59
C LYS A 101 -1.26 -0.08 9.49
N MET A 102 -1.01 0.55 10.64
CA MET A 102 -2.09 0.85 11.58
C MET A 102 -3.02 1.93 11.03
N THR A 103 -2.42 2.95 10.43
CA THR A 103 -3.18 4.05 9.85
C THR A 103 -3.99 3.58 8.64
N LEU A 104 -3.54 2.50 8.01
CA LEU A 104 -4.23 1.95 6.85
C LEU A 104 -5.40 1.06 7.26
N GLN A 105 -5.13 0.15 8.20
CA GLN A 105 -6.17 -0.77 8.67
C GLN A 105 -7.38 -0.02 9.20
N GLN A 106 -7.15 1.19 9.70
CA GLN A 106 -8.22 2.02 10.23
C GLN A 106 -9.11 2.55 9.12
N ILE A 107 -8.52 2.78 7.95
CA ILE A 107 -9.25 3.29 6.79
C ILE A 107 -10.07 2.19 6.13
N ILE A 108 -9.54 0.97 6.15
CA ILE A 108 -10.22 -0.17 5.55
C ILE A 108 -11.41 -0.61 6.40
N SER A 109 -11.18 -0.80 7.69
CA SER A 109 -12.25 -1.22 8.59
C SER A 109 -13.35 -0.17 8.64
N ARG A 110 -12.99 1.08 8.45
CA ARG A 110 -13.96 2.17 8.47
C ARG A 110 -14.95 2.05 7.32
N TYR A 111 -14.48 1.49 6.21
CA TYR A 111 -15.32 1.31 5.02
C TYR A 111 -15.74 -0.15 4.86
N LYS A 112 -15.44 -0.97 5.87
CA LYS A 112 -15.80 -2.39 5.82
C LYS A 112 -17.21 -2.61 6.31
N ASP A 113 -17.65 -1.78 7.25
CA ASP A 113 -19.00 -1.89 7.80
C ASP A 113 -20.05 -1.66 6.73
N ALA A 114 -19.79 -0.71 5.84
CA ALA A 114 -20.72 -0.39 4.76
C ALA A 114 -20.54 -1.36 3.59
N ASP A 115 -19.42 -1.23 2.90
CA ASP A 115 -19.12 -2.09 1.76
C ASP A 115 -18.33 -3.31 2.18
N ASP B 1 16.31 -15.76 -8.78
CA ASP B 1 15.61 -14.60 -9.31
C ASP B 1 15.28 -13.61 -8.18
N LEU B 2 14.88 -14.14 -7.03
CA LEU B 2 14.54 -13.32 -5.88
C LEU B 2 13.26 -12.52 -6.13
N ASP B 3 12.53 -12.87 -7.19
CA ASP B 3 11.30 -12.18 -7.52
C ASP B 3 10.11 -12.84 -6.83
N GLU B 4 10.15 -14.17 -6.73
CA GLU B 4 9.08 -14.92 -6.09
C GLU B 4 9.12 -14.74 -4.58
N SER B 5 10.32 -14.53 -4.04
CA SER B 5 10.48 -14.34 -2.61
C SER B 5 9.67 -13.14 -2.11
N TRP B 6 9.47 -12.17 -3.00
CA TRP B 6 8.72 -10.97 -2.65
C TRP B 6 7.30 -11.33 -2.19
N ASP B 7 6.78 -12.44 -2.70
CA ASP B 7 5.44 -12.89 -2.34
C ASP B 7 5.46 -13.58 -0.98
N TYR B 8 6.58 -14.19 -0.62
CA TYR B 8 6.71 -14.88 0.65
C TYR B 8 7.11 -13.91 1.76
N ILE B 9 8.02 -13.00 1.45
CA ILE B 9 8.49 -12.02 2.42
C ILE B 9 7.34 -11.18 2.95
N PHE B 10 6.33 -10.97 2.12
CA PHE B 10 5.17 -10.17 2.49
C PHE B 10 4.03 -11.06 2.99
N GLU B 11 3.98 -12.28 2.47
CA GLU B 11 2.94 -13.23 2.86
C GLU B 11 3.27 -13.88 4.20
N THR B 12 4.56 -14.03 4.48
CA THR B 12 5.01 -14.65 5.72
C THR B 12 4.53 -13.84 6.92
N THR B 13 4.77 -14.36 8.12
CA THR B 13 4.35 -13.69 9.34
C THR B 13 5.07 -14.29 10.56
N PRO A 1 -4.20 15.40 12.75
CA PRO A 1 -2.88 14.70 12.71
C PRO A 1 -2.27 14.75 11.31
N SER A 2 -1.05 15.28 11.22
CA SER A 2 -0.35 15.39 9.96
C SER A 2 -0.10 14.01 9.35
N HIS A 3 -0.93 13.64 8.37
CA HIS A 3 -0.81 12.34 7.72
C HIS A 3 0.26 12.39 6.62
N SER A 4 1.50 12.10 7.01
CA SER A 4 2.62 12.11 6.07
C SER A 4 3.82 11.35 6.62
N GLY A 5 4.51 10.63 5.74
CA GLY A 5 5.67 9.87 6.16
C GLY A 5 6.57 9.48 5.00
N ALA A 6 7.87 9.43 5.27
CA ALA A 6 8.83 9.06 4.23
C ALA A 6 8.59 7.65 3.72
N ALA A 7 8.10 7.55 2.49
CA ALA A 7 7.82 6.26 1.88
C ALA A 7 8.53 6.11 0.54
N ILE A 8 9.25 5.00 0.37
CA ILE A 8 9.98 4.75 -0.86
C ILE A 8 9.21 3.81 -1.77
N PHE A 9 8.57 4.38 -2.80
CA PHE A 9 7.79 3.58 -3.75
C PHE A 9 8.55 3.43 -5.07
N GLU A 10 8.47 2.23 -5.66
CA GLU A 10 9.15 1.96 -6.92
C GLU A 10 10.66 2.10 -6.77
N LYS A 11 11.17 1.78 -5.59
CA LYS A 11 12.60 1.89 -5.32
C LYS A 11 13.08 3.33 -5.45
N VAL A 12 12.19 4.27 -5.13
CA VAL A 12 12.53 5.69 -5.20
C VAL A 12 12.22 6.39 -3.88
N SER A 13 13.14 7.23 -3.44
CA SER A 13 12.95 7.97 -2.19
C SER A 13 11.93 9.09 -2.35
N GLY A 14 10.87 9.04 -1.55
CA GLY A 14 9.83 10.05 -1.63
C GLY A 14 9.00 10.10 -0.37
N ILE A 15 8.15 11.12 -0.28
CA ILE A 15 7.28 11.29 0.89
C ILE A 15 5.83 11.00 0.54
N ILE A 16 5.14 10.30 1.43
CA ILE A 16 3.73 9.95 1.20
C ILE A 16 2.81 10.88 1.99
N ALA A 17 1.67 11.21 1.41
CA ALA A 17 0.70 12.08 2.07
C ALA A 17 -0.73 11.63 1.80
N ILE A 18 -1.46 11.35 2.87
CA ILE A 18 -2.85 10.91 2.74
C ILE A 18 -3.81 12.08 2.83
N ASN A 19 -4.79 12.11 1.93
CA ASN A 19 -5.78 13.18 1.89
C ASN A 19 -7.15 12.67 2.32
N GLU A 20 -7.68 13.25 3.38
CA GLU A 20 -9.00 12.85 3.88
C GLU A 20 -10.07 13.85 3.46
N ASP A 21 -9.87 14.49 2.31
CA ASP A 21 -10.82 15.47 1.79
C ASP A 21 -11.96 14.77 1.06
N VAL A 22 -11.66 13.63 0.45
CA VAL A 22 -12.67 12.86 -0.27
C VAL A 22 -13.04 11.60 0.49
N SER A 23 -14.29 11.18 0.33
CA SER A 23 -14.79 9.99 1.01
C SER A 23 -13.83 8.81 0.85
N PRO A 24 -13.65 8.31 -0.38
CA PRO A 24 -12.76 7.18 -0.66
C PRO A 24 -11.31 7.46 -0.24
N ALA A 25 -10.99 8.74 -0.04
CA ALA A 25 -9.64 9.14 0.36
C ALA A 25 -8.62 8.79 -0.72
N GLU A 26 -7.40 9.25 -0.54
CA GLU A 26 -6.33 8.98 -1.51
C GLU A 26 -4.96 9.17 -0.88
N LEU A 27 -3.98 8.40 -1.34
CA LEU A 27 -2.62 8.48 -0.83
C LEU A 27 -1.68 9.02 -1.90
N THR A 28 -1.07 10.17 -1.62
CA THR A 28 -0.15 10.79 -2.56
C THR A 28 1.29 10.46 -2.21
N TRP A 29 2.14 10.34 -3.23
CA TRP A 29 3.55 10.03 -3.03
C TRP A 29 4.42 10.82 -4.00
N ARG A 30 5.14 11.80 -3.47
CA ARG A 30 6.03 12.63 -4.29
C ARG A 30 7.49 12.32 -3.99
N SER A 31 8.29 12.20 -5.05
CA SER A 31 9.71 11.91 -4.91
C SER A 31 10.41 12.97 -4.07
N THR A 32 11.37 12.55 -3.26
CA THR A 32 12.11 13.46 -2.41
C THR A 32 12.82 14.53 -3.24
N ASP A 33 13.75 14.09 -4.08
CA ASP A 33 14.51 15.01 -4.92
C ASP A 33 14.38 14.62 -6.39
N GLY A 34 13.24 14.03 -6.75
CA GLY A 34 13.03 13.61 -8.12
C GLY A 34 11.82 14.29 -8.74
N ASP A 35 11.30 13.70 -9.82
CA ASP A 35 10.15 14.25 -10.51
C ASP A 35 9.12 13.17 -10.81
N LYS A 36 9.06 12.17 -9.93
CA LYS A 36 8.11 11.07 -10.09
C LYS A 36 7.14 11.01 -8.92
N VAL A 37 5.85 11.17 -9.22
CA VAL A 37 4.82 11.13 -8.19
C VAL A 37 3.66 10.22 -8.61
N HIS A 38 3.30 9.30 -7.71
CA HIS A 38 2.20 8.37 -7.97
C HIS A 38 1.10 8.50 -6.94
N THR A 39 -0.13 8.21 -7.35
CA THR A 39 -1.28 8.30 -6.46
C THR A 39 -2.05 6.99 -6.43
N VAL A 40 -2.29 6.47 -5.22
CA VAL A 40 -3.02 5.23 -5.06
C VAL A 40 -4.11 5.36 -4.00
N VAL A 41 -5.36 5.26 -4.41
CA VAL A 41 -6.49 5.37 -3.49
C VAL A 41 -6.40 4.32 -2.38
N LEU A 42 -6.54 4.77 -1.14
CA LEU A 42 -6.46 3.87 0.01
C LEU A 42 -7.72 3.01 0.11
N SER A 43 -8.81 3.47 -0.49
CA SER A 43 -10.07 2.73 -0.47
C SER A 43 -9.90 1.35 -1.08
N THR A 44 -9.15 1.28 -2.17
CA THR A 44 -8.92 0.00 -2.86
C THR A 44 -8.34 -1.04 -1.91
N ILE A 45 -7.70 -0.57 -0.84
CA ILE A 45 -7.10 -1.46 0.13
C ILE A 45 -8.14 -1.94 1.14
N ASP A 46 -8.20 -3.25 1.34
CA ASP A 46 -9.14 -3.85 2.28
C ASP A 46 -8.43 -4.34 3.54
N LYS A 47 -7.20 -4.81 3.37
CA LYS A 47 -6.41 -5.32 4.48
C LYS A 47 -5.01 -4.70 4.48
N LEU A 48 -4.39 -4.63 5.64
CA LEU A 48 -3.05 -4.06 5.78
C LEU A 48 -2.03 -5.15 6.08
N GLN A 49 -0.78 -4.92 5.69
CA GLN A 49 0.28 -5.88 5.92
C GLN A 49 1.63 -5.17 6.06
N ALA A 50 2.56 -5.82 6.76
CA ALA A 50 3.89 -5.26 6.97
C ALA A 50 4.92 -6.36 7.19
N THR A 51 6.19 -5.99 7.13
CA THR A 51 7.27 -6.95 7.33
C THR A 51 7.60 -7.11 8.81
N PRO A 52 8.13 -8.28 9.21
CA PRO A 52 8.48 -8.56 10.60
C PRO A 52 9.68 -7.73 11.07
N ALA A 53 9.77 -7.53 12.38
CA ALA A 53 10.86 -6.75 12.96
C ALA A 53 12.20 -7.46 12.76
N SER A 54 12.16 -8.79 12.72
CA SER A 54 13.37 -9.59 12.54
C SER A 54 13.97 -9.37 11.16
N SER A 55 13.10 -9.08 10.18
CA SER A 55 13.56 -8.85 8.82
C SER A 55 14.52 -7.66 8.76
N GLU A 56 15.63 -7.86 8.05
CA GLU A 56 16.64 -6.82 7.91
C GLU A 56 16.07 -5.59 7.20
N LYS A 57 15.12 -5.83 6.30
CA LYS A 57 14.49 -4.75 5.56
C LYS A 57 13.11 -4.43 6.12
N MET A 58 12.95 -3.20 6.61
CA MET A 58 11.68 -2.77 7.18
C MET A 58 10.83 -2.06 6.13
N MET A 59 9.71 -2.67 5.77
CA MET A 59 8.80 -2.09 4.78
C MET A 59 7.37 -2.53 5.02
N LEU A 60 6.42 -1.75 4.51
CA LEU A 60 5.00 -2.06 4.67
C LEU A 60 4.31 -2.14 3.32
N ARG A 61 3.21 -2.88 3.26
CA ARG A 61 2.47 -3.04 2.01
C ARG A 61 0.97 -3.16 2.28
N LEU A 62 0.16 -2.73 1.32
CA LEU A 62 -1.29 -2.79 1.45
C LEU A 62 -1.89 -3.74 0.42
N ILE A 63 -2.91 -4.48 0.82
CA ILE A 63 -3.57 -5.43 -0.07
C ILE A 63 -4.89 -4.87 -0.60
N GLY A 64 -4.99 -4.73 -1.90
CA GLY A 64 -6.20 -4.21 -2.51
C GLY A 64 -7.41 -5.05 -2.21
N LYS A 65 -8.54 -4.74 -2.85
CA LYS A 65 -9.77 -5.48 -2.65
C LYS A 65 -9.84 -6.69 -3.57
N VAL A 66 -10.95 -7.41 -3.52
CA VAL A 66 -11.14 -8.60 -4.35
C VAL A 66 -12.40 -8.48 -5.20
N ASP A 67 -12.41 -9.18 -6.33
CA ASP A 67 -13.56 -9.15 -7.22
C ASP A 67 -13.41 -10.19 -8.33
N GLU A 68 -14.08 -11.32 -8.18
CA GLU A 68 -14.02 -12.39 -9.18
C GLU A 68 -15.24 -12.35 -10.09
N SER A 69 -15.70 -11.14 -10.40
CA SER A 69 -16.87 -10.98 -11.27
C SER A 69 -16.63 -9.85 -12.27
N LYS A 70 -15.38 -9.69 -12.70
CA LYS A 70 -15.03 -8.65 -13.66
C LYS A 70 -14.48 -9.26 -14.94
N LYS A 71 -13.25 -9.75 -14.89
CA LYS A 71 -12.61 -10.36 -16.05
C LYS A 71 -12.52 -9.36 -17.20
N ARG A 72 -12.01 -9.84 -18.34
CA ARG A 72 -11.88 -8.99 -19.52
C ARG A 72 -10.95 -7.81 -19.24
N LYS A 73 -10.81 -6.93 -20.22
CA LYS A 73 -9.95 -5.75 -20.08
C LYS A 73 -10.79 -4.50 -19.85
N ASP A 74 -11.02 -4.18 -18.57
CA ASP A 74 -11.80 -3.00 -18.21
C ASP A 74 -10.90 -1.81 -17.92
N ASN A 75 -11.50 -0.68 -17.58
CA ASN A 75 -10.74 0.53 -17.28
C ASN A 75 -9.91 0.96 -18.48
N GLU A 76 -10.48 1.84 -19.31
CA GLU A 76 -9.79 2.34 -20.49
C GLU A 76 -9.49 1.20 -21.47
N GLY A 77 -8.42 0.46 -21.19
CA GLY A 77 -8.06 -0.64 -22.05
C GLY A 77 -6.77 -1.33 -21.61
N ASN A 78 -6.92 -2.49 -20.98
CA ASN A 78 -5.76 -3.24 -20.50
C ASN A 78 -6.19 -4.57 -19.89
N GLU A 79 -5.78 -5.67 -20.50
CA GLU A 79 -6.13 -7.00 -20.02
C GLU A 79 -5.60 -7.22 -18.61
N VAL A 80 -6.47 -7.01 -17.62
CA VAL A 80 -6.11 -7.19 -16.22
C VAL A 80 -6.64 -8.51 -15.68
N VAL A 81 -5.89 -9.11 -14.77
CA VAL A 81 -6.29 -10.38 -14.16
C VAL A 81 -7.23 -10.15 -12.99
N PRO A 82 -8.31 -10.94 -12.89
CA PRO A 82 -9.29 -10.81 -11.80
C PRO A 82 -8.73 -11.30 -10.47
N LYS A 83 -7.68 -10.65 -9.99
CA LYS A 83 -7.05 -11.01 -8.73
C LYS A 83 -6.78 -9.78 -7.88
N PRO A 84 -6.66 -9.94 -6.55
CA PRO A 84 -6.39 -8.83 -5.63
C PRO A 84 -4.98 -8.28 -5.79
N GLN A 85 -4.88 -6.96 -5.96
CA GLN A 85 -3.59 -6.31 -6.13
C GLN A 85 -2.92 -6.07 -4.77
N ARG A 86 -1.59 -6.08 -4.76
CA ARG A 86 -0.84 -5.86 -3.54
C ARG A 86 0.28 -4.84 -3.75
N HIS A 87 0.14 -3.68 -3.11
CA HIS A 87 1.13 -2.61 -3.24
C HIS A 87 2.02 -2.57 -2.01
N MET A 88 3.33 -2.51 -2.23
CA MET A 88 4.29 -2.45 -1.14
C MET A 88 5.20 -1.24 -1.26
N PHE A 89 5.66 -0.74 -0.11
CA PHE A 89 6.54 0.43 -0.09
C PHE A 89 7.54 0.31 1.06
N SER A 90 8.75 0.84 0.83
CA SER A 90 9.80 0.80 1.84
C SER A 90 9.65 1.94 2.83
N PHE A 91 10.30 1.80 3.99
CA PHE A 91 10.24 2.82 5.03
C PHE A 91 11.47 2.74 5.93
N ASN A 92 11.79 3.85 6.60
CA ASN A 92 12.94 3.90 7.49
C ASN A 92 12.56 4.50 8.84
N ASN A 93 11.33 4.23 9.27
CA ASN A 93 10.84 4.75 10.55
C ASN A 93 9.83 3.79 11.17
N ARG A 94 10.21 3.15 12.26
CA ARG A 94 9.34 2.21 12.96
C ARG A 94 8.07 2.91 13.45
N THR A 95 8.23 4.13 13.94
CA THR A 95 7.10 4.90 14.44
C THR A 95 6.21 5.38 13.30
N VAL A 96 6.85 5.79 12.20
CA VAL A 96 6.11 6.27 11.03
C VAL A 96 5.48 5.12 10.27
N MET A 97 6.15 3.97 10.29
CA MET A 97 5.65 2.78 9.60
C MET A 97 4.27 2.37 10.13
N ASP A 98 4.06 2.59 11.42
CA ASP A 98 2.79 2.25 12.05
C ASP A 98 1.78 3.39 11.88
N ASN A 99 2.29 4.62 11.81
CA ASN A 99 1.43 5.79 11.66
C ASN A 99 0.63 5.70 10.36
N ILE A 100 1.18 5.03 9.37
CA ILE A 100 0.52 4.87 8.09
C ILE A 100 -0.57 3.81 8.17
N LYS A 101 -0.21 2.65 8.69
CA LYS A 101 -1.15 1.54 8.82
C LYS A 101 -2.26 1.90 9.81
N MET A 102 -1.88 2.49 10.94
CA MET A 102 -2.83 2.88 11.96
C MET A 102 -3.83 3.89 11.41
N THR A 103 -3.38 4.70 10.46
CA THR A 103 -4.23 5.71 9.85
C THR A 103 -5.06 5.11 8.73
N LEU A 104 -4.49 4.12 8.04
CA LEU A 104 -5.19 3.45 6.95
C LEU A 104 -6.28 2.54 7.48
N GLN A 105 -6.00 1.85 8.58
CA GLN A 105 -6.96 0.93 9.19
C GLN A 105 -8.24 1.67 9.57
N GLN A 106 -8.11 2.96 9.91
CA GLN A 106 -9.26 3.76 10.29
C GLN A 106 -10.10 4.14 9.07
N ILE A 107 -9.42 4.39 7.95
CA ILE A 107 -10.11 4.75 6.71
C ILE A 107 -10.87 3.56 6.13
N ILE A 108 -10.27 2.38 6.24
CA ILE A 108 -10.90 1.16 5.72
C ILE A 108 -12.04 0.71 6.62
N SER A 109 -11.79 0.72 7.93
CA SER A 109 -12.79 0.30 8.90
C SER A 109 -14.05 1.17 8.79
N ARG A 110 -13.85 2.46 8.59
CA ARG A 110 -14.96 3.39 8.46
C ARG A 110 -15.83 3.06 7.25
N TYR A 111 -15.18 2.79 6.13
CA TYR A 111 -15.89 2.44 4.90
C TYR A 111 -16.12 0.93 4.78
N LYS A 112 -15.81 0.20 5.85
CA LYS A 112 -15.98 -1.24 5.86
C LYS A 112 -17.31 -1.64 6.49
N ASP A 113 -17.62 -1.01 7.63
CA ASP A 113 -18.86 -1.30 8.35
C ASP A 113 -20.04 -0.63 7.66
N ALA A 114 -19.80 0.51 7.03
CA ALA A 114 -20.83 1.25 6.34
C ALA A 114 -21.42 0.43 5.20
N ASP A 115 -20.58 -0.39 4.57
CA ASP A 115 -21.00 -1.24 3.45
C ASP A 115 -21.88 -0.47 2.48
N ASP B 1 15.29 -16.12 -7.05
CA ASP B 1 14.09 -16.07 -6.22
C ASP B 1 14.09 -14.82 -5.34
N LEU B 2 14.66 -13.73 -5.86
CA LEU B 2 14.74 -12.48 -5.11
C LEU B 2 13.43 -11.70 -5.24
N ASP B 3 12.78 -11.84 -6.39
CA ASP B 3 11.51 -11.15 -6.64
C ASP B 3 10.36 -11.84 -5.93
N GLU B 4 10.43 -13.16 -5.85
CA GLU B 4 9.39 -13.96 -5.22
C GLU B 4 9.39 -13.72 -3.71
N SER B 5 10.57 -13.47 -3.15
CA SER B 5 10.71 -13.22 -1.72
C SER B 5 9.87 -12.02 -1.29
N TRP B 6 9.67 -11.08 -2.20
CA TRP B 6 8.89 -9.88 -1.91
C TRP B 6 7.47 -10.24 -1.48
N ASP B 7 6.99 -11.39 -1.95
CA ASP B 7 5.64 -11.85 -1.61
C ASP B 7 5.63 -12.53 -0.24
N TYR B 8 6.75 -13.12 0.14
CA TYR B 8 6.87 -13.81 1.42
C TYR B 8 7.27 -12.85 2.52
N ILE B 9 8.17 -11.91 2.19
CA ILE B 9 8.64 -10.93 3.16
C ILE B 9 7.49 -10.12 3.74
N PHE B 10 6.47 -9.89 2.91
CA PHE B 10 5.30 -9.13 3.34
C PHE B 10 4.20 -10.04 3.84
N GLU B 11 4.13 -11.25 3.29
CA GLU B 11 3.13 -12.22 3.70
C GLU B 11 3.36 -12.68 5.13
N THR B 12 4.55 -13.18 5.40
CA THR B 12 4.90 -13.64 6.74
C THR B 12 5.44 -12.50 7.60
N THR B 13 4.99 -12.46 8.86
CA THR B 13 5.43 -11.41 9.78
C THR B 13 5.89 -12.01 11.10
N PRO A 1 1.70 16.57 7.99
CA PRO A 1 2.62 16.75 9.15
C PRO A 1 2.60 15.56 10.09
N SER A 2 1.40 15.18 10.54
CA SER A 2 1.25 14.05 11.44
C SER A 2 0.92 12.78 10.66
N HIS A 3 0.23 12.94 9.55
CA HIS A 3 -0.16 11.80 8.71
C HIS A 3 0.81 11.64 7.54
N SER A 4 1.92 10.95 7.78
CA SER A 4 2.92 10.73 6.75
C SER A 4 4.05 9.84 7.27
N GLY A 5 4.80 9.25 6.35
CA GLY A 5 5.90 8.39 6.73
C GLY A 5 6.81 8.05 5.57
N ALA A 6 8.09 7.82 5.87
CA ALA A 6 9.06 7.48 4.84
C ALA A 6 8.71 6.17 4.16
N ALA A 7 8.24 6.26 2.92
CA ALA A 7 7.86 5.08 2.14
C ALA A 7 8.66 5.00 0.84
N ILE A 8 9.23 3.84 0.57
CA ILE A 8 10.00 3.64 -0.64
C ILE A 8 9.30 2.69 -1.60
N PHE A 9 8.69 3.25 -2.64
CA PHE A 9 7.98 2.46 -3.65
C PHE A 9 8.76 2.40 -4.95
N GLU A 10 8.77 1.22 -5.57
CA GLU A 10 9.48 1.04 -6.83
C GLU A 10 10.98 1.27 -6.65
N LYS A 11 11.49 0.96 -5.46
CA LYS A 11 12.91 1.14 -5.16
C LYS A 11 13.29 2.61 -5.24
N VAL A 12 12.40 3.48 -4.81
CA VAL A 12 12.65 4.92 -4.82
C VAL A 12 12.41 5.54 -3.45
N SER A 13 13.39 6.29 -2.98
CA SER A 13 13.28 6.95 -1.67
C SER A 13 12.33 8.13 -1.74
N GLY A 14 11.24 8.05 -0.99
CA GLY A 14 10.26 9.12 -0.97
C GLY A 14 9.40 9.11 0.29
N ILE A 15 8.61 10.15 0.46
CA ILE A 15 7.74 10.26 1.63
C ILE A 15 6.27 10.04 1.24
N ILE A 16 5.55 9.30 2.10
CA ILE A 16 4.15 9.01 1.84
C ILE A 16 3.24 9.92 2.66
N ALA A 17 2.12 10.31 2.08
CA ALA A 17 1.16 11.18 2.76
C ALA A 17 -0.27 10.69 2.58
N ILE A 18 -0.89 10.28 3.68
CA ILE A 18 -2.26 9.78 3.64
C ILE A 18 -3.26 10.92 3.83
N ASN A 19 -4.30 10.92 3.00
CA ASN A 19 -5.33 11.96 3.08
C ASN A 19 -6.58 11.43 3.80
N GLU A 20 -6.79 11.92 5.01
CA GLU A 20 -7.94 11.50 5.81
C GLU A 20 -8.99 12.61 5.87
N ASP A 21 -9.00 13.46 4.86
CA ASP A 21 -9.96 14.57 4.82
C ASP A 21 -11.17 14.18 3.97
N VAL A 22 -10.95 13.32 2.98
CA VAL A 22 -12.02 12.88 2.10
C VAL A 22 -12.47 11.46 2.48
N SER A 23 -13.75 11.18 2.28
CA SER A 23 -14.30 9.86 2.61
C SER A 23 -13.37 8.74 2.15
N PRO A 24 -13.24 8.54 0.82
CA PRO A 24 -12.35 7.51 0.27
C PRO A 24 -10.89 7.84 0.53
N ALA A 25 -10.42 7.54 1.74
CA ALA A 25 -9.03 7.81 2.13
C ALA A 25 -8.05 7.44 1.01
N GLU A 26 -7.16 8.37 0.69
CA GLU A 26 -6.17 8.14 -0.36
C GLU A 26 -4.75 8.29 0.19
N LEU A 27 -3.82 7.52 -0.37
CA LEU A 27 -2.43 7.56 0.05
C LEU A 27 -1.54 8.10 -1.07
N THR A 28 -0.85 9.20 -0.79
CA THR A 28 0.03 9.81 -1.77
C THR A 28 1.49 9.50 -1.46
N TRP A 29 2.32 9.45 -2.50
CA TRP A 29 3.73 9.15 -2.35
C TRP A 29 4.57 9.98 -3.33
N ARG A 30 5.45 10.81 -2.79
CA ARG A 30 6.31 11.65 -3.61
C ARG A 30 7.79 11.34 -3.36
N SER A 31 8.59 11.37 -4.41
CA SER A 31 10.02 11.09 -4.31
C SER A 31 10.69 12.07 -3.34
N THR A 32 11.67 11.57 -2.59
CA THR A 32 12.38 12.40 -1.64
C THR A 32 13.05 13.58 -2.33
N ASP A 33 13.67 13.32 -3.47
CA ASP A 33 14.35 14.36 -4.23
C ASP A 33 14.40 14.02 -5.72
N GLY A 34 13.39 13.29 -6.18
CA GLY A 34 13.35 12.90 -7.58
C GLY A 34 12.31 13.68 -8.37
N ASP A 35 11.53 12.97 -9.17
CA ASP A 35 10.50 13.60 -9.99
C ASP A 35 9.38 12.62 -10.30
N LYS A 36 9.13 11.69 -9.39
CA LYS A 36 8.08 10.69 -9.57
C LYS A 36 7.18 10.63 -8.35
N VAL A 37 5.90 10.91 -8.55
CA VAL A 37 4.92 10.88 -7.46
C VAL A 37 3.68 10.10 -7.86
N HIS A 38 3.35 9.09 -7.07
CA HIS A 38 2.17 8.26 -7.34
C HIS A 38 1.24 8.24 -6.14
N THR A 39 -0.07 8.16 -6.42
CA THR A 39 -1.07 8.13 -5.36
C THR A 39 -1.96 6.90 -5.49
N VAL A 40 -2.24 6.27 -4.35
CA VAL A 40 -3.08 5.07 -4.33
C VAL A 40 -4.18 5.19 -3.28
N VAL A 41 -5.40 4.83 -3.66
CA VAL A 41 -6.53 4.89 -2.74
C VAL A 41 -6.47 3.77 -1.71
N LEU A 42 -6.73 4.11 -0.45
CA LEU A 42 -6.70 3.13 0.63
C LEU A 42 -7.99 2.32 0.67
N SER A 43 -9.08 2.93 0.20
CA SER A 43 -10.38 2.26 0.19
C SER A 43 -10.32 0.95 -0.59
N THR A 44 -9.41 0.87 -1.55
CA THR A 44 -9.25 -0.33 -2.36
C THR A 44 -8.57 -1.44 -1.57
N ILE A 45 -7.74 -1.05 -0.61
CA ILE A 45 -7.02 -2.02 0.21
C ILE A 45 -7.99 -2.95 0.92
N ASP A 46 -7.55 -4.17 1.19
CA ASP A 46 -8.37 -5.16 1.87
C ASP A 46 -7.67 -5.71 3.10
N LYS A 47 -6.41 -6.11 2.93
CA LYS A 47 -5.64 -6.65 4.04
C LYS A 47 -4.27 -5.95 4.13
N LEU A 48 -3.83 -5.68 5.35
CA LEU A 48 -2.55 -5.02 5.58
C LEU A 48 -1.53 -5.99 6.14
N GLN A 49 -0.39 -6.11 5.46
CA GLN A 49 0.68 -7.01 5.90
C GLN A 49 1.98 -6.26 6.09
N ALA A 50 2.88 -6.83 6.90
CA ALA A 50 4.17 -6.21 7.17
C ALA A 50 5.20 -7.26 7.56
N THR A 51 6.47 -6.86 7.57
CA THR A 51 7.56 -7.76 7.93
C THR A 51 7.70 -7.86 9.45
N PRO A 52 8.26 -8.97 9.95
CA PRO A 52 8.46 -9.18 11.39
C PRO A 52 9.52 -8.25 11.96
N ALA A 53 9.50 -8.09 13.29
CA ALA A 53 10.46 -7.22 13.97
C ALA A 53 11.82 -7.90 14.10
N SER A 54 11.80 -9.23 14.17
CA SER A 54 13.03 -10.00 14.31
C SER A 54 13.90 -9.87 13.06
N SER A 55 13.25 -9.70 11.91
CA SER A 55 13.97 -9.56 10.65
C SER A 55 14.53 -8.16 10.50
N GLU A 56 15.57 -8.03 9.67
CA GLU A 56 16.20 -6.73 9.43
C GLU A 56 15.69 -6.10 8.15
N LYS A 57 14.45 -6.42 7.78
CA LYS A 57 13.85 -5.89 6.57
C LYS A 57 12.46 -5.32 6.86
N MET A 58 12.43 -4.11 7.41
CA MET A 58 11.17 -3.45 7.73
C MET A 58 10.45 -3.00 6.47
N MET A 59 9.31 -3.61 6.19
CA MET A 59 8.52 -3.28 5.02
C MET A 59 7.04 -3.51 5.26
N LEU A 60 6.20 -2.97 4.38
CA LEU A 60 4.75 -3.12 4.50
C LEU A 60 4.10 -3.24 3.13
N ARG A 61 3.20 -4.21 2.99
CA ARG A 61 2.50 -4.42 1.73
C ARG A 61 0.99 -4.38 1.93
N LEU A 62 0.28 -4.00 0.87
CA LEU A 62 -1.18 -3.92 0.93
C LEU A 62 -1.82 -4.92 -0.01
N ILE A 63 -2.94 -5.50 0.42
CA ILE A 63 -3.65 -6.48 -0.38
C ILE A 63 -5.03 -5.96 -0.78
N GLY A 64 -5.14 -5.46 -2.01
CA GLY A 64 -6.42 -4.94 -2.47
C GLY A 64 -7.51 -5.99 -2.52
N LYS A 65 -8.74 -5.55 -2.72
CA LYS A 65 -9.88 -6.46 -2.77
C LYS A 65 -10.06 -7.02 -4.17
N VAL A 66 -11.19 -7.68 -4.40
CA VAL A 66 -11.48 -8.27 -5.71
C VAL A 66 -12.59 -7.49 -6.42
N ASP A 67 -12.49 -7.42 -7.74
CA ASP A 67 -13.48 -6.71 -8.54
C ASP A 67 -13.94 -7.56 -9.72
N GLU A 68 -15.17 -8.09 -9.62
CA GLU A 68 -15.72 -8.93 -10.68
C GLU A 68 -17.11 -8.44 -11.08
N SER A 69 -17.17 -7.76 -12.23
CA SER A 69 -18.45 -7.24 -12.73
C SER A 69 -18.32 -6.81 -14.18
N LYS A 70 -17.66 -5.67 -14.40
CA LYS A 70 -17.47 -5.16 -15.75
C LYS A 70 -16.68 -6.13 -16.60
N LYS A 71 -15.63 -6.70 -16.04
CA LYS A 71 -14.79 -7.66 -16.74
C LYS A 71 -14.08 -6.99 -17.91
N ARG A 72 -13.05 -7.66 -18.43
CA ARG A 72 -12.28 -7.13 -19.55
C ARG A 72 -11.20 -8.11 -19.98
N LYS A 73 -10.31 -7.66 -20.87
CA LYS A 73 -9.22 -8.50 -21.36
C LYS A 73 -8.01 -7.65 -21.72
N ASP A 74 -6.91 -7.86 -21.01
CA ASP A 74 -5.69 -7.10 -21.25
C ASP A 74 -5.23 -7.26 -22.70
N ASN A 75 -4.80 -8.47 -23.06
CA ASN A 75 -4.33 -8.75 -24.41
C ASN A 75 -5.31 -9.67 -25.14
N GLU A 76 -5.25 -10.96 -24.83
CA GLU A 76 -6.13 -11.94 -25.45
C GLU A 76 -5.90 -13.33 -24.87
N GLY A 77 -6.91 -14.19 -24.98
CA GLY A 77 -6.80 -15.54 -24.45
C GLY A 77 -6.80 -15.57 -22.94
N ASN A 78 -7.44 -14.58 -22.33
CA ASN A 78 -7.51 -14.50 -20.86
C ASN A 78 -8.34 -13.30 -20.43
N GLU A 79 -9.57 -13.58 -19.97
CA GLU A 79 -10.46 -12.52 -19.52
C GLU A 79 -10.28 -12.25 -18.03
N VAL A 80 -9.05 -12.05 -17.61
CA VAL A 80 -8.74 -11.78 -16.21
C VAL A 80 -9.11 -10.36 -15.82
N VAL A 81 -9.63 -10.20 -14.60
CA VAL A 81 -10.04 -8.90 -14.10
C VAL A 81 -10.02 -8.86 -12.57
N PRO A 82 -10.89 -9.64 -11.91
CA PRO A 82 -10.95 -9.68 -10.44
C PRO A 82 -9.72 -10.33 -9.82
N LYS A 83 -8.56 -9.72 -10.04
CA LYS A 83 -7.31 -10.25 -9.50
C LYS A 83 -6.95 -9.55 -8.19
N PRO A 84 -6.37 -10.30 -7.23
CA PRO A 84 -5.98 -9.76 -5.93
C PRO A 84 -4.75 -8.86 -6.02
N GLN A 85 -4.91 -7.60 -5.63
CA GLN A 85 -3.82 -6.64 -5.67
C GLN A 85 -2.84 -6.89 -4.53
N ARG A 86 -1.56 -6.64 -4.78
CA ARG A 86 -0.53 -6.84 -3.78
C ARG A 86 0.64 -5.89 -3.99
N HIS A 87 0.62 -4.75 -3.30
CA HIS A 87 1.68 -3.76 -3.42
C HIS A 87 2.54 -3.73 -2.16
N MET A 88 3.82 -4.07 -2.31
CA MET A 88 4.74 -4.08 -1.19
C MET A 88 5.59 -2.81 -1.17
N PHE A 89 5.73 -2.22 0.01
CA PHE A 89 6.51 -1.00 0.17
C PHE A 89 7.67 -1.21 1.13
N SER A 90 8.79 -0.55 0.87
CA SER A 90 9.96 -0.67 1.72
C SER A 90 10.01 0.45 2.76
N PHE A 91 10.48 0.12 3.96
CA PHE A 91 10.58 1.10 5.04
C PHE A 91 11.97 1.11 5.63
N ASN A 92 12.23 2.09 6.50
CA ASN A 92 13.53 2.21 7.14
C ASN A 92 13.39 2.69 8.58
N ASN A 93 12.28 2.32 9.22
CA ASN A 93 12.02 2.70 10.60
C ASN A 93 10.87 1.89 11.17
N ARG A 94 10.99 1.52 12.45
CA ARG A 94 9.96 0.74 13.12
C ARG A 94 8.84 1.65 13.61
N THR A 95 9.20 2.71 14.31
CA THR A 95 8.22 3.66 14.83
C THR A 95 7.39 4.27 13.70
N VAL A 96 8.03 4.45 12.55
CA VAL A 96 7.35 5.03 11.39
C VAL A 96 6.50 3.98 10.68
N MET A 97 7.03 2.77 10.55
CA MET A 97 6.33 1.69 9.89
C MET A 97 5.02 1.36 10.62
N ASP A 98 5.02 1.56 11.94
CA ASP A 98 3.83 1.29 12.74
C ASP A 98 2.78 2.38 12.54
N ASN A 99 3.22 3.62 12.43
CA ASN A 99 2.31 4.74 12.23
C ASN A 99 1.52 4.59 10.94
N ILE A 100 2.21 4.15 9.88
CA ILE A 100 1.57 3.95 8.59
C ILE A 100 0.58 2.79 8.62
N LYS A 101 1.06 1.63 9.06
CA LYS A 101 0.23 0.43 9.15
C LYS A 101 -0.99 0.68 10.02
N MET A 102 -0.76 1.24 11.20
CA MET A 102 -1.84 1.53 12.14
C MET A 102 -2.86 2.49 11.52
N THR A 103 -2.35 3.53 10.87
CA THR A 103 -3.22 4.53 10.23
C THR A 103 -3.91 3.94 9.00
N LEU A 104 -3.28 2.95 8.38
CA LEU A 104 -3.85 2.31 7.20
C LEU A 104 -4.84 1.22 7.59
N GLN A 105 -4.60 0.60 8.74
CA GLN A 105 -5.48 -0.47 9.23
C GLN A 105 -6.77 0.10 9.82
N GLN A 106 -6.68 1.30 10.36
CA GLN A 106 -7.85 1.96 10.95
C GLN A 106 -8.85 2.38 9.88
N ILE A 107 -8.34 2.69 8.69
CA ILE A 107 -9.20 3.10 7.59
C ILE A 107 -9.92 1.90 6.97
N ILE A 108 -9.27 0.75 7.00
CA ILE A 108 -9.86 -0.47 6.44
C ILE A 108 -10.81 -1.12 7.44
N SER A 109 -10.52 -0.96 8.72
CA SER A 109 -11.34 -1.54 9.77
C SER A 109 -12.66 -0.78 9.91
N ARG A 110 -12.63 0.52 9.61
CA ARG A 110 -13.82 1.35 9.70
C ARG A 110 -14.84 0.96 8.62
N TYR A 111 -14.35 0.42 7.51
CA TYR A 111 -15.21 0.00 6.42
C TYR A 111 -15.47 -1.50 6.44
N LYS A 112 -15.08 -2.16 7.54
CA LYS A 112 -15.26 -3.59 7.68
C LYS A 112 -16.53 -3.90 8.47
N ASP A 113 -16.88 -3.02 9.39
CA ASP A 113 -18.07 -3.19 10.21
C ASP A 113 -19.22 -2.33 9.69
N ALA A 114 -18.88 -1.19 9.13
CA ALA A 114 -19.89 -0.27 8.60
C ALA A 114 -20.15 -0.55 7.12
N ASP A 115 -19.09 -0.52 6.32
CA ASP A 115 -19.20 -0.76 4.88
C ASP A 115 -18.83 -2.20 4.55
N ASP B 1 15.11 -11.76 -10.17
CA ASP B 1 15.93 -12.78 -9.52
C ASP B 1 15.69 -12.77 -8.01
N LEU B 2 15.72 -11.59 -7.42
CA LEU B 2 15.50 -11.45 -5.98
C LEU B 2 14.06 -11.03 -5.67
N ASP B 3 13.19 -11.09 -6.68
CA ASP B 3 11.79 -10.72 -6.51
C ASP B 3 11.05 -11.76 -5.67
N GLU B 4 11.49 -13.01 -5.77
CA GLU B 4 10.86 -14.10 -5.04
C GLU B 4 10.91 -13.84 -3.54
N SER B 5 12.08 -13.47 -3.04
CA SER B 5 12.26 -13.18 -1.62
C SER B 5 11.42 -11.99 -1.19
N TRP B 6 11.68 -10.85 -1.82
CA TRP B 6 10.94 -9.61 -1.51
C TRP B 6 9.44 -9.83 -1.64
N ASP B 7 9.04 -10.83 -2.43
CA ASP B 7 7.62 -11.12 -2.62
C ASP B 7 7.12 -12.12 -1.58
N TYR B 8 8.05 -12.87 -0.98
CA TYR B 8 7.69 -13.86 0.03
C TYR B 8 7.90 -13.32 1.45
N ILE B 9 8.82 -12.36 1.58
CA ILE B 9 9.11 -11.78 2.89
C ILE B 9 7.85 -11.24 3.56
N PHE B 10 6.87 -10.85 2.74
CA PHE B 10 5.61 -10.33 3.25
C PHE B 10 4.61 -11.45 3.48
N GLU B 11 4.67 -12.48 2.65
CA GLU B 11 3.77 -13.62 2.77
C GLU B 11 4.18 -14.53 3.92
N THR B 12 5.49 -14.62 4.14
CA THR B 12 6.02 -15.46 5.21
C THR B 12 5.86 -14.78 6.57
N THR B 13 5.61 -15.58 7.60
CA THR B 13 5.43 -15.06 8.96
C THR B 13 4.33 -14.01 8.99
N PRO A 1 -2.89 17.02 10.48
CA PRO A 1 -1.54 16.88 11.10
C PRO A 1 -0.47 16.58 10.06
N SER A 2 -0.53 15.38 9.49
CA SER A 2 0.44 14.96 8.49
C SER A 2 -0.23 14.19 7.36
N HIS A 3 -0.71 12.99 7.68
CA HIS A 3 -1.38 12.14 6.69
C HIS A 3 -0.44 11.82 5.53
N SER A 4 0.81 11.55 5.86
CA SER A 4 1.81 11.22 4.85
C SER A 4 3.11 10.75 5.49
N GLY A 5 3.91 10.00 4.72
CA GLY A 5 5.16 9.49 5.24
C GLY A 5 6.07 8.96 4.15
N ALA A 6 7.37 8.91 4.43
CA ALA A 6 8.34 8.42 3.47
C ALA A 6 8.07 6.96 3.11
N ALA A 7 7.75 6.72 1.84
CA ALA A 7 7.47 5.37 1.36
C ALA A 7 8.08 5.15 -0.02
N ILE A 8 8.78 4.03 -0.18
CA ILE A 8 9.41 3.70 -1.44
C ILE A 8 8.51 2.79 -2.27
N PHE A 9 8.43 3.09 -3.57
CA PHE A 9 7.61 2.30 -4.48
C PHE A 9 8.44 1.86 -5.70
N GLU A 10 8.84 0.59 -5.70
CA GLU A 10 9.64 0.07 -6.80
C GLU A 10 11.01 0.75 -6.84
N LYS A 11 11.85 0.42 -5.86
CA LYS A 11 13.20 0.98 -5.76
C LYS A 11 13.20 2.49 -6.05
N VAL A 12 12.10 3.15 -5.70
CA VAL A 12 11.98 4.60 -5.91
C VAL A 12 11.62 5.30 -4.60
N SER A 13 12.46 6.24 -4.19
CA SER A 13 12.24 6.98 -2.97
C SER A 13 11.22 8.10 -3.18
N GLY A 14 10.10 8.04 -2.46
CA GLY A 14 9.07 9.03 -2.59
C GLY A 14 8.23 9.17 -1.34
N ILE A 15 7.40 10.21 -1.29
CA ILE A 15 6.54 10.46 -0.14
C ILE A 15 5.09 10.09 -0.46
N ILE A 16 4.44 9.40 0.48
CA ILE A 16 3.05 9.00 0.29
C ILE A 16 2.11 9.92 1.07
N ALA A 17 0.93 10.14 0.53
CA ALA A 17 -0.06 11.00 1.18
C ALA A 17 -1.47 10.45 1.00
N ILE A 18 -2.13 10.16 2.13
CA ILE A 18 -3.49 9.63 2.10
C ILE A 18 -4.51 10.75 2.27
N ASN A 19 -5.55 10.71 1.44
CA ASN A 19 -6.61 11.73 1.51
C ASN A 19 -7.83 11.19 2.24
N GLU A 20 -8.14 11.79 3.39
CA GLU A 20 -9.28 11.38 4.18
C GLU A 20 -10.46 12.33 3.99
N ASP A 21 -10.53 12.94 2.81
CA ASP A 21 -11.61 13.87 2.49
C ASP A 21 -12.75 13.16 1.77
N VAL A 22 -12.40 12.13 1.00
CA VAL A 22 -13.40 11.37 0.26
C VAL A 22 -13.69 10.04 0.95
N SER A 23 -14.92 9.56 0.83
CA SER A 23 -15.34 8.31 1.45
C SER A 23 -14.35 7.18 1.14
N PRO A 24 -14.24 6.77 -0.14
CA PRO A 24 -13.33 5.70 -0.56
C PRO A 24 -11.87 6.00 -0.22
N ALA A 25 -11.57 7.26 0.05
CA ALA A 25 -10.21 7.67 0.38
C ALA A 25 -9.26 7.39 -0.78
N GLU A 26 -8.08 7.99 -0.73
CA GLU A 26 -7.08 7.80 -1.78
C GLU A 26 -5.66 7.95 -1.22
N LEU A 27 -4.75 7.14 -1.75
CA LEU A 27 -3.36 7.17 -1.32
C LEU A 27 -2.44 7.58 -2.47
N THR A 28 -1.88 8.78 -2.36
CA THR A 28 -0.99 9.29 -3.41
C THR A 28 0.47 9.07 -3.02
N TRP A 29 1.32 8.89 -4.03
CA TRP A 29 2.75 8.68 -3.80
C TRP A 29 3.58 9.49 -4.78
N ARG A 30 4.23 10.53 -4.28
CA ARG A 30 5.06 11.39 -5.11
C ARG A 30 6.54 11.14 -4.84
N SER A 31 7.32 10.95 -5.89
CA SER A 31 8.75 10.70 -5.75
C SER A 31 9.43 11.86 -5.04
N THR A 32 10.49 11.54 -4.29
CA THR A 32 11.22 12.55 -3.54
C THR A 32 12.25 13.25 -4.44
N ASP A 33 12.77 12.50 -5.41
CA ASP A 33 13.77 13.04 -6.33
C ASP A 33 13.67 12.36 -7.69
N GLY A 34 12.69 12.78 -8.48
CA GLY A 34 12.51 12.19 -9.80
C GLY A 34 11.34 12.81 -10.55
N ASP A 35 10.44 11.96 -11.03
CA ASP A 35 9.28 12.41 -11.78
C ASP A 35 8.25 11.30 -11.94
N LYS A 36 8.12 10.48 -10.90
CA LYS A 36 7.17 9.37 -10.93
C LYS A 36 6.19 9.46 -9.77
N VAL A 37 4.90 9.45 -10.09
CA VAL A 37 3.85 9.53 -9.08
C VAL A 37 2.69 8.60 -9.40
N HIS A 38 2.11 7.99 -8.36
CA HIS A 38 0.99 7.07 -8.54
C HIS A 38 -0.01 7.22 -7.40
N THR A 39 -1.29 7.03 -7.73
CA THR A 39 -2.36 7.14 -6.73
C THR A 39 -3.23 5.89 -6.73
N VAL A 40 -3.53 5.40 -5.53
CA VAL A 40 -4.37 4.20 -5.39
C VAL A 40 -5.37 4.37 -4.25
N VAL A 41 -6.56 3.78 -4.43
CA VAL A 41 -7.60 3.87 -3.42
C VAL A 41 -7.34 2.89 -2.28
N LEU A 42 -7.42 3.40 -1.05
CA LEU A 42 -7.18 2.57 0.13
C LEU A 42 -8.43 1.74 0.47
N SER A 43 -9.59 2.26 0.12
CA SER A 43 -10.84 1.56 0.38
C SER A 43 -10.87 0.20 -0.30
N THR A 44 -10.16 0.10 -1.42
CA THR A 44 -10.09 -1.15 -2.17
C THR A 44 -9.29 -2.21 -1.41
N ILE A 45 -8.42 -1.76 -0.51
CA ILE A 45 -7.60 -2.67 0.28
C ILE A 45 -8.46 -3.67 1.05
N ASP A 46 -7.92 -4.85 1.28
CA ASP A 46 -8.63 -5.89 2.01
C ASP A 46 -7.90 -6.28 3.28
N LYS A 47 -6.59 -6.54 3.15
CA LYS A 47 -5.77 -6.92 4.29
C LYS A 47 -4.52 -6.08 4.36
N LEU A 48 -3.91 -6.01 5.55
CA LEU A 48 -2.70 -5.23 5.74
C LEU A 48 -1.59 -6.10 6.33
N GLN A 49 -0.37 -5.94 5.81
CA GLN A 49 0.77 -6.71 6.27
C GLN A 49 2.03 -5.85 6.30
N ALA A 50 3.00 -6.26 7.12
CA ALA A 50 4.25 -5.53 7.25
C ALA A 50 5.36 -6.44 7.77
N THR A 51 6.59 -6.12 7.40
CA THR A 51 7.75 -6.90 7.83
C THR A 51 7.86 -6.93 9.35
N PRO A 52 8.49 -7.97 9.90
CA PRO A 52 8.65 -8.11 11.36
C PRO A 52 9.64 -7.10 11.92
N ALA A 53 9.57 -6.87 13.23
CA ALA A 53 10.46 -5.93 13.89
C ALA A 53 11.92 -6.39 13.78
N SER A 54 12.13 -7.70 13.74
CA SER A 54 13.46 -8.26 13.64
C SER A 54 14.10 -7.92 12.30
N SER A 55 13.27 -7.80 11.27
CA SER A 55 13.75 -7.48 9.93
C SER A 55 14.36 -6.07 9.89
N GLU A 56 15.48 -5.95 9.20
CA GLU A 56 16.17 -4.66 9.09
C GLU A 56 15.45 -3.75 8.09
N LYS A 57 14.97 -4.33 7.01
CA LYS A 57 14.26 -3.56 5.99
C LYS A 57 12.76 -3.52 6.28
N MET A 58 12.31 -2.43 6.87
CA MET A 58 10.90 -2.26 7.20
C MET A 58 10.09 -1.92 5.97
N MET A 59 9.04 -2.70 5.72
CA MET A 59 8.17 -2.48 4.56
C MET A 59 6.73 -2.88 4.87
N LEU A 60 5.79 -2.09 4.35
CA LEU A 60 4.37 -2.36 4.58
C LEU A 60 3.70 -2.82 3.28
N ARG A 61 3.06 -3.98 3.32
CA ARG A 61 2.38 -4.53 2.16
C ARG A 61 0.93 -4.86 2.48
N LEU A 62 0.01 -4.36 1.67
CA LEU A 62 -1.41 -4.61 1.86
C LEU A 62 -2.04 -5.22 0.61
N ILE A 63 -2.98 -6.13 0.81
CA ILE A 63 -3.66 -6.79 -0.29
C ILE A 63 -5.11 -6.35 -0.39
N GLY A 64 -5.59 -6.16 -1.62
CA GLY A 64 -6.96 -5.72 -1.82
C GLY A 64 -7.93 -6.88 -1.85
N LYS A 65 -9.21 -6.57 -2.07
CA LYS A 65 -10.25 -7.60 -2.13
C LYS A 65 -10.70 -7.83 -3.56
N VAL A 66 -11.11 -9.07 -3.85
CA VAL A 66 -11.56 -9.43 -5.18
C VAL A 66 -12.83 -8.66 -5.56
N ASP A 67 -12.73 -7.84 -6.60
CA ASP A 67 -13.86 -7.05 -7.07
C ASP A 67 -14.11 -7.27 -8.55
N GLU A 68 -14.77 -8.39 -8.87
CA GLU A 68 -15.07 -8.73 -10.25
C GLU A 68 -16.23 -7.89 -10.78
N SER A 69 -15.93 -6.64 -11.12
CA SER A 69 -16.96 -5.72 -11.64
C SER A 69 -16.37 -4.80 -12.70
N LYS A 70 -15.22 -4.21 -12.41
CA LYS A 70 -14.56 -3.31 -13.33
C LYS A 70 -14.21 -4.03 -14.64
N LYS A 71 -13.16 -4.84 -14.60
CA LYS A 71 -12.73 -5.59 -15.77
C LYS A 71 -12.38 -4.66 -16.92
N ARG A 72 -11.97 -3.45 -16.56
CA ARG A 72 -11.60 -2.44 -17.53
C ARG A 72 -10.13 -2.09 -17.43
N LYS A 73 -9.72 -1.02 -18.11
CA LYS A 73 -8.35 -0.58 -18.09
C LYS A 73 -8.29 0.92 -17.82
N ASP A 74 -7.21 1.54 -18.27
CA ASP A 74 -7.02 2.98 -18.09
C ASP A 74 -7.14 3.71 -19.43
N ASN A 75 -6.08 3.63 -20.24
CA ASN A 75 -6.07 4.29 -21.54
C ASN A 75 -4.97 3.72 -22.43
N GLU A 76 -3.74 3.73 -21.92
CA GLU A 76 -2.60 3.22 -22.66
C GLU A 76 -1.36 3.16 -21.79
N GLY A 77 -1.28 2.13 -20.95
CA GLY A 77 -0.14 1.98 -20.07
C GLY A 77 -0.14 0.64 -19.34
N ASN A 78 -1.32 0.21 -18.90
CA ASN A 78 -1.45 -1.06 -18.20
C ASN A 78 -2.91 -1.37 -17.90
N GLU A 79 -3.36 -2.56 -18.27
CA GLU A 79 -4.73 -2.98 -18.03
C GLU A 79 -4.95 -3.37 -16.58
N VAL A 80 -6.17 -3.81 -16.27
CA VAL A 80 -6.50 -4.22 -14.91
C VAL A 80 -7.13 -5.60 -14.90
N VAL A 81 -6.74 -6.42 -13.92
CA VAL A 81 -7.29 -7.77 -13.79
C VAL A 81 -8.05 -7.93 -12.49
N PRO A 82 -9.23 -8.58 -12.53
CA PRO A 82 -10.07 -8.80 -11.34
C PRO A 82 -9.47 -9.83 -10.40
N LYS A 83 -8.28 -9.53 -9.88
CA LYS A 83 -7.60 -10.43 -8.96
C LYS A 83 -7.07 -9.66 -7.74
N PRO A 84 -6.84 -10.37 -6.62
CA PRO A 84 -6.34 -9.75 -5.40
C PRO A 84 -4.94 -9.18 -5.56
N GLN A 85 -4.85 -7.88 -5.83
CA GLN A 85 -3.57 -7.22 -6.02
C GLN A 85 -2.83 -7.06 -4.69
N ARG A 86 -1.52 -7.28 -4.73
CA ARG A 86 -0.70 -7.16 -3.53
C ARG A 86 0.33 -6.05 -3.69
N HIS A 87 0.13 -4.96 -2.95
CA HIS A 87 1.04 -3.82 -3.02
C HIS A 87 1.98 -3.81 -1.82
N MET A 88 3.27 -3.72 -2.08
CA MET A 88 4.28 -3.69 -1.01
C MET A 88 5.10 -2.41 -1.07
N PHE A 89 5.05 -1.63 0.02
CA PHE A 89 5.78 -0.38 0.09
C PHE A 89 6.92 -0.48 1.11
N SER A 90 8.12 -0.09 0.69
CA SER A 90 9.28 -0.13 1.56
C SER A 90 9.34 1.10 2.45
N PHE A 91 10.05 0.98 3.58
CA PHE A 91 10.20 2.10 4.51
C PHE A 91 11.55 2.03 5.23
N ASN A 92 11.85 3.09 5.96
CA ASN A 92 13.12 3.17 6.70
C ASN A 92 12.88 3.60 8.14
N ASN A 93 11.75 3.20 8.70
CA ASN A 93 11.40 3.55 10.08
C ASN A 93 10.16 2.79 10.54
N ARG A 94 10.15 2.40 11.81
CA ARG A 94 9.03 1.67 12.38
C ARG A 94 7.92 2.62 12.80
N THR A 95 8.30 3.74 13.42
CA THR A 95 7.33 4.73 13.87
C THR A 95 6.52 5.28 12.71
N VAL A 96 7.16 5.36 11.54
CA VAL A 96 6.51 5.87 10.34
C VAL A 96 5.60 4.81 9.72
N MET A 97 6.11 3.59 9.61
CA MET A 97 5.34 2.49 9.04
C MET A 97 4.06 2.25 9.84
N ASP A 98 4.11 2.52 11.13
CA ASP A 98 2.95 2.33 11.99
C ASP A 98 1.87 3.36 11.69
N ASN A 99 2.29 4.59 11.41
CA ASN A 99 1.35 5.67 11.11
C ASN A 99 0.65 5.41 9.78
N ILE A 100 1.35 4.74 8.87
CA ILE A 100 0.78 4.43 7.56
C ILE A 100 -0.21 3.28 7.66
N LYS A 101 0.22 2.19 8.29
CA LYS A 101 -0.62 1.02 8.44
C LYS A 101 -1.89 1.35 9.24
N MET A 102 -1.71 2.09 10.33
CA MET A 102 -2.83 2.49 11.17
C MET A 102 -3.85 3.31 10.37
N THR A 103 -3.36 4.06 9.39
CA THR A 103 -4.22 4.89 8.56
C THR A 103 -4.86 4.07 7.46
N LEU A 104 -4.18 3.00 7.03
CA LEU A 104 -4.70 2.14 5.98
C LEU A 104 -5.72 1.15 6.52
N GLN A 105 -5.59 0.82 7.80
CA GLN A 105 -6.50 -0.12 8.44
C GLN A 105 -7.78 0.59 8.91
N GLN A 106 -7.62 1.80 9.44
CA GLN A 106 -8.75 2.58 9.92
C GLN A 106 -9.77 2.82 8.81
N ILE A 107 -9.27 3.13 7.61
CA ILE A 107 -10.14 3.38 6.47
C ILE A 107 -10.96 2.15 6.11
N ILE A 108 -10.34 0.98 6.24
CA ILE A 108 -11.02 -0.28 5.93
C ILE A 108 -12.01 -0.65 7.02
N SER A 109 -11.55 -0.65 8.27
CA SER A 109 -12.40 -0.99 9.40
C SER A 109 -13.60 -0.05 9.49
N ARG A 110 -13.39 1.19 9.05
CA ARG A 110 -14.46 2.19 9.07
C ARG A 110 -15.51 1.88 8.01
N TYR A 111 -15.08 1.29 6.90
CA TYR A 111 -15.99 0.94 5.81
C TYR A 111 -16.24 -0.56 5.76
N LYS A 112 -15.79 -1.29 6.78
CA LYS A 112 -15.97 -2.73 6.83
C LYS A 112 -17.44 -3.09 7.01
N ASP A 113 -18.12 -2.36 7.88
CA ASP A 113 -19.54 -2.59 8.14
C ASP A 113 -20.36 -1.36 7.80
N ALA A 114 -19.87 -0.19 8.19
CA ALA A 114 -20.56 1.07 7.93
C ALA A 114 -20.56 1.40 6.44
N ASP A 115 -19.49 1.00 5.76
CA ASP A 115 -19.37 1.26 4.32
C ASP A 115 -19.40 2.75 4.03
N ASP B 1 14.37 -14.32 -9.42
CA ASP B 1 14.56 -15.23 -8.30
C ASP B 1 14.60 -14.46 -6.98
N LEU B 2 13.87 -13.35 -6.93
CA LEU B 2 13.82 -12.52 -5.73
C LEU B 2 12.42 -12.53 -5.11
N ASP B 3 11.57 -13.44 -5.57
CA ASP B 3 10.20 -13.55 -5.06
C ASP B 3 10.16 -14.41 -3.80
N GLU B 4 11.09 -15.35 -3.70
CA GLU B 4 11.15 -16.25 -2.55
C GLU B 4 11.35 -15.45 -1.26
N SER B 5 12.32 -14.55 -1.26
CA SER B 5 12.60 -13.73 -0.08
C SER B 5 11.54 -12.66 0.11
N TRP B 6 11.01 -12.15 -1.01
CA TRP B 6 9.97 -11.12 -0.96
C TRP B 6 8.64 -11.71 -0.53
N ASP B 7 8.43 -12.99 -0.82
CA ASP B 7 7.19 -13.67 -0.47
C ASP B 7 7.19 -14.11 0.98
N TYR B 8 8.38 -14.20 1.57
CA TYR B 8 8.51 -14.62 2.97
C TYR B 8 8.70 -13.43 3.89
N ILE B 9 9.27 -12.34 3.36
CA ILE B 9 9.51 -11.14 4.14
C ILE B 9 8.20 -10.43 4.47
N PHE B 10 7.21 -10.56 3.59
CA PHE B 10 5.92 -9.93 3.78
C PHE B 10 4.89 -10.91 4.34
N GLU B 11 4.66 -11.99 3.62
CA GLU B 11 3.70 -13.01 4.06
C GLU B 11 4.10 -13.60 5.41
N THR B 12 5.39 -13.88 5.57
CA THR B 12 5.90 -14.45 6.81
C THR B 12 6.51 -13.36 7.69
N THR B 13 6.36 -13.51 9.00
CA THR B 13 6.89 -12.55 9.96
C THR B 13 7.88 -13.21 10.90
N PRO A 1 1.26 11.24 16.00
CA PRO A 1 0.20 11.29 14.97
C PRO A 1 0.58 12.24 13.82
N SER A 2 0.28 11.82 12.59
CA SER A 2 0.59 12.63 11.42
C SER A 2 0.06 11.96 10.15
N HIS A 3 -0.39 12.77 9.20
CA HIS A 3 -0.91 12.26 7.94
C HIS A 3 0.16 12.30 6.85
N SER A 4 1.39 11.97 7.22
CA SER A 4 2.50 11.97 6.27
C SER A 4 3.78 11.45 6.93
N GLY A 5 4.60 10.76 6.14
CA GLY A 5 5.84 10.22 6.67
C GLY A 5 6.77 9.74 5.57
N ALA A 6 8.02 9.49 5.93
CA ALA A 6 9.01 9.02 4.97
C ALA A 6 8.60 7.69 4.36
N ALA A 7 8.77 7.56 3.05
CA ALA A 7 8.43 6.32 2.35
C ALA A 7 9.16 6.22 1.03
N ILE A 8 9.91 5.14 0.85
CA ILE A 8 10.67 4.92 -0.38
C ILE A 8 9.92 3.99 -1.33
N PHE A 9 9.49 4.55 -2.46
CA PHE A 9 8.75 3.78 -3.46
C PHE A 9 9.56 3.67 -4.76
N GLU A 10 9.59 2.47 -5.33
CA GLU A 10 10.32 2.23 -6.57
C GLU A 10 11.81 2.50 -6.38
N LYS A 11 12.32 2.17 -5.19
CA LYS A 11 13.73 2.38 -4.89
C LYS A 11 14.09 3.86 -4.94
N VAL A 12 13.13 4.70 -4.61
CA VAL A 12 13.34 6.15 -4.62
C VAL A 12 12.89 6.79 -3.31
N SER A 13 13.68 7.74 -2.82
CA SER A 13 13.36 8.41 -1.57
C SER A 13 12.29 9.48 -1.79
N GLY A 14 11.24 9.43 -0.97
CA GLY A 14 10.17 10.39 -1.09
C GLY A 14 9.28 10.42 0.14
N ILE A 15 8.43 11.44 0.24
CA ILE A 15 7.52 11.58 1.36
C ILE A 15 6.09 11.24 0.97
N ILE A 16 5.40 10.50 1.82
CA ILE A 16 4.02 10.11 1.56
C ILE A 16 3.04 10.99 2.33
N ALA A 17 1.85 11.16 1.77
CA ALA A 17 0.82 11.98 2.40
C ALA A 17 -0.57 11.36 2.23
N ILE A 18 -1.27 11.17 3.33
CA ILE A 18 -2.60 10.59 3.30
C ILE A 18 -3.67 11.67 3.35
N ASN A 19 -4.68 11.55 2.50
CA ASN A 19 -5.77 12.52 2.45
C ASN A 19 -7.10 11.86 2.83
N GLU A 20 -7.67 12.31 3.94
CA GLU A 20 -8.93 11.77 4.42
C GLU A 20 -10.09 12.70 4.06
N ASP A 21 -9.95 13.41 2.94
CA ASP A 21 -10.97 14.34 2.49
C ASP A 21 -12.08 13.60 1.73
N VAL A 22 -11.67 12.58 0.98
CA VAL A 22 -12.62 11.80 0.18
C VAL A 22 -12.83 10.41 0.82
N SER A 23 -14.02 9.85 0.59
CA SER A 23 -14.35 8.53 1.16
C SER A 23 -13.26 7.50 0.88
N PRO A 24 -12.94 7.25 -0.41
CA PRO A 24 -11.90 6.27 -0.78
C PRO A 24 -10.51 6.69 -0.31
N ALA A 25 -10.37 7.94 0.10
CA ALA A 25 -9.09 8.45 0.57
C ALA A 25 -8.07 8.46 -0.57
N GLU A 26 -6.89 9.02 -0.30
CA GLU A 26 -5.84 9.10 -1.31
C GLU A 26 -4.46 9.25 -0.67
N LEU A 27 -3.52 8.44 -1.11
CA LEU A 27 -2.16 8.49 -0.59
C LEU A 27 -1.20 9.02 -1.64
N THR A 28 -0.65 10.21 -1.42
CA THR A 28 0.28 10.83 -2.36
C THR A 28 1.71 10.60 -1.94
N TRP A 29 2.58 10.33 -2.91
CA TRP A 29 4.00 10.09 -2.64
C TRP A 29 4.86 10.93 -3.56
N ARG A 30 5.49 11.96 -3.00
CA ARG A 30 6.36 12.84 -3.78
C ARG A 30 7.82 12.60 -3.44
N SER A 31 8.64 12.46 -4.46
CA SER A 31 10.08 12.22 -4.27
C SER A 31 10.72 13.36 -3.48
N THR A 32 11.67 13.02 -2.62
CA THR A 32 12.36 14.01 -1.81
C THR A 32 13.14 14.98 -2.69
N ASP A 33 13.87 14.46 -3.66
CA ASP A 33 14.66 15.28 -4.56
C ASP A 33 14.77 14.62 -5.93
N GLY A 34 13.71 14.72 -6.73
CA GLY A 34 13.71 14.14 -8.05
C GLY A 34 12.60 14.68 -8.94
N ASP A 35 11.70 13.80 -9.37
CA ASP A 35 10.59 14.20 -10.22
C ASP A 35 9.64 13.04 -10.46
N LYS A 36 9.45 12.22 -9.43
CA LYS A 36 8.56 11.06 -9.54
C LYS A 36 7.52 11.07 -8.42
N VAL A 37 6.25 11.02 -8.80
CA VAL A 37 5.17 11.03 -7.84
C VAL A 37 3.96 10.23 -8.35
N HIS A 38 3.36 9.44 -7.47
CA HIS A 38 2.20 8.64 -7.83
C HIS A 38 1.19 8.58 -6.69
N THR A 39 -0.09 8.43 -7.05
CA THR A 39 -1.14 8.37 -6.05
C THR A 39 -1.80 6.99 -6.03
N VAL A 40 -2.21 6.55 -4.86
CA VAL A 40 -2.85 5.24 -4.71
C VAL A 40 -3.99 5.30 -3.69
N VAL A 41 -5.21 5.07 -4.17
CA VAL A 41 -6.39 5.09 -3.30
C VAL A 41 -6.26 4.04 -2.19
N LEU A 42 -6.44 4.50 -0.96
CA LEU A 42 -6.35 3.60 0.20
C LEU A 42 -7.64 2.80 0.40
N SER A 43 -8.63 3.03 -0.46
CA SER A 43 -9.90 2.34 -0.36
C SER A 43 -9.80 0.91 -0.91
N THR A 44 -9.13 0.76 -2.05
CA THR A 44 -8.95 -0.55 -2.67
C THR A 44 -8.33 -1.54 -1.70
N ILE A 45 -7.52 -1.03 -0.77
CA ILE A 45 -6.86 -1.88 0.21
C ILE A 45 -7.87 -2.40 1.24
N ASP A 46 -7.94 -3.72 1.37
CA ASP A 46 -8.86 -4.34 2.32
C ASP A 46 -8.10 -4.88 3.53
N LYS A 47 -6.85 -5.24 3.33
CA LYS A 47 -6.01 -5.77 4.40
C LYS A 47 -4.68 -5.04 4.45
N LEU A 48 -4.04 -5.07 5.62
CA LEU A 48 -2.74 -4.41 5.79
C LEU A 48 -1.66 -5.42 6.16
N GLN A 49 -0.43 -5.13 5.75
CA GLN A 49 0.69 -6.02 6.04
C GLN A 49 1.98 -5.22 6.22
N ALA A 50 2.60 -5.36 7.38
CA ALA A 50 3.84 -4.65 7.68
C ALA A 50 4.90 -5.61 8.23
N THR A 51 6.16 -5.17 8.19
CA THR A 51 7.26 -5.98 8.70
C THR A 51 7.65 -5.55 10.11
N PRO A 52 8.01 -6.51 10.98
CA PRO A 52 8.39 -6.22 12.36
C PRO A 52 9.74 -5.51 12.45
N ALA A 53 9.90 -4.66 13.46
CA ALA A 53 11.13 -3.91 13.65
C ALA A 53 12.32 -4.85 13.80
N SER A 54 12.06 -6.06 14.29
CA SER A 54 13.12 -7.04 14.48
C SER A 54 13.71 -7.48 13.14
N SER A 55 12.89 -7.43 12.09
CA SER A 55 13.34 -7.82 10.76
C SER A 55 14.53 -6.98 10.31
N GLU A 56 15.31 -7.51 9.37
CA GLU A 56 16.48 -6.81 8.86
C GLU A 56 16.09 -5.47 8.23
N LYS A 57 15.00 -5.48 7.46
CA LYS A 57 14.51 -4.27 6.81
C LYS A 57 13.05 -4.02 7.14
N MET A 58 12.73 -2.78 7.47
CA MET A 58 11.36 -2.41 7.81
C MET A 58 10.64 -1.82 6.60
N MET A 59 9.52 -2.42 6.24
CA MET A 59 8.74 -1.97 5.09
C MET A 59 7.25 -2.28 5.28
N LEU A 60 6.40 -1.43 4.73
CA LEU A 60 4.96 -1.61 4.84
C LEU A 60 4.35 -1.97 3.48
N ARG A 61 3.38 -2.88 3.49
CA ARG A 61 2.72 -3.31 2.27
C ARG A 61 1.22 -3.44 2.48
N LEU A 62 0.46 -3.07 1.45
CA LEU A 62 -1.01 -3.15 1.52
C LEU A 62 -1.54 -4.09 0.44
N ILE A 63 -2.58 -4.85 0.80
CA ILE A 63 -3.20 -5.79 -0.14
C ILE A 63 -4.56 -5.30 -0.59
N GLY A 64 -4.75 -5.17 -1.89
CA GLY A 64 -6.02 -4.72 -2.42
C GLY A 64 -7.15 -5.69 -2.13
N LYS A 65 -8.33 -5.42 -2.67
CA LYS A 65 -9.48 -6.27 -2.47
C LYS A 65 -9.34 -7.57 -3.25
N VAL A 66 -10.26 -8.51 -2.99
CA VAL A 66 -10.24 -9.80 -3.67
C VAL A 66 -11.62 -10.19 -4.17
N ASP A 67 -11.69 -10.67 -5.41
CA ASP A 67 -12.95 -11.07 -6.01
C ASP A 67 -12.73 -11.64 -7.42
N GLU A 68 -12.34 -12.91 -7.47
CA GLU A 68 -12.09 -13.58 -8.75
C GLU A 68 -13.35 -13.58 -9.61
N SER A 69 -14.51 -13.60 -8.96
CA SER A 69 -15.78 -13.60 -9.68
C SER A 69 -16.26 -12.18 -9.94
N LYS A 70 -15.40 -11.37 -10.54
CA LYS A 70 -15.74 -9.99 -10.85
C LYS A 70 -15.83 -9.77 -12.36
N LYS A 71 -14.72 -10.05 -13.06
CA LYS A 71 -14.68 -9.89 -14.51
C LYS A 71 -13.55 -10.71 -15.12
N ARG A 72 -13.80 -11.26 -16.29
CA ARG A 72 -12.81 -12.08 -16.98
C ARG A 72 -12.97 -11.98 -18.50
N LYS A 73 -11.86 -11.97 -19.21
CA LYS A 73 -11.89 -11.87 -20.66
C LYS A 73 -12.53 -10.56 -21.11
N ASP A 74 -11.73 -9.67 -21.69
CA ASP A 74 -12.23 -8.39 -22.16
C ASP A 74 -13.33 -8.58 -23.20
N ASN A 75 -12.92 -8.86 -24.44
CA ASN A 75 -13.87 -9.06 -25.53
C ASN A 75 -13.13 -9.38 -26.83
N GLU A 76 -12.19 -8.53 -27.20
CA GLU A 76 -11.42 -8.72 -28.42
C GLU A 76 -10.13 -9.49 -28.14
N GLY A 77 -10.26 -10.60 -27.43
CA GLY A 77 -9.11 -11.42 -27.10
C GLY A 77 -8.20 -10.76 -26.08
N ASN A 78 -8.37 -11.11 -24.82
CA ASN A 78 -7.56 -10.55 -23.75
C ASN A 78 -7.91 -11.19 -22.41
N GLU A 79 -6.97 -11.94 -21.85
CA GLU A 79 -7.18 -12.61 -20.57
C GLU A 79 -6.72 -11.72 -19.42
N VAL A 80 -7.63 -11.46 -18.48
CA VAL A 80 -7.31 -10.63 -17.33
C VAL A 80 -8.32 -10.86 -16.20
N VAL A 81 -7.83 -10.79 -14.96
CA VAL A 81 -8.68 -10.99 -13.79
C VAL A 81 -8.39 -9.93 -12.74
N PRO A 82 -9.45 -9.37 -12.10
CA PRO A 82 -9.30 -8.35 -11.07
C PRO A 82 -8.67 -8.89 -9.79
N LYS A 83 -7.43 -9.36 -9.91
CA LYS A 83 -6.71 -9.92 -8.77
C LYS A 83 -6.32 -8.81 -7.79
N PRO A 84 -6.12 -9.16 -6.51
CA PRO A 84 -5.73 -8.20 -5.47
C PRO A 84 -4.39 -7.54 -5.75
N GLN A 85 -4.35 -6.22 -5.68
CA GLN A 85 -3.13 -5.47 -5.93
C GLN A 85 -2.22 -5.47 -4.70
N ARG A 86 -1.10 -6.16 -4.80
CA ARG A 86 -0.15 -6.24 -3.69
C ARG A 86 0.98 -5.24 -3.87
N HIS A 87 0.86 -4.08 -3.24
CA HIS A 87 1.87 -3.04 -3.34
C HIS A 87 2.62 -2.88 -2.02
N MET A 88 3.94 -2.74 -2.10
CA MET A 88 4.77 -2.58 -0.91
C MET A 88 5.60 -1.31 -0.99
N PHE A 89 5.88 -0.73 0.18
CA PHE A 89 6.68 0.50 0.25
C PHE A 89 7.83 0.34 1.23
N SER A 90 8.97 0.95 0.89
CA SER A 90 10.15 0.87 1.74
C SER A 90 10.15 1.99 2.78
N PHE A 91 10.68 1.70 3.96
CA PHE A 91 10.73 2.68 5.04
C PHE A 91 12.07 2.60 5.78
N ASN A 92 12.31 3.56 6.65
CA ASN A 92 13.55 3.61 7.42
C ASN A 92 13.30 4.12 8.83
N ASN A 93 12.12 3.82 9.37
CA ASN A 93 11.76 4.25 10.71
C ASN A 93 10.65 3.37 11.29
N ARG A 94 10.98 2.62 12.33
CA ARG A 94 10.01 1.73 12.97
C ARG A 94 8.84 2.53 13.54
N THR A 95 9.13 3.73 14.04
CA THR A 95 8.11 4.59 14.62
C THR A 95 7.24 5.20 13.52
N VAL A 96 7.87 5.62 12.43
CA VAL A 96 7.16 6.22 11.31
C VAL A 96 6.40 5.15 10.51
N MET A 97 7.02 3.99 10.35
CA MET A 97 6.40 2.90 9.61
C MET A 97 5.10 2.46 10.25
N ASP A 98 5.03 2.60 11.57
CA ASP A 98 3.83 2.22 12.31
C ASP A 98 2.71 3.24 12.11
N ASN A 99 3.10 4.50 11.92
CA ASN A 99 2.14 5.58 11.71
C ASN A 99 1.29 5.31 10.48
N ILE A 100 1.93 4.86 9.40
CA ILE A 100 1.23 4.58 8.16
C ILE A 100 0.31 3.37 8.31
N LYS A 101 0.89 2.25 8.76
CA LYS A 101 0.11 1.02 8.95
C LYS A 101 -1.00 1.24 9.97
N MET A 102 -0.75 2.12 10.93
CA MET A 102 -1.72 2.42 11.98
C MET A 102 -2.83 3.32 11.45
N THR A 103 -2.44 4.35 10.69
CA THR A 103 -3.39 5.28 10.12
C THR A 103 -4.28 4.60 9.08
N LEU A 104 -3.67 3.76 8.25
CA LEU A 104 -4.40 3.05 7.21
C LEU A 104 -5.49 2.18 7.83
N GLN A 105 -5.16 1.52 8.94
CA GLN A 105 -6.11 0.65 9.62
C GLN A 105 -7.35 1.42 10.05
N GLN A 106 -7.17 2.70 10.34
CA GLN A 106 -8.27 3.57 10.76
C GLN A 106 -9.11 4.00 9.56
N ILE A 107 -8.44 4.23 8.43
CA ILE A 107 -9.13 4.65 7.21
C ILE A 107 -9.96 3.52 6.63
N ILE A 108 -9.41 2.31 6.66
CA ILE A 108 -10.12 1.15 6.13
C ILE A 108 -11.23 0.69 7.08
N SER A 109 -11.02 0.91 8.37
CA SER A 109 -12.00 0.53 9.38
C SER A 109 -13.12 1.57 9.46
N ARG A 110 -12.79 2.82 9.19
CA ARG A 110 -13.76 3.91 9.23
C ARG A 110 -14.82 3.72 8.15
N TYR A 111 -14.43 3.12 7.04
CA TYR A 111 -15.35 2.87 5.94
C TYR A 111 -15.96 1.47 6.00
N LYS A 112 -15.71 0.77 7.11
CA LYS A 112 -16.23 -0.58 7.29
C LYS A 112 -17.63 -0.55 7.91
N ASP A 113 -17.69 -0.24 9.19
CA ASP A 113 -18.96 -0.17 9.90
C ASP A 113 -19.05 1.08 10.77
N ALA A 114 -18.12 2.00 10.58
CA ALA A 114 -18.10 3.25 11.34
C ALA A 114 -18.85 4.36 10.60
N ASP A 115 -18.21 4.90 9.56
CA ASP A 115 -18.81 5.97 8.78
C ASP A 115 -19.85 5.41 7.81
N ASP B 1 15.13 -14.90 -7.46
CA ASP B 1 16.11 -15.28 -6.46
C ASP B 1 15.97 -14.40 -5.21
N LEU B 2 15.90 -13.09 -5.42
CA LEU B 2 15.78 -12.15 -4.32
C LEU B 2 14.35 -11.62 -4.21
N ASP B 3 13.68 -11.53 -5.36
CA ASP B 3 12.31 -11.03 -5.39
C ASP B 3 11.39 -11.91 -4.56
N GLU B 4 11.71 -13.20 -4.49
CA GLU B 4 10.91 -14.14 -3.72
C GLU B 4 10.86 -13.75 -2.25
N SER B 5 11.97 -13.22 -1.74
CA SER B 5 12.05 -12.80 -0.35
C SER B 5 11.08 -11.66 -0.07
N TRP B 6 10.84 -10.84 -1.08
CA TRP B 6 9.93 -9.70 -0.94
C TRP B 6 8.50 -10.18 -0.67
N ASP B 7 8.17 -11.36 -1.17
CA ASP B 7 6.84 -11.93 -0.97
C ASP B 7 6.73 -12.58 0.41
N TYR B 8 7.84 -13.07 0.92
CA TYR B 8 7.86 -13.72 2.23
C TYR B 8 8.05 -12.70 3.34
N ILE B 9 8.91 -11.71 3.09
CA ILE B 9 9.19 -10.67 4.08
C ILE B 9 7.91 -9.92 4.47
N PHE B 10 6.98 -9.82 3.53
CA PHE B 10 5.71 -9.14 3.78
C PHE B 10 4.62 -10.13 4.17
N GLU B 11 4.56 -11.25 3.47
CA GLU B 11 3.57 -12.28 3.75
C GLU B 11 3.71 -12.81 5.18
N THR B 12 4.94 -12.81 5.67
CA THR B 12 5.22 -13.29 7.03
C THR B 12 4.69 -12.32 8.06
N THR B 13 3.54 -12.65 8.66
CA THR B 13 2.92 -11.80 9.67
C THR B 13 1.89 -12.58 10.47
N PRO A 1 -0.97 17.11 5.86
CA PRO A 1 -0.75 15.64 6.02
C PRO A 1 -0.20 15.30 7.41
N SER A 2 -1.02 14.62 8.20
CA SER A 2 -0.63 14.24 9.55
C SER A 2 0.24 12.98 9.53
N HIS A 3 -0.35 11.85 9.16
CA HIS A 3 0.37 10.60 9.09
C HIS A 3 1.27 10.54 7.86
N SER A 4 2.57 10.70 8.05
CA SER A 4 3.52 10.68 6.95
C SER A 4 4.78 9.90 7.35
N GLY A 5 5.49 9.38 6.36
CA GLY A 5 6.70 8.64 6.63
C GLY A 5 7.51 8.37 5.36
N ALA A 6 8.83 8.38 5.51
CA ALA A 6 9.72 8.15 4.38
C ALA A 6 9.56 6.74 3.83
N ALA A 7 8.79 6.62 2.75
CA ALA A 7 8.55 5.31 2.13
C ALA A 7 9.12 5.27 0.72
N ILE A 8 9.75 4.16 0.38
CA ILE A 8 10.36 3.99 -0.94
C ILE A 8 9.48 3.12 -1.84
N PHE A 9 9.06 3.69 -2.97
CA PHE A 9 8.22 2.97 -3.93
C PHE A 9 8.86 2.94 -5.31
N GLU A 10 8.86 1.77 -5.94
CA GLU A 10 9.43 1.63 -7.27
C GLU A 10 10.93 1.92 -7.25
N LYS A 11 11.58 1.59 -6.14
CA LYS A 11 13.01 1.82 -5.99
C LYS A 11 13.32 3.33 -5.97
N VAL A 12 12.38 4.10 -5.46
CA VAL A 12 12.56 5.55 -5.37
C VAL A 12 12.35 6.04 -3.94
N SER A 13 13.28 6.86 -3.47
CA SER A 13 13.21 7.40 -2.13
C SER A 13 12.27 8.61 -2.06
N GLY A 14 11.11 8.41 -1.45
CA GLY A 14 10.15 9.50 -1.34
C GLY A 14 9.40 9.47 -0.03
N ILE A 15 8.60 10.51 0.23
CA ILE A 15 7.84 10.60 1.46
C ILE A 15 6.36 10.36 1.20
N ILE A 16 5.73 9.55 2.05
CA ILE A 16 4.32 9.23 1.90
C ILE A 16 3.48 10.06 2.87
N ALA A 17 2.32 10.51 2.41
CA ALA A 17 1.42 11.31 3.25
C ALA A 17 -0.01 10.82 3.14
N ILE A 18 -0.59 10.47 4.28
CA ILE A 18 -1.96 9.97 4.32
C ILE A 18 -2.95 11.10 4.63
N ASN A 19 -4.05 11.15 3.89
CA ASN A 19 -5.06 12.17 4.09
C ASN A 19 -6.40 11.55 4.47
N GLU A 20 -6.91 11.93 5.64
CA GLU A 20 -8.19 11.41 6.13
C GLU A 20 -9.31 12.42 5.91
N ASP A 21 -9.15 13.26 4.91
CA ASP A 21 -10.16 14.28 4.60
C ASP A 21 -11.28 13.68 3.75
N VAL A 22 -10.91 12.83 2.79
CA VAL A 22 -11.87 12.19 1.91
C VAL A 22 -12.40 10.90 2.53
N SER A 23 -13.66 10.60 2.26
CA SER A 23 -14.29 9.39 2.80
C SER A 23 -13.42 8.15 2.58
N PRO A 24 -13.22 7.73 1.32
CA PRO A 24 -12.40 6.56 0.98
C PRO A 24 -10.94 6.72 1.37
N ALA A 25 -10.55 7.94 1.77
CA ALA A 25 -9.17 8.21 2.15
C ALA A 25 -8.22 8.01 0.98
N GLU A 26 -7.00 8.52 1.11
CA GLU A 26 -6.01 8.41 0.05
C GLU A 26 -4.59 8.50 0.61
N LEU A 27 -3.64 7.89 -0.10
CA LEU A 27 -2.25 7.89 0.31
C LEU A 27 -1.37 8.50 -0.77
N THR A 28 -0.74 9.63 -0.48
CA THR A 28 0.12 10.30 -1.44
C THR A 28 1.59 9.96 -1.19
N TRP A 29 2.39 9.97 -2.26
CA TRP A 29 3.81 9.67 -2.16
C TRP A 29 4.63 10.60 -3.05
N ARG A 30 5.37 11.50 -2.42
CA ARG A 30 6.20 12.45 -3.15
C ARG A 30 7.67 12.05 -3.09
N SER A 31 8.32 12.07 -4.25
CA SER A 31 9.74 11.71 -4.33
C SER A 31 10.58 12.63 -3.46
N THR A 32 11.61 12.06 -2.84
CA THR A 32 12.50 12.83 -1.98
C THR A 32 13.41 13.74 -2.81
N ASP A 33 14.33 13.13 -3.53
CA ASP A 33 15.27 13.88 -4.37
C ASP A 33 14.90 13.75 -5.84
N GLY A 34 13.62 13.59 -6.12
CA GLY A 34 13.16 13.46 -7.49
C GLY A 34 11.95 14.33 -7.79
N ASP A 35 11.16 13.91 -8.76
CA ASP A 35 9.96 14.65 -9.15
C ASP A 35 8.81 13.72 -9.49
N LYS A 36 8.84 12.51 -8.92
CA LYS A 36 7.80 11.52 -9.17
C LYS A 36 6.82 11.46 -8.00
N VAL A 37 5.54 11.53 -8.31
CA VAL A 37 4.50 11.47 -7.28
C VAL A 37 3.22 10.83 -7.83
N HIS A 38 2.57 10.02 -6.99
CA HIS A 38 1.34 9.34 -7.39
C HIS A 38 0.39 9.21 -6.20
N THR A 39 -0.90 9.18 -6.49
CA THR A 39 -1.91 9.05 -5.45
C THR A 39 -2.62 7.70 -5.55
N VAL A 40 -2.91 7.11 -4.39
CA VAL A 40 -3.57 5.81 -4.34
C VAL A 40 -4.58 5.75 -3.19
N VAL A 41 -5.82 5.45 -3.51
CA VAL A 41 -6.88 5.35 -2.50
C VAL A 41 -6.57 4.25 -1.51
N LEU A 42 -6.64 4.59 -0.22
CA LEU A 42 -6.37 3.62 0.85
C LEU A 42 -7.58 2.73 1.12
N SER A 43 -8.68 2.96 0.39
CA SER A 43 -9.89 2.17 0.56
C SER A 43 -9.76 0.80 -0.13
N THR A 44 -9.00 0.78 -1.22
CA THR A 44 -8.81 -0.47 -1.97
C THR A 44 -8.15 -1.53 -1.09
N ILE A 45 -7.28 -1.10 -0.19
CA ILE A 45 -6.59 -2.03 0.71
C ILE A 45 -7.58 -2.70 1.66
N ASP A 46 -7.68 -4.02 1.57
CA ASP A 46 -8.58 -4.79 2.42
C ASP A 46 -7.82 -5.46 3.55
N LYS A 47 -6.53 -5.72 3.33
CA LYS A 47 -5.69 -6.36 4.34
C LYS A 47 -4.41 -5.59 4.57
N LEU A 48 -3.65 -5.99 5.59
CA LEU A 48 -2.39 -5.34 5.92
C LEU A 48 -1.37 -6.36 6.40
N GLN A 49 -0.32 -6.54 5.61
CA GLN A 49 0.74 -7.49 5.95
C GLN A 49 2.10 -6.80 5.98
N ALA A 50 2.90 -7.12 7.00
CA ALA A 50 4.22 -6.52 7.14
C ALA A 50 5.20 -7.52 7.77
N THR A 51 6.49 -7.20 7.71
CA THR A 51 7.52 -8.06 8.26
C THR A 51 7.74 -7.76 9.74
N PRO A 52 8.24 -8.73 10.51
CA PRO A 52 8.50 -8.57 11.94
C PRO A 52 9.61 -7.55 12.22
N ALA A 53 9.55 -6.93 13.39
CA ALA A 53 10.56 -5.94 13.77
C ALA A 53 11.94 -6.58 13.93
N SER A 54 11.96 -7.88 14.21
CA SER A 54 13.21 -8.60 14.38
C SER A 54 13.99 -8.67 13.06
N SER A 55 13.26 -8.69 11.96
CA SER A 55 13.88 -8.74 10.64
C SER A 55 14.45 -7.39 10.24
N GLU A 56 15.71 -7.39 9.83
CA GLU A 56 16.38 -6.15 9.42
C GLU A 56 15.64 -5.50 8.24
N LYS A 57 15.04 -6.33 7.40
CA LYS A 57 14.31 -5.84 6.24
C LYS A 57 12.86 -5.53 6.61
N MET A 58 12.64 -4.37 7.23
CA MET A 58 11.29 -3.97 7.63
C MET A 58 10.56 -3.31 6.48
N MET A 59 9.50 -3.95 6.00
CA MET A 59 8.72 -3.44 4.89
C MET A 59 7.24 -3.79 5.06
N LEU A 60 6.36 -2.94 4.53
CA LEU A 60 4.93 -3.16 4.62
C LEU A 60 4.35 -3.49 3.25
N ARG A 61 3.36 -4.39 3.23
CA ARG A 61 2.72 -4.79 1.99
C ARG A 61 1.20 -4.68 2.09
N LEU A 62 0.64 -3.73 1.33
CA LEU A 62 -0.79 -3.51 1.34
C LEU A 62 -1.50 -4.47 0.39
N ILE A 63 -2.67 -4.95 0.81
CA ILE A 63 -3.44 -5.87 -0.01
C ILE A 63 -4.74 -5.23 -0.48
N GLY A 64 -4.79 -4.88 -1.76
CA GLY A 64 -5.98 -4.27 -2.31
C GLY A 64 -7.23 -5.12 -2.12
N LYS A 65 -8.31 -4.77 -2.81
CA LYS A 65 -9.56 -5.50 -2.71
C LYS A 65 -9.67 -6.53 -3.83
N VAL A 66 -10.78 -7.26 -3.85
CA VAL A 66 -11.02 -8.27 -4.87
C VAL A 66 -12.40 -8.13 -5.49
N ASP A 67 -12.49 -8.36 -6.80
CA ASP A 67 -13.76 -8.26 -7.51
C ASP A 67 -13.82 -9.25 -8.66
N GLU A 68 -14.70 -10.24 -8.53
CA GLU A 68 -14.86 -11.26 -9.56
C GLU A 68 -16.14 -11.02 -10.36
N SER A 69 -16.48 -9.76 -10.57
CA SER A 69 -17.68 -9.40 -11.32
C SER A 69 -17.33 -8.56 -12.55
N LYS A 70 -16.17 -8.85 -13.13
CA LYS A 70 -15.71 -8.12 -14.32
C LYS A 70 -14.83 -9.01 -15.19
N LYS A 71 -13.70 -9.43 -14.64
CA LYS A 71 -12.76 -10.27 -15.37
C LYS A 71 -12.25 -9.57 -16.63
N ARG A 72 -11.00 -9.14 -16.60
CA ARG A 72 -10.40 -8.45 -17.74
C ARG A 72 -9.78 -9.45 -18.70
N LYS A 73 -9.29 -8.95 -19.84
CA LYS A 73 -8.67 -9.80 -20.84
C LYS A 73 -9.66 -10.84 -21.36
N ASP A 74 -10.16 -10.63 -22.58
CA ASP A 74 -11.11 -11.55 -23.18
C ASP A 74 -10.69 -11.89 -24.62
N ASN A 75 -10.87 -10.93 -25.52
CA ASN A 75 -10.53 -11.12 -26.92
C ASN A 75 -9.56 -10.04 -27.39
N GLU A 76 -8.72 -9.57 -26.48
CA GLU A 76 -7.74 -8.54 -26.80
C GLU A 76 -6.36 -9.14 -27.02
N GLY A 77 -6.03 -10.17 -26.25
CA GLY A 77 -4.74 -10.81 -26.37
C GLY A 77 -4.63 -12.07 -25.54
N ASN A 78 -5.19 -12.03 -24.33
CA ASN A 78 -5.17 -13.16 -23.44
C ASN A 78 -6.40 -13.15 -22.55
N GLU A 79 -6.29 -13.79 -21.40
CA GLU A 79 -7.39 -13.87 -20.44
C GLU A 79 -6.87 -13.73 -19.01
N VAL A 80 -6.27 -12.57 -18.71
CA VAL A 80 -5.72 -12.30 -17.38
C VAL A 80 -6.69 -12.73 -16.28
N VAL A 81 -6.16 -12.93 -15.08
CA VAL A 81 -6.98 -13.35 -13.94
C VAL A 81 -6.88 -12.34 -12.81
N PRO A 82 -7.75 -11.31 -12.82
CA PRO A 82 -7.77 -10.26 -11.79
C PRO A 82 -7.55 -10.80 -10.39
N LYS A 83 -6.29 -10.86 -10.03
CA LYS A 83 -5.88 -11.34 -8.72
C LYS A 83 -5.81 -10.19 -7.70
N PRO A 84 -5.97 -10.50 -6.41
CA PRO A 84 -5.92 -9.49 -5.35
C PRO A 84 -4.66 -8.64 -5.41
N GLN A 85 -4.85 -7.33 -5.53
CA GLN A 85 -3.72 -6.40 -5.59
C GLN A 85 -2.88 -6.47 -4.33
N ARG A 86 -1.56 -6.44 -4.49
CA ARG A 86 -0.65 -6.50 -3.35
C ARG A 86 0.58 -5.64 -3.60
N HIS A 87 0.63 -4.46 -2.97
CA HIS A 87 1.75 -3.55 -3.13
C HIS A 87 2.62 -3.54 -1.88
N MET A 88 3.93 -3.34 -2.07
CA MET A 88 4.86 -3.31 -0.95
C MET A 88 5.75 -2.07 -1.03
N PHE A 89 6.18 -1.59 0.15
CA PHE A 89 7.03 -0.41 0.22
C PHE A 89 8.20 -0.66 1.17
N SER A 90 9.35 -0.07 0.86
CA SER A 90 10.53 -0.23 1.69
C SER A 90 10.51 0.74 2.88
N PHE A 91 11.06 0.30 4.00
CA PHE A 91 11.09 1.12 5.20
C PHE A 91 12.28 0.76 6.08
N ASN A 92 12.91 1.77 6.68
CA ASN A 92 14.06 1.56 7.55
C ASN A 92 13.71 1.86 9.00
N ASN A 93 12.91 2.90 9.21
CA ASN A 93 12.51 3.29 10.55
C ASN A 93 11.30 2.48 11.02
N ARG A 94 11.53 1.61 11.99
CA ARG A 94 10.46 0.77 12.53
C ARG A 94 9.38 1.63 13.18
N THR A 95 9.80 2.65 13.92
CA THR A 95 8.87 3.54 14.60
C THR A 95 7.96 4.24 13.59
N VAL A 96 8.53 4.66 12.47
CA VAL A 96 7.77 5.33 11.43
C VAL A 96 6.96 4.35 10.60
N MET A 97 7.58 3.22 10.27
CA MET A 97 6.92 2.19 9.48
C MET A 97 5.68 1.66 10.19
N ASP A 98 5.76 1.58 11.52
CA ASP A 98 4.65 1.09 12.33
C ASP A 98 3.50 2.08 12.31
N ASN A 99 3.82 3.36 12.21
CA ASN A 99 2.82 4.42 12.18
C ASN A 99 2.00 4.36 10.90
N ILE A 100 2.60 3.84 9.84
CA ILE A 100 1.93 3.73 8.55
C ILE A 100 0.88 2.61 8.58
N LYS A 101 1.29 1.43 9.02
CA LYS A 101 0.39 0.29 9.10
C LYS A 101 -0.72 0.54 10.10
N MET A 102 -0.34 1.01 11.30
CA MET A 102 -1.31 1.28 12.35
C MET A 102 -2.34 2.31 11.89
N THR A 103 -1.90 3.24 11.03
CA THR A 103 -2.78 4.27 10.50
C THR A 103 -3.56 3.76 9.30
N LEU A 104 -2.97 2.82 8.57
CA LEU A 104 -3.61 2.25 7.39
C LEU A 104 -4.67 1.22 7.79
N GLN A 105 -4.44 0.57 8.92
CA GLN A 105 -5.37 -0.44 9.42
C GLN A 105 -6.66 0.21 9.93
N GLN A 106 -6.54 1.42 10.43
CA GLN A 106 -7.69 2.15 10.96
C GLN A 106 -8.59 2.65 9.82
N ILE A 107 -7.99 2.89 8.66
CA ILE A 107 -8.72 3.37 7.50
C ILE A 107 -9.57 2.25 6.89
N ILE A 108 -9.13 1.01 7.07
CA ILE A 108 -9.85 -0.14 6.53
C ILE A 108 -10.99 -0.56 7.45
N SER A 109 -10.83 -0.29 8.74
CA SER A 109 -11.85 -0.64 9.72
C SER A 109 -13.01 0.36 9.70
N ARG A 110 -12.70 1.62 9.39
CA ARG A 110 -13.71 2.66 9.34
C ARG A 110 -14.71 2.40 8.22
N TYR A 111 -14.27 1.72 7.17
CA TYR A 111 -15.12 1.41 6.04
C TYR A 111 -15.85 0.07 6.24
N LYS A 112 -15.75 -0.48 7.44
CA LYS A 112 -16.39 -1.75 7.74
C LYS A 112 -17.49 -1.57 8.79
N ASP A 113 -17.23 -0.72 9.78
CA ASP A 113 -18.19 -0.44 10.83
C ASP A 113 -19.05 0.77 10.50
N ALA A 114 -18.97 1.24 9.27
CA ALA A 114 -19.75 2.40 8.84
C ALA A 114 -21.09 1.98 8.26
N ASP A 115 -21.06 1.07 7.30
CA ASP A 115 -22.28 0.58 6.66
C ASP A 115 -22.63 -0.83 7.16
N ASP B 1 14.99 -9.25 -10.88
CA ASP B 1 15.47 -10.49 -10.30
C ASP B 1 15.52 -10.40 -8.78
N LEU B 2 14.61 -9.61 -8.21
CA LEU B 2 14.54 -9.42 -6.77
C LEU B 2 13.10 -9.54 -6.26
N ASP B 3 12.20 -10.01 -7.12
CA ASP B 3 10.79 -10.15 -6.75
C ASP B 3 10.54 -11.54 -6.16
N GLU B 4 11.28 -12.53 -6.63
CA GLU B 4 11.12 -13.90 -6.16
C GLU B 4 11.41 -13.99 -4.66
N SER B 5 12.34 -13.16 -4.19
CA SER B 5 12.70 -13.14 -2.78
C SER B 5 11.75 -12.24 -1.99
N TRP B 6 11.24 -11.21 -2.65
CA TRP B 6 10.32 -10.27 -2.00
C TRP B 6 9.11 -11.00 -1.45
N ASP B 7 8.70 -12.07 -2.13
CA ASP B 7 7.54 -12.85 -1.71
C ASP B 7 7.80 -13.51 -0.36
N TYR B 8 9.04 -13.88 -0.12
CA TYR B 8 9.42 -14.52 1.15
C TYR B 8 9.58 -13.50 2.27
N ILE B 9 9.43 -12.23 1.94
CA ILE B 9 9.56 -11.16 2.92
C ILE B 9 8.21 -10.67 3.41
N PHE B 10 7.20 -10.78 2.55
CA PHE B 10 5.84 -10.35 2.90
C PHE B 10 4.89 -11.53 3.09
N GLU B 11 5.45 -12.74 3.16
CA GLU B 11 4.64 -13.93 3.33
C GLU B 11 4.64 -14.40 4.78
N THR B 12 5.32 -13.66 5.65
CA THR B 12 5.40 -14.01 7.07
C THR B 12 4.09 -13.70 7.77
N THR B 13 3.55 -12.51 7.53
CA THR B 13 2.30 -12.09 8.14
C THR B 13 2.41 -12.09 9.67
N PRO A 1 -1.10 17.95 10.56
CA PRO A 1 0.12 18.08 11.40
C PRO A 1 0.26 16.92 12.38
N SER A 2 -0.04 15.71 11.91
CA SER A 2 0.06 14.53 12.75
C SER A 2 0.14 13.26 11.88
N HIS A 3 -0.79 13.12 10.96
CA HIS A 3 -0.81 11.96 10.07
C HIS A 3 0.26 12.07 8.99
N SER A 4 1.46 11.58 9.30
CA SER A 4 2.57 11.63 8.36
C SER A 4 3.79 10.91 8.92
N GLY A 5 4.66 10.45 8.02
CA GLY A 5 5.85 9.74 8.45
C GLY A 5 6.81 9.48 7.30
N ALA A 6 8.05 9.16 7.64
CA ALA A 6 9.06 8.89 6.63
C ALA A 6 8.67 7.70 5.75
N ALA A 7 8.80 7.86 4.45
CA ALA A 7 8.46 6.80 3.50
C ALA A 7 9.25 6.95 2.21
N ILE A 8 9.93 5.88 1.81
CA ILE A 8 10.73 5.88 0.60
C ILE A 8 10.02 5.13 -0.53
N PHE A 9 9.98 5.74 -1.70
CA PHE A 9 9.34 5.13 -2.85
C PHE A 9 10.23 5.22 -4.10
N GLU A 10 10.48 4.07 -4.72
CA GLU A 10 11.32 4.02 -5.91
C GLU A 10 12.73 4.55 -5.61
N LYS A 11 13.27 4.12 -4.48
CA LYS A 11 14.61 4.55 -4.07
C LYS A 11 14.68 6.07 -3.90
N VAL A 12 13.57 6.66 -3.44
CA VAL A 12 13.50 8.10 -3.22
C VAL A 12 13.10 8.42 -1.78
N SER A 13 13.86 9.30 -1.16
CA SER A 13 13.59 9.70 0.22
C SER A 13 12.55 10.81 0.27
N GLY A 14 11.36 10.48 0.75
CA GLY A 14 10.28 11.46 0.83
C GLY A 14 9.40 11.24 2.05
N ILE A 15 8.57 12.23 2.35
CA ILE A 15 7.67 12.16 3.50
C ILE A 15 6.24 11.90 3.04
N ILE A 16 5.54 11.03 3.76
CA ILE A 16 4.15 10.70 3.43
C ILE A 16 3.18 11.45 4.35
N ALA A 17 2.04 11.82 3.80
CA ALA A 17 1.02 12.54 4.58
C ALA A 17 -0.38 12.09 4.19
N ILE A 18 -1.08 11.47 5.14
CA ILE A 18 -2.43 11.00 4.91
C ILE A 18 -3.46 12.07 5.25
N ASN A 19 -4.42 12.25 4.35
CA ASN A 19 -5.47 13.25 4.55
C ASN A 19 -6.84 12.58 4.68
N GLU A 20 -7.29 12.38 5.91
CA GLU A 20 -8.59 11.76 6.15
C GLU A 20 -9.66 12.81 6.42
N ASP A 21 -9.54 13.95 5.74
CA ASP A 21 -10.50 15.04 5.89
C ASP A 21 -11.46 15.09 4.72
N VAL A 22 -10.95 14.76 3.53
CA VAL A 22 -11.77 14.76 2.32
C VAL A 22 -13.00 13.87 2.48
N SER A 23 -12.78 12.58 2.73
CA SER A 23 -13.85 11.62 2.91
C SER A 23 -13.32 10.19 2.87
N PRO A 24 -12.86 9.73 1.68
CA PRO A 24 -12.31 8.38 1.52
C PRO A 24 -10.90 8.27 2.08
N ALA A 25 -10.30 9.42 2.42
CA ALA A 25 -8.95 9.46 2.96
C ALA A 25 -7.93 9.02 1.91
N GLU A 26 -6.98 9.90 1.62
CA GLU A 26 -5.94 9.60 0.63
C GLU A 26 -4.55 9.71 1.25
N LEU A 27 -3.58 9.08 0.62
CA LEU A 27 -2.20 9.11 1.09
C LEU A 27 -1.30 9.84 0.10
N THR A 28 -0.71 10.94 0.54
CA THR A 28 0.18 11.72 -0.30
C THR A 28 1.64 11.49 0.08
N TRP A 29 2.52 11.48 -0.93
CA TRP A 29 3.95 11.28 -0.71
C TRP A 29 4.76 12.30 -1.49
N ARG A 30 5.55 13.10 -0.78
CA ARG A 30 6.39 14.11 -1.41
C ARG A 30 7.85 13.87 -1.09
N SER A 31 8.70 14.01 -2.11
CA SER A 31 10.14 13.80 -1.94
C SER A 31 10.70 14.76 -0.89
N THR A 32 11.79 14.34 -0.25
CA THR A 32 12.43 15.17 0.77
C THR A 32 12.88 16.50 0.20
N ASP A 33 13.25 16.49 -1.08
CA ASP A 33 13.70 17.71 -1.75
C ASP A 33 12.52 18.51 -2.28
N GLY A 34 11.54 17.80 -2.86
CA GLY A 34 10.36 18.47 -3.40
C GLY A 34 10.35 18.47 -4.91
N ASP A 35 10.35 17.28 -5.50
CA ASP A 35 10.33 17.15 -6.95
C ASP A 35 9.33 16.09 -7.39
N LYS A 36 9.48 14.89 -6.85
CA LYS A 36 8.59 13.78 -7.17
C LYS A 36 7.54 13.58 -6.09
N VAL A 37 6.27 13.73 -6.46
CA VAL A 37 5.16 13.57 -5.51
C VAL A 37 3.93 12.99 -6.20
N HIS A 38 3.28 12.04 -5.54
CA HIS A 38 2.08 11.42 -6.09
C HIS A 38 1.01 11.26 -5.01
N THR A 39 -0.25 11.28 -5.44
CA THR A 39 -1.37 11.14 -4.52
C THR A 39 -2.18 9.90 -4.84
N VAL A 40 -2.38 9.05 -3.83
CA VAL A 40 -3.15 7.82 -4.01
C VAL A 40 -4.25 7.71 -2.95
N VAL A 41 -5.41 7.23 -3.37
CA VAL A 41 -6.54 7.07 -2.47
C VAL A 41 -6.38 5.82 -1.61
N LEU A 42 -6.68 5.95 -0.32
CA LEU A 42 -6.56 4.82 0.60
C LEU A 42 -7.79 3.91 0.51
N SER A 43 -8.93 4.50 0.14
CA SER A 43 -10.17 3.74 0.01
C SER A 43 -10.00 2.58 -0.96
N THR A 44 -9.12 2.76 -1.95
CA THR A 44 -8.86 1.73 -2.95
C THR A 44 -8.22 0.50 -2.31
N ILE A 45 -7.46 0.72 -1.24
CA ILE A 45 -6.80 -0.38 -0.55
C ILE A 45 -7.81 -1.33 0.08
N ASP A 46 -7.41 -2.57 0.26
CA ASP A 46 -8.28 -3.58 0.84
C ASP A 46 -7.66 -4.20 2.10
N LYS A 47 -6.38 -4.58 1.99
CA LYS A 47 -5.67 -5.17 3.10
C LYS A 47 -4.33 -4.48 3.32
N LEU A 48 -3.76 -4.65 4.51
CA LEU A 48 -2.48 -4.04 4.84
C LEU A 48 -1.47 -5.10 5.30
N GLN A 49 -0.31 -5.11 4.66
CA GLN A 49 0.73 -6.07 5.01
C GLN A 49 2.10 -5.40 5.06
N ALA A 50 2.96 -5.87 5.96
CA ALA A 50 4.30 -5.32 6.10
C ALA A 50 5.28 -6.37 6.61
N THR A 51 6.57 -6.06 6.53
CA THR A 51 7.60 -6.98 6.99
C THR A 51 7.63 -7.06 8.51
N PRO A 52 8.12 -8.20 9.06
CA PRO A 52 8.20 -8.40 10.50
C PRO A 52 9.25 -7.51 11.16
N ALA A 53 9.20 -7.41 12.48
CA ALA A 53 10.15 -6.60 13.22
C ALA A 53 11.52 -7.26 13.27
N SER A 54 11.54 -8.59 13.24
CA SER A 54 12.78 -9.34 13.28
C SER A 54 13.59 -9.11 12.01
N SER A 55 12.89 -8.88 10.89
CA SER A 55 13.55 -8.65 9.62
C SER A 55 14.33 -7.34 9.63
N GLU A 56 15.58 -7.40 9.19
CA GLU A 56 16.44 -6.22 9.16
C GLU A 56 15.83 -5.13 8.27
N LYS A 57 15.56 -5.48 7.01
CA LYS A 57 14.98 -4.53 6.06
C LYS A 57 13.55 -4.18 6.46
N MET A 58 13.33 -2.90 6.73
CA MET A 58 12.01 -2.41 7.13
C MET A 58 11.23 -1.89 5.91
N MET A 59 10.16 -2.59 5.56
CA MET A 59 9.34 -2.19 4.42
C MET A 59 7.88 -2.61 4.63
N LEU A 60 6.99 -2.07 3.82
CA LEU A 60 5.57 -2.38 3.92
C LEU A 60 4.98 -2.62 2.54
N ARG A 61 3.78 -3.21 2.51
CA ARG A 61 3.09 -3.49 1.25
C ARG A 61 1.59 -3.33 1.40
N LEU A 62 0.99 -2.57 0.50
CA LEU A 62 -0.45 -2.33 0.53
C LEU A 62 -1.15 -3.10 -0.59
N ILE A 63 -2.24 -3.77 -0.24
CA ILE A 63 -3.00 -4.55 -1.21
C ILE A 63 -4.35 -3.91 -1.48
N GLY A 64 -4.75 -3.89 -2.74
CA GLY A 64 -6.02 -3.30 -3.11
C GLY A 64 -7.13 -4.34 -3.27
N LYS A 65 -8.32 -3.89 -3.62
CA LYS A 65 -9.45 -4.79 -3.81
C LYS A 65 -9.46 -5.38 -5.22
N VAL A 66 -10.53 -6.10 -5.53
CA VAL A 66 -10.66 -6.72 -6.85
C VAL A 66 -12.12 -6.79 -7.27
N ASP A 67 -12.36 -7.18 -8.52
CA ASP A 67 -13.71 -7.29 -9.06
C ASP A 67 -13.88 -8.58 -9.84
N GLU A 68 -14.09 -9.69 -9.13
CA GLU A 68 -14.28 -10.98 -9.77
C GLU A 68 -15.73 -11.19 -10.17
N SER A 69 -16.10 -10.67 -11.32
CA SER A 69 -17.46 -10.81 -11.83
C SER A 69 -17.57 -10.30 -13.26
N LYS A 70 -16.93 -9.16 -13.53
CA LYS A 70 -16.95 -8.57 -14.86
C LYS A 70 -16.13 -9.41 -15.85
N LYS A 71 -14.86 -9.61 -15.52
CA LYS A 71 -13.96 -10.38 -16.38
C LYS A 71 -13.86 -9.76 -17.77
N ARG A 72 -12.81 -10.12 -18.49
CA ARG A 72 -12.58 -9.61 -19.84
C ARG A 72 -12.02 -10.68 -20.75
N LYS A 73 -12.46 -10.68 -22.00
CA LYS A 73 -12.00 -11.67 -22.98
C LYS A 73 -11.58 -10.98 -24.28
N ASP A 74 -10.32 -10.53 -24.33
CA ASP A 74 -9.80 -9.87 -25.51
C ASP A 74 -8.88 -10.79 -26.29
N ASN A 75 -9.20 -12.08 -26.28
CA ASN A 75 -8.40 -13.07 -26.99
C ASN A 75 -9.05 -14.45 -26.90
N GLU A 76 -9.37 -15.03 -28.06
CA GLU A 76 -9.99 -16.35 -28.11
C GLU A 76 -9.06 -17.41 -27.53
N GLY A 77 -9.43 -17.93 -26.37
CA GLY A 77 -8.62 -18.95 -25.72
C GLY A 77 -7.85 -18.41 -24.54
N ASN A 78 -8.39 -17.39 -23.88
CA ASN A 78 -7.74 -16.78 -22.73
C ASN A 78 -8.63 -15.68 -22.13
N GLU A 79 -9.04 -15.88 -20.89
CA GLU A 79 -9.88 -14.91 -20.20
C GLU A 79 -9.09 -14.15 -19.13
N VAL A 80 -9.27 -12.85 -19.07
CA VAL A 80 -8.58 -12.01 -18.10
C VAL A 80 -9.54 -11.48 -17.05
N VAL A 81 -9.09 -11.49 -15.79
CA VAL A 81 -9.90 -11.01 -14.69
C VAL A 81 -9.20 -9.90 -13.92
N PRO A 82 -9.93 -8.84 -13.54
CA PRO A 82 -9.38 -7.70 -12.80
C PRO A 82 -8.40 -8.10 -11.72
N LYS A 83 -7.15 -8.20 -12.14
CA LYS A 83 -6.06 -8.57 -11.24
C LYS A 83 -5.95 -7.59 -10.07
N PRO A 84 -5.53 -8.08 -8.90
CA PRO A 84 -5.38 -7.24 -7.70
C PRO A 84 -4.18 -6.30 -7.81
N GLN A 85 -4.19 -5.25 -7.01
CA GLN A 85 -3.11 -4.27 -7.00
C GLN A 85 -2.37 -4.28 -5.67
N ARG A 86 -1.07 -4.56 -5.72
CA ARG A 86 -0.25 -4.62 -4.51
C ARG A 86 0.95 -3.67 -4.63
N HIS A 87 0.98 -2.66 -3.77
CA HIS A 87 2.08 -1.69 -3.77
C HIS A 87 3.02 -1.93 -2.60
N MET A 88 4.30 -1.67 -2.82
CA MET A 88 5.31 -1.86 -1.78
C MET A 88 5.97 -0.54 -1.43
N PHE A 89 6.39 -0.41 -0.17
CA PHE A 89 7.04 0.81 0.30
C PHE A 89 8.19 0.48 1.26
N SER A 90 9.21 1.33 1.27
CA SER A 90 10.36 1.13 2.13
C SER A 90 10.35 2.11 3.30
N PHE A 91 10.84 1.68 4.45
CA PHE A 91 10.90 2.52 5.64
C PHE A 91 12.18 2.30 6.42
N ASN A 92 12.74 3.38 6.96
CA ASN A 92 13.98 3.30 7.72
C ASN A 92 13.71 3.47 9.21
N ASN A 93 12.55 3.01 9.65
CA ASN A 93 12.16 3.11 11.06
C ASN A 93 10.90 2.31 11.34
N ARG A 94 11.06 1.22 12.09
CA ARG A 94 9.92 0.36 12.44
C ARG A 94 8.87 1.14 13.22
N THR A 95 9.31 2.11 14.00
CA THR A 95 8.41 2.94 14.80
C THR A 95 7.51 3.77 13.91
N VAL A 96 8.04 4.21 12.78
CA VAL A 96 7.28 5.02 11.84
C VAL A 96 6.32 4.16 11.02
N MET A 97 6.79 2.99 10.59
CA MET A 97 5.98 2.08 9.81
C MET A 97 4.72 1.66 10.57
N ASP A 98 4.84 1.60 11.89
CA ASP A 98 3.71 1.21 12.75
C ASP A 98 2.69 2.34 12.83
N ASN A 99 3.16 3.58 12.74
CA ASN A 99 2.29 4.74 12.80
C ASN A 99 1.46 4.87 11.53
N ILE A 100 2.10 4.58 10.39
CA ILE A 100 1.42 4.68 9.10
C ILE A 100 0.44 3.51 8.92
N LYS A 101 0.95 2.29 9.06
CA LYS A 101 0.12 1.10 8.91
C LYS A 101 -1.05 1.13 9.88
N MET A 102 -0.77 1.44 11.15
CA MET A 102 -1.80 1.50 12.17
C MET A 102 -2.87 2.52 11.81
N THR A 103 -2.43 3.69 11.35
CA THR A 103 -3.36 4.75 10.97
C THR A 103 -4.13 4.38 9.70
N LEU A 104 -3.45 3.72 8.78
CA LEU A 104 -4.07 3.31 7.52
C LEU A 104 -5.11 2.21 7.77
N GLN A 105 -4.77 1.26 8.63
CA GLN A 105 -5.66 0.15 8.95
C GLN A 105 -7.00 0.67 9.48
N GLN A 106 -6.96 1.82 10.14
CA GLN A 106 -8.17 2.43 10.69
C GLN A 106 -9.05 3.01 9.58
N ILE A 107 -8.42 3.46 8.51
CA ILE A 107 -9.14 4.05 7.39
C ILE A 107 -9.75 2.97 6.50
N ILE A 108 -9.07 1.82 6.41
CA ILE A 108 -9.54 0.72 5.60
C ILE A 108 -10.57 -0.11 6.35
N SER A 109 -10.42 -0.17 7.68
CA SER A 109 -11.33 -0.94 8.51
C SER A 109 -12.66 -0.19 8.70
N ARG A 110 -12.57 1.12 8.88
CA ARG A 110 -13.75 1.96 9.07
C ARG A 110 -14.69 1.84 7.87
N TYR A 111 -14.11 1.60 6.69
CA TYR A 111 -14.89 1.48 5.47
C TYR A 111 -15.32 0.03 5.23
N LYS A 112 -14.73 -0.89 5.99
CA LYS A 112 -15.06 -2.31 5.84
C LYS A 112 -16.44 -2.61 6.43
N ASP A 113 -16.84 -1.84 7.43
CA ASP A 113 -18.14 -2.02 8.07
C ASP A 113 -19.13 -0.97 7.59
N ALA A 114 -18.63 0.21 7.27
CA ALA A 114 -19.47 1.30 6.80
C ALA A 114 -20.06 0.99 5.43
N ASP A 115 -19.32 0.22 4.63
CA ASP A 115 -19.77 -0.14 3.30
C ASP A 115 -19.99 1.09 2.43
N ASP B 1 15.02 -14.23 -9.28
CA ASP B 1 16.04 -13.21 -9.45
C ASP B 1 15.63 -11.92 -8.74
N LEU B 2 15.62 -11.96 -7.42
CA LEU B 2 15.25 -10.79 -6.61
C LEU B 2 13.78 -10.45 -6.78
N ASP B 3 13.01 -11.35 -7.39
CA ASP B 3 11.59 -11.12 -7.60
C ASP B 3 10.77 -11.77 -6.50
N GLU B 4 10.91 -13.09 -6.35
CA GLU B 4 10.19 -13.83 -5.33
C GLU B 4 10.53 -13.33 -3.94
N SER B 5 11.80 -13.00 -3.72
CA SER B 5 12.25 -12.51 -2.44
C SER B 5 11.54 -11.21 -2.07
N TRP B 6 11.20 -10.43 -3.09
CA TRP B 6 10.51 -9.15 -2.88
C TRP B 6 9.03 -9.37 -2.62
N ASP B 7 8.49 -10.43 -3.22
CA ASP B 7 7.07 -10.76 -3.06
C ASP B 7 6.83 -11.50 -1.75
N TYR B 8 7.78 -12.34 -1.36
CA TYR B 8 7.67 -13.11 -0.13
C TYR B 8 7.83 -12.20 1.09
N ILE B 9 8.77 -11.28 1.02
CA ILE B 9 9.03 -10.35 2.12
C ILE B 9 7.78 -9.53 2.44
N PHE B 10 6.95 -9.31 1.44
CA PHE B 10 5.72 -8.54 1.62
C PHE B 10 4.50 -9.46 1.75
N GLU B 11 4.57 -10.60 1.08
CA GLU B 11 3.48 -11.58 1.10
C GLU B 11 3.42 -12.28 2.46
N THR B 12 4.43 -13.10 2.74
CA THR B 12 4.50 -13.83 4.00
C THR B 12 5.32 -13.07 5.04
N THR B 13 5.41 -13.63 6.23
CA THR B 13 6.17 -13.01 7.31
C THR B 13 7.13 -14.01 7.96
N PRO A 1 -2.66 16.85 9.16
CA PRO A 1 -1.63 17.66 9.88
C PRO A 1 -0.37 16.85 10.16
N SER A 2 -0.55 15.62 10.60
CA SER A 2 0.58 14.75 10.91
C SER A 2 0.39 13.37 10.27
N HIS A 3 -0.27 13.35 9.12
CA HIS A 3 -0.51 12.11 8.39
C HIS A 3 0.44 11.98 7.20
N SER A 4 1.64 11.47 7.46
CA SER A 4 2.64 11.29 6.42
C SER A 4 3.84 10.52 6.94
N GLY A 5 4.64 9.99 6.02
CA GLY A 5 5.83 9.24 6.42
C GLY A 5 6.76 8.97 5.26
N ALA A 6 8.06 9.00 5.53
CA ALA A 6 9.07 8.77 4.50
C ALA A 6 8.95 7.36 3.93
N ALA A 7 8.39 7.25 2.72
CA ALA A 7 8.22 5.96 2.07
C ALA A 7 8.95 5.93 0.73
N ILE A 8 9.56 4.79 0.41
CA ILE A 8 10.30 4.64 -0.84
C ILE A 8 9.53 3.74 -1.81
N PHE A 9 9.36 4.22 -3.04
CA PHE A 9 8.66 3.47 -4.06
C PHE A 9 9.43 3.50 -5.38
N GLU A 10 9.62 2.32 -5.97
CA GLU A 10 10.34 2.22 -7.23
C GLU A 10 11.80 2.65 -7.07
N LYS A 11 12.38 2.33 -5.91
CA LYS A 11 13.76 2.68 -5.63
C LYS A 11 13.93 4.19 -5.57
N VAL A 12 12.92 4.88 -5.07
CA VAL A 12 12.97 6.33 -4.95
C VAL A 12 12.51 6.79 -3.56
N SER A 13 13.31 7.65 -2.95
CA SER A 13 12.99 8.16 -1.62
C SER A 13 12.02 9.32 -1.71
N GLY A 14 10.91 9.23 -0.98
CA GLY A 14 9.92 10.29 -1.00
C GLY A 14 9.05 10.29 0.24
N ILE A 15 8.20 11.31 0.36
CA ILE A 15 7.32 11.43 1.51
C ILE A 15 5.87 11.09 1.12
N ILE A 16 5.24 10.25 1.93
CA ILE A 16 3.86 9.84 1.66
C ILE A 16 2.88 10.61 2.55
N ALA A 17 1.66 10.81 2.05
CA ALA A 17 0.63 11.52 2.78
C ALA A 17 -0.73 10.88 2.58
N ILE A 18 -1.37 10.48 3.68
CA ILE A 18 -2.68 9.85 3.61
C ILE A 18 -3.79 10.89 3.68
N ASN A 19 -4.76 10.77 2.78
CA ASN A 19 -5.88 11.70 2.73
C ASN A 19 -7.16 11.02 3.19
N GLU A 20 -7.52 11.21 4.45
CA GLU A 20 -8.72 10.62 5.01
C GLU A 20 -9.83 11.66 5.12
N ASP A 21 -9.80 12.65 4.25
CA ASP A 21 -10.81 13.71 4.24
C ASP A 21 -11.98 13.33 3.35
N VAL A 22 -11.71 12.54 2.32
CA VAL A 22 -12.74 12.11 1.38
C VAL A 22 -13.34 10.78 1.81
N SER A 23 -14.27 10.27 1.02
CA SER A 23 -14.93 9.00 1.32
C SER A 23 -13.98 7.82 1.12
N PRO A 24 -13.48 7.63 -0.12
CA PRO A 24 -12.56 6.53 -0.43
C PRO A 24 -11.17 6.74 0.14
N ALA A 25 -10.75 7.99 0.24
CA ALA A 25 -9.43 8.33 0.77
C ALA A 25 -8.33 7.75 -0.11
N GLU A 26 -7.24 8.49 -0.26
CA GLU A 26 -6.12 8.05 -1.09
C GLU A 26 -4.78 8.36 -0.43
N LEU A 27 -3.73 7.72 -0.92
CA LEU A 27 -2.39 7.93 -0.40
C LEU A 27 -1.50 8.63 -1.42
N THR A 28 -0.99 9.79 -1.06
CA THR A 28 -0.13 10.56 -1.97
C THR A 28 1.35 10.32 -1.65
N TRP A 29 2.13 10.04 -2.68
CA TRP A 29 3.56 9.79 -2.51
C TRP A 29 4.37 10.61 -3.51
N ARG A 30 5.08 11.62 -3.00
CA ARG A 30 5.89 12.48 -3.86
C ARG A 30 7.38 12.23 -3.61
N SER A 31 8.16 12.22 -4.69
CA SER A 31 9.59 12.00 -4.59
C SER A 31 10.25 13.06 -3.71
N THR A 32 11.24 12.63 -2.93
CA THR A 32 11.95 13.54 -2.03
C THR A 32 12.60 14.68 -2.82
N ASP A 33 13.28 14.34 -3.91
CA ASP A 33 13.96 15.34 -4.73
C ASP A 33 13.48 15.26 -6.19
N GLY A 34 13.30 14.04 -6.67
CA GLY A 34 12.85 13.84 -8.04
C GLY A 34 11.56 14.57 -8.34
N ASP A 35 11.00 14.33 -9.52
CA ASP A 35 9.75 14.97 -9.93
C ASP A 35 8.67 13.92 -10.20
N LYS A 36 8.75 12.79 -9.51
CA LYS A 36 7.77 11.72 -9.67
C LYS A 36 6.86 11.63 -8.45
N VAL A 37 5.63 11.21 -8.68
CA VAL A 37 4.66 11.08 -7.59
C VAL A 37 3.67 9.95 -7.87
N HIS A 38 3.26 9.27 -6.81
CA HIS A 38 2.31 8.16 -6.93
C HIS A 38 1.10 8.36 -6.01
N THR A 39 -0.08 8.10 -6.53
CA THR A 39 -1.31 8.24 -5.77
C THR A 39 -2.14 6.96 -5.82
N VAL A 40 -2.24 6.27 -4.68
CA VAL A 40 -3.00 5.03 -4.62
C VAL A 40 -4.19 5.18 -3.67
N VAL A 41 -5.35 4.69 -4.11
CA VAL A 41 -6.56 4.76 -3.30
C VAL A 41 -6.52 3.75 -2.16
N LEU A 42 -6.91 4.19 -0.97
CA LEU A 42 -6.92 3.34 0.21
C LEU A 42 -8.16 2.44 0.23
N SER A 43 -9.25 2.94 -0.32
CA SER A 43 -10.51 2.19 -0.36
C SER A 43 -10.33 0.85 -1.08
N THR A 44 -9.39 0.82 -2.03
CA THR A 44 -9.14 -0.40 -2.79
C THR A 44 -8.42 -1.45 -1.92
N ILE A 45 -7.73 -0.98 -0.89
CA ILE A 45 -7.01 -1.88 0.00
C ILE A 45 -7.95 -2.93 0.60
N ASP A 46 -7.39 -4.10 0.92
CA ASP A 46 -8.17 -5.18 1.49
C ASP A 46 -7.57 -5.66 2.81
N LYS A 47 -6.25 -5.83 2.82
CA LYS A 47 -5.56 -6.29 4.02
C LYS A 47 -4.37 -5.39 4.34
N LEU A 48 -3.77 -5.62 5.51
CA LEU A 48 -2.61 -4.83 5.94
C LEU A 48 -1.54 -5.74 6.54
N GLN A 49 -0.33 -5.67 5.97
CA GLN A 49 0.78 -6.48 6.45
C GLN A 49 2.10 -5.75 6.28
N ALA A 50 3.11 -6.19 7.03
CA ALA A 50 4.44 -5.57 6.95
C ALA A 50 5.52 -6.53 7.44
N THR A 51 6.77 -6.19 7.17
CA THR A 51 7.90 -7.02 7.59
C THR A 51 8.03 -7.04 9.11
N PRO A 52 8.63 -8.11 9.66
CA PRO A 52 8.81 -8.25 11.10
C PRO A 52 9.84 -7.27 11.65
N ALA A 53 9.76 -6.99 12.95
CA ALA A 53 10.69 -6.07 13.60
C ALA A 53 12.10 -6.64 13.63
N SER A 54 12.19 -7.97 13.71
CA SER A 54 13.49 -8.63 13.76
C SER A 54 14.24 -8.46 12.45
N SER A 55 13.50 -8.36 11.35
CA SER A 55 14.10 -8.19 10.04
C SER A 55 14.82 -6.85 9.94
N GLU A 56 16.08 -6.89 9.52
CA GLU A 56 16.88 -5.68 9.39
C GLU A 56 16.26 -4.72 8.38
N LYS A 57 15.71 -5.27 7.30
CA LYS A 57 15.07 -4.45 6.28
C LYS A 57 13.59 -4.24 6.60
N MET A 58 13.23 -3.00 6.92
CA MET A 58 11.86 -2.66 7.24
C MET A 58 11.09 -2.25 5.99
N MET A 59 10.00 -2.96 5.71
CA MET A 59 9.17 -2.66 4.55
C MET A 59 7.69 -2.85 4.86
N LEU A 60 6.84 -2.34 3.99
CA LEU A 60 5.39 -2.46 4.17
C LEU A 60 4.74 -3.11 2.96
N ARG A 61 3.67 -3.88 3.19
CA ARG A 61 2.97 -4.56 2.11
C ARG A 61 1.46 -4.42 2.29
N LEU A 62 0.78 -4.03 1.22
CA LEU A 62 -0.67 -3.86 1.24
C LEU A 62 -1.34 -4.71 0.17
N ILE A 63 -2.50 -5.27 0.50
CA ILE A 63 -3.23 -6.10 -0.44
C ILE A 63 -4.46 -5.37 -0.98
N GLY A 64 -4.74 -5.55 -2.27
CA GLY A 64 -5.88 -4.89 -2.88
C GLY A 64 -7.09 -5.80 -2.94
N LYS A 65 -8.27 -5.19 -3.12
CA LYS A 65 -9.51 -5.95 -3.19
C LYS A 65 -9.72 -6.53 -4.58
N VAL A 66 -10.87 -7.15 -4.80
CA VAL A 66 -11.19 -7.74 -6.09
C VAL A 66 -12.15 -6.85 -6.88
N ASP A 67 -12.05 -6.92 -8.21
CA ASP A 67 -12.91 -6.13 -9.08
C ASP A 67 -13.72 -7.02 -10.01
N GLU A 68 -14.98 -7.26 -9.65
CA GLU A 68 -15.86 -8.10 -10.45
C GLU A 68 -16.46 -7.31 -11.61
N SER A 69 -16.66 -6.02 -11.40
CA SER A 69 -17.22 -5.15 -12.44
C SER A 69 -16.36 -5.16 -13.69
N LYS A 70 -15.05 -5.22 -13.49
CA LYS A 70 -14.10 -5.24 -14.61
C LYS A 70 -14.21 -6.55 -15.39
N LYS A 71 -13.93 -7.66 -14.72
CA LYS A 71 -13.98 -8.97 -15.35
C LYS A 71 -13.00 -9.06 -16.51
N ARG A 72 -13.13 -10.12 -17.30
CA ARG A 72 -12.25 -10.33 -18.45
C ARG A 72 -12.35 -9.16 -19.43
N LYS A 73 -11.43 -9.13 -20.39
CA LYS A 73 -11.41 -8.06 -21.39
C LYS A 73 -11.21 -6.70 -20.74
N ASP A 74 -9.95 -6.37 -20.42
CA ASP A 74 -9.63 -5.10 -19.79
C ASP A 74 -9.57 -3.98 -20.83
N ASN A 75 -8.89 -4.25 -21.93
CA ASN A 75 -8.76 -3.26 -23.00
C ASN A 75 -8.46 -3.94 -24.33
N GLU A 76 -7.22 -4.40 -24.50
CA GLU A 76 -6.82 -5.07 -25.73
C GLU A 76 -7.64 -6.33 -25.96
N GLY A 77 -7.88 -7.08 -24.89
CA GLY A 77 -8.65 -8.31 -25.00
C GLY A 77 -7.78 -9.55 -24.90
N ASN A 78 -6.87 -9.56 -23.93
CA ASN A 78 -5.97 -10.69 -23.74
C ASN A 78 -6.47 -11.58 -22.61
N GLU A 79 -7.77 -11.55 -22.39
CA GLU A 79 -8.41 -12.35 -21.36
C GLU A 79 -7.65 -12.26 -20.03
N VAL A 80 -8.02 -11.29 -19.21
CA VAL A 80 -7.37 -11.10 -17.92
C VAL A 80 -8.34 -11.43 -16.77
N VAL A 81 -7.78 -11.95 -15.69
CA VAL A 81 -8.58 -12.31 -14.52
C VAL A 81 -8.54 -11.21 -13.47
N PRO A 82 -9.70 -10.86 -12.87
CA PRO A 82 -9.78 -9.82 -11.84
C PRO A 82 -9.19 -10.26 -10.52
N LYS A 83 -7.89 -10.58 -10.53
CA LYS A 83 -7.20 -11.01 -9.32
C LYS A 83 -6.75 -9.82 -8.49
N PRO A 84 -6.59 -10.02 -7.17
CA PRO A 84 -6.15 -8.95 -6.25
C PRO A 84 -4.71 -8.55 -6.48
N GLN A 85 -4.43 -7.26 -6.33
CA GLN A 85 -3.07 -6.74 -6.52
C GLN A 85 -2.44 -6.36 -5.18
N ARG A 86 -1.20 -6.76 -4.98
CA ARG A 86 -0.49 -6.46 -3.74
C ARG A 86 0.67 -5.50 -4.00
N HIS A 87 0.74 -4.43 -3.22
CA HIS A 87 1.80 -3.44 -3.36
C HIS A 87 2.55 -3.26 -2.05
N MET A 88 3.88 -3.20 -2.14
CA MET A 88 4.72 -3.03 -0.97
C MET A 88 5.63 -1.82 -1.12
N PHE A 89 5.94 -1.17 0.00
CA PHE A 89 6.80 -0.01 0.01
C PHE A 89 7.94 -0.16 1.01
N SER A 90 9.06 0.51 0.75
CA SER A 90 10.22 0.43 1.64
C SER A 90 10.10 1.45 2.77
N PHE A 91 10.81 1.19 3.86
CA PHE A 91 10.77 2.08 5.02
C PHE A 91 12.05 1.92 5.85
N ASN A 92 12.62 3.05 6.26
CA ASN A 92 13.84 3.04 7.07
C ASN A 92 13.54 3.47 8.50
N ASN A 93 12.35 3.13 8.99
CA ASN A 93 11.94 3.49 10.34
C ASN A 93 10.86 2.54 10.85
N ARG A 94 11.04 2.05 12.07
CA ARG A 94 10.08 1.13 12.67
C ARG A 94 8.92 1.90 13.29
N THR A 95 9.20 3.10 13.78
CA THR A 95 8.16 3.93 14.40
C THR A 95 7.22 4.50 13.34
N VAL A 96 7.79 4.97 12.23
CA VAL A 96 6.99 5.54 11.15
C VAL A 96 6.07 4.49 10.54
N MET A 97 6.56 3.26 10.44
CA MET A 97 5.77 2.17 9.87
C MET A 97 4.51 1.93 10.69
N ASP A 98 4.62 2.11 12.00
CA ASP A 98 3.48 1.90 12.90
C ASP A 98 2.42 2.97 12.66
N ASN A 99 2.84 4.16 12.26
CA ASN A 99 1.92 5.26 12.01
C ASN A 99 1.17 5.04 10.70
N ILE A 100 1.90 4.63 9.66
CA ILE A 100 1.30 4.39 8.36
C ILE A 100 0.26 3.27 8.43
N LYS A 101 0.68 2.11 8.91
CA LYS A 101 -0.20 0.96 9.04
C LYS A 101 -1.38 1.29 9.96
N MET A 102 -1.08 1.84 11.12
CA MET A 102 -2.12 2.20 12.09
C MET A 102 -3.12 3.18 11.47
N THR A 103 -2.61 4.14 10.71
CA THR A 103 -3.46 5.14 10.07
C THR A 103 -4.23 4.52 8.90
N LEU A 104 -3.66 3.48 8.29
CA LEU A 104 -4.29 2.81 7.17
C LEU A 104 -5.35 1.83 7.64
N GLN A 105 -5.01 1.03 8.64
CA GLN A 105 -5.94 0.04 9.19
C GLN A 105 -7.23 0.69 9.66
N GLN A 106 -7.13 1.96 10.06
CA GLN A 106 -8.30 2.70 10.55
C GLN A 106 -9.18 3.14 9.39
N ILE A 107 -8.55 3.63 8.32
CA ILE A 107 -9.28 4.10 7.14
C ILE A 107 -10.07 2.96 6.50
N ILE A 108 -9.55 1.75 6.61
CA ILE A 108 -10.20 0.57 6.04
C ILE A 108 -11.28 0.04 6.97
N SER A 109 -11.08 0.22 8.27
CA SER A 109 -12.03 -0.24 9.28
C SER A 109 -13.19 0.75 9.43
N ARG A 110 -12.90 2.03 9.20
CA ARG A 110 -13.92 3.07 9.31
C ARG A 110 -14.91 2.98 8.15
N TYR A 111 -14.41 2.62 6.97
CA TYR A 111 -15.25 2.52 5.78
C TYR A 111 -15.83 1.11 5.64
N LYS A 112 -15.32 0.17 6.44
CA LYS A 112 -15.78 -1.20 6.39
C LYS A 112 -17.27 -1.28 6.71
N ASP A 113 -17.70 -0.48 7.68
CA ASP A 113 -19.10 -0.44 8.08
C ASP A 113 -19.94 0.39 7.12
N ALA A 114 -19.37 1.50 6.67
CA ALA A 114 -20.06 2.39 5.74
C ALA A 114 -20.23 1.73 4.38
N ASP A 115 -19.14 1.20 3.84
CA ASP A 115 -19.17 0.54 2.54
C ASP A 115 -19.11 -0.98 2.70
N ASP B 1 13.53 -14.01 -8.31
CA ASP B 1 13.58 -13.34 -7.02
C ASP B 1 12.99 -11.93 -7.11
N LEU B 2 11.73 -11.80 -6.74
CA LEU B 2 11.05 -10.51 -6.78
C LEU B 2 9.65 -10.61 -6.19
N ASP B 3 8.95 -11.69 -6.52
CA ASP B 3 7.60 -11.91 -6.02
C ASP B 3 7.60 -12.79 -4.78
N GLU B 4 8.11 -14.00 -4.92
CA GLU B 4 8.17 -14.95 -3.80
C GLU B 4 9.28 -14.56 -2.83
N SER B 5 10.34 -13.94 -3.35
CA SER B 5 11.47 -13.52 -2.53
C SER B 5 11.01 -12.56 -1.44
N TRP B 6 10.14 -11.62 -1.81
CA TRP B 6 9.64 -10.64 -0.86
C TRP B 6 8.36 -11.14 -0.18
N ASP B 7 7.67 -12.06 -0.84
CA ASP B 7 6.43 -12.62 -0.29
C ASP B 7 6.66 -13.21 1.10
N TYR B 8 7.85 -13.75 1.32
CA TYR B 8 8.20 -14.34 2.61
C TYR B 8 8.28 -13.28 3.69
N ILE B 9 9.13 -12.28 3.47
CA ILE B 9 9.31 -11.19 4.43
C ILE B 9 7.99 -10.47 4.72
N PHE B 10 7.11 -10.47 3.73
CA PHE B 10 5.81 -9.81 3.86
C PHE B 10 4.77 -10.77 4.44
N GLU B 11 4.93 -12.06 4.15
CA GLU B 11 4.01 -13.08 4.63
C GLU B 11 4.25 -13.37 6.11
N THR B 12 5.50 -13.24 6.54
CA THR B 12 5.87 -13.49 7.92
C THR B 12 5.64 -12.26 8.78
N THR B 13 4.41 -12.12 9.29
CA THR B 13 4.06 -10.98 10.12
C THR B 13 3.37 -11.43 11.40
N PRO A 1 -1.83 18.25 9.16
CA PRO A 1 -0.44 17.71 9.06
C PRO A 1 -0.10 16.78 10.22
N SER A 2 -0.94 15.76 10.41
CA SER A 2 -0.75 14.79 11.48
C SER A 2 -0.19 13.48 10.93
N HIS A 3 -1.02 12.77 10.17
CA HIS A 3 -0.61 11.50 9.57
C HIS A 3 0.40 11.72 8.46
N SER A 4 1.66 11.39 8.74
CA SER A 4 2.73 11.54 7.76
C SER A 4 3.89 10.60 8.07
N GLY A 5 4.80 10.47 7.11
CA GLY A 5 5.96 9.61 7.30
C GLY A 5 6.68 9.32 6.00
N ALA A 6 8.00 9.25 6.07
CA ALA A 6 8.82 8.99 4.89
C ALA A 6 8.46 7.63 4.28
N ALA A 7 8.23 7.63 2.97
CA ALA A 7 7.87 6.41 2.26
C ALA A 7 8.58 6.34 0.90
N ILE A 8 9.46 5.35 0.75
CA ILE A 8 10.19 5.18 -0.50
C ILE A 8 9.57 4.08 -1.36
N PHE A 9 9.14 4.45 -2.55
CA PHE A 9 8.53 3.50 -3.47
C PHE A 9 9.51 3.11 -4.56
N GLU A 10 9.92 1.84 -4.56
CA GLU A 10 10.87 1.34 -5.55
C GLU A 10 12.29 1.84 -5.26
N LYS A 11 12.43 3.12 -4.98
CA LYS A 11 13.74 3.70 -4.68
C LYS A 11 13.64 5.19 -4.38
N VAL A 12 12.67 5.87 -5.00
CA VAL A 12 12.48 7.30 -4.78
C VAL A 12 12.14 7.59 -3.32
N SER A 13 12.91 8.48 -2.72
CA SER A 13 12.70 8.86 -1.33
C SER A 13 11.72 10.02 -1.23
N GLY A 14 10.51 9.74 -0.73
CA GLY A 14 9.50 10.77 -0.60
C GLY A 14 8.75 10.66 0.71
N ILE A 15 7.96 11.69 1.01
CA ILE A 15 7.17 11.71 2.25
C ILE A 15 5.70 11.47 1.96
N ILE A 16 5.09 10.56 2.72
CA ILE A 16 3.69 10.23 2.53
C ILE A 16 2.83 10.92 3.59
N ALA A 17 1.65 11.38 3.18
CA ALA A 17 0.73 12.06 4.08
C ALA A 17 -0.72 11.65 3.80
N ILE A 18 -1.40 11.16 4.83
CA ILE A 18 -2.79 10.75 4.69
C ILE A 18 -3.74 11.91 4.97
N ASN A 19 -4.73 12.07 4.10
CA ASN A 19 -5.71 13.14 4.26
C ASN A 19 -7.09 12.57 4.58
N GLU A 20 -7.62 12.97 5.74
CA GLU A 20 -8.94 12.51 6.17
C GLU A 20 -10.00 13.57 5.93
N ASP A 21 -9.76 14.44 4.95
CA ASP A 21 -10.70 15.50 4.62
C ASP A 21 -11.82 14.99 3.72
N VAL A 22 -11.48 14.02 2.88
CA VAL A 22 -12.45 13.44 1.96
C VAL A 22 -12.97 12.10 2.50
N SER A 23 -14.23 11.80 2.21
CA SER A 23 -14.86 10.57 2.68
C SER A 23 -13.99 9.34 2.38
N PRO A 24 -13.79 9.01 1.09
CA PRO A 24 -12.96 7.85 0.69
C PRO A 24 -11.51 7.96 1.17
N ALA A 25 -11.11 9.16 1.58
CA ALA A 25 -9.74 9.38 2.04
C ALA A 25 -8.73 9.12 0.93
N GLU A 26 -7.55 9.71 1.06
CA GLU A 26 -6.49 9.55 0.07
C GLU A 26 -5.11 9.62 0.70
N LEU A 27 -4.11 9.17 -0.05
CA LEU A 27 -2.73 9.18 0.44
C LEU A 27 -1.84 10.00 -0.50
N THR A 28 -1.25 11.06 0.04
CA THR A 28 -0.37 11.93 -0.74
C THR A 28 1.09 11.56 -0.53
N TRP A 29 1.83 11.48 -1.64
CA TRP A 29 3.25 11.13 -1.58
C TRP A 29 4.08 12.08 -2.45
N ARG A 30 4.86 12.94 -1.79
CA ARG A 30 5.69 13.90 -2.50
C ARG A 30 7.17 13.58 -2.30
N SER A 31 7.93 13.64 -3.39
CA SER A 31 9.36 13.35 -3.34
C SER A 31 10.08 14.33 -2.42
N THR A 32 11.04 13.82 -1.66
CA THR A 32 11.80 14.66 -0.73
C THR A 32 12.54 15.76 -1.48
N ASP A 33 13.45 15.35 -2.36
CA ASP A 33 14.23 16.30 -3.14
C ASP A 33 14.04 16.06 -4.64
N GLY A 34 13.10 16.79 -5.23
CA GLY A 34 12.84 16.64 -6.66
C GLY A 34 11.60 17.41 -7.10
N ASP A 35 10.64 16.68 -7.64
CA ASP A 35 9.40 17.31 -8.12
C ASP A 35 8.42 16.25 -8.61
N LYS A 36 8.39 15.11 -7.93
CA LYS A 36 7.49 14.01 -8.30
C LYS A 36 6.57 13.65 -7.15
N VAL A 37 5.27 13.81 -7.38
CA VAL A 37 4.27 13.50 -6.35
C VAL A 37 3.06 12.79 -6.97
N HIS A 38 2.57 11.77 -6.28
CA HIS A 38 1.41 11.01 -6.74
C HIS A 38 0.41 10.77 -5.61
N THR A 39 -0.86 10.67 -5.97
CA THR A 39 -1.91 10.44 -4.98
C THR A 39 -2.62 9.12 -5.24
N VAL A 40 -2.95 8.41 -4.16
CA VAL A 40 -3.63 7.13 -4.28
C VAL A 40 -4.73 7.00 -3.23
N VAL A 41 -5.96 6.78 -3.70
CA VAL A 41 -7.11 6.63 -2.81
C VAL A 41 -6.91 5.47 -1.84
N LEU A 42 -7.17 5.72 -0.56
CA LEU A 42 -7.03 4.69 0.46
C LEU A 42 -8.24 3.77 0.49
N SER A 43 -9.38 4.28 0.06
CA SER A 43 -10.61 3.51 0.04
C SER A 43 -10.45 2.25 -0.80
N THR A 44 -9.70 2.36 -1.89
CA THR A 44 -9.47 1.22 -2.78
C THR A 44 -8.80 0.07 -2.03
N ILE A 45 -8.02 0.41 -1.00
CA ILE A 45 -7.34 -0.61 -0.21
C ILE A 45 -8.33 -1.52 0.49
N ASP A 46 -7.90 -2.74 0.78
CA ASP A 46 -8.75 -3.72 1.45
C ASP A 46 -8.11 -4.21 2.75
N LYS A 47 -6.86 -4.67 2.64
CA LYS A 47 -6.14 -5.17 3.80
C LYS A 47 -4.76 -4.53 3.89
N LEU A 48 -4.19 -4.52 5.09
CA LEU A 48 -2.87 -3.93 5.31
C LEU A 48 -1.90 -4.97 5.85
N GLN A 49 -0.65 -4.90 5.40
CA GLN A 49 0.37 -5.84 5.84
C GLN A 49 1.76 -5.20 5.76
N ALA A 50 2.71 -5.78 6.49
CA ALA A 50 4.08 -5.27 6.50
C ALA A 50 5.07 -6.36 6.87
N THR A 51 6.35 -6.08 6.65
CA THR A 51 7.41 -7.05 6.96
C THR A 51 7.56 -7.23 8.47
N PRO A 52 7.96 -8.44 8.91
CA PRO A 52 8.15 -8.73 10.33
C PRO A 52 9.37 -8.04 10.92
N ALA A 53 9.46 -8.01 12.24
CA ALA A 53 10.57 -7.37 12.92
C ALA A 53 11.88 -8.11 12.64
N SER A 54 11.78 -9.40 12.36
CA SER A 54 12.96 -10.21 12.06
C SER A 54 13.62 -9.77 10.76
N SER A 55 12.81 -9.25 9.84
CA SER A 55 13.31 -8.80 8.55
C SER A 55 14.36 -7.70 8.73
N GLU A 56 15.51 -7.87 8.08
CA GLU A 56 16.58 -6.90 8.16
C GLU A 56 16.15 -5.54 7.60
N LYS A 57 15.30 -5.57 6.59
CA LYS A 57 14.80 -4.36 5.96
C LYS A 57 13.33 -4.12 6.28
N MET A 58 13.02 -2.95 6.83
CA MET A 58 11.66 -2.61 7.19
C MET A 58 10.88 -2.11 5.96
N MET A 59 9.74 -2.75 5.71
CA MET A 59 8.91 -2.37 4.57
C MET A 59 7.44 -2.67 4.85
N LEU A 60 6.55 -2.12 4.02
CA LEU A 60 5.13 -2.34 4.18
C LEU A 60 4.49 -2.74 2.86
N ARG A 61 3.51 -3.65 2.92
CA ARG A 61 2.82 -4.12 1.73
C ARG A 61 1.31 -3.94 1.87
N LEU A 62 0.74 -3.11 1.00
CA LEU A 62 -0.69 -2.86 1.02
C LEU A 62 -1.42 -3.73 0.00
N ILE A 63 -2.61 -4.20 0.35
CA ILE A 63 -3.40 -5.04 -0.53
C ILE A 63 -4.72 -4.37 -0.90
N GLY A 64 -5.12 -4.52 -2.15
CA GLY A 64 -6.37 -3.91 -2.60
C GLY A 64 -7.53 -4.89 -2.53
N LYS A 65 -8.61 -4.56 -3.24
CA LYS A 65 -9.80 -5.40 -3.25
C LYS A 65 -9.88 -6.22 -4.54
N VAL A 66 -10.76 -7.20 -4.55
CA VAL A 66 -10.93 -8.05 -5.73
C VAL A 66 -11.91 -7.42 -6.72
N ASP A 67 -11.89 -7.92 -7.96
CA ASP A 67 -12.77 -7.41 -8.99
C ASP A 67 -12.53 -5.92 -9.24
N GLU A 68 -11.90 -5.61 -10.37
CA GLU A 68 -11.60 -4.23 -10.72
C GLU A 68 -12.64 -3.67 -11.68
N SER A 69 -13.83 -4.28 -11.69
CA SER A 69 -14.91 -3.83 -12.57
C SER A 69 -14.44 -3.74 -14.02
N LYS A 70 -13.45 -4.55 -14.37
CA LYS A 70 -12.92 -4.56 -15.73
C LYS A 70 -12.25 -5.89 -16.05
N LYS A 71 -11.46 -6.40 -15.10
CA LYS A 71 -10.76 -7.67 -15.29
C LYS A 71 -9.74 -7.57 -16.42
N ARG A 72 -8.61 -8.25 -16.25
CA ARG A 72 -7.56 -8.24 -17.26
C ARG A 72 -7.84 -9.26 -18.36
N LYS A 73 -7.43 -8.95 -19.58
CA LYS A 73 -7.64 -9.84 -20.71
C LYS A 73 -6.60 -9.59 -21.79
N ASP A 74 -5.79 -10.60 -22.09
CA ASP A 74 -4.75 -10.50 -23.10
C ASP A 74 -5.34 -10.07 -24.45
N ASN A 75 -6.39 -10.77 -24.88
CA ASN A 75 -7.04 -10.48 -26.14
C ASN A 75 -8.24 -11.38 -26.36
N GLU A 76 -7.99 -12.67 -26.56
CA GLU A 76 -9.06 -13.63 -26.79
C GLU A 76 -8.53 -15.06 -26.63
N GLY A 77 -8.83 -15.67 -25.49
CA GLY A 77 -8.38 -17.04 -25.24
C GLY A 77 -8.49 -17.43 -23.78
N ASN A 78 -8.37 -16.44 -22.90
CA ASN A 78 -8.46 -16.69 -21.47
C ASN A 78 -8.49 -15.37 -20.70
N GLU A 79 -9.63 -15.08 -20.09
CA GLU A 79 -9.79 -13.85 -19.31
C GLU A 79 -9.13 -13.98 -17.94
N VAL A 80 -8.13 -13.14 -17.70
CA VAL A 80 -7.42 -13.16 -16.43
C VAL A 80 -8.31 -12.69 -15.28
N VAL A 81 -8.27 -13.41 -14.17
CA VAL A 81 -9.09 -13.08 -13.00
C VAL A 81 -8.64 -11.75 -12.40
N PRO A 82 -9.60 -10.87 -12.03
CA PRO A 82 -9.29 -9.57 -11.44
C PRO A 82 -8.79 -9.68 -10.00
N LYS A 83 -7.65 -10.35 -9.84
CA LYS A 83 -7.05 -10.54 -8.51
C LYS A 83 -6.87 -9.20 -7.80
N PRO A 84 -6.78 -9.22 -6.46
CA PRO A 84 -6.61 -8.00 -5.66
C PRO A 84 -5.24 -7.37 -5.88
N GLN A 85 -5.22 -6.04 -5.95
CA GLN A 85 -3.97 -5.31 -6.16
C GLN A 85 -3.00 -5.58 -5.02
N ARG A 86 -1.84 -4.91 -5.06
CA ARG A 86 -0.83 -5.07 -4.03
C ARG A 86 0.28 -4.03 -4.19
N HIS A 87 0.26 -3.02 -3.34
CA HIS A 87 1.27 -1.95 -3.39
C HIS A 87 2.09 -1.93 -2.10
N MET A 88 3.40 -2.12 -2.25
CA MET A 88 4.29 -2.12 -1.10
C MET A 88 5.32 -0.99 -1.21
N PHE A 89 5.75 -0.49 -0.07
CA PHE A 89 6.74 0.60 -0.04
C PHE A 89 7.87 0.27 0.92
N SER A 90 8.97 1.02 0.81
CA SER A 90 10.13 0.80 1.67
C SER A 90 10.15 1.84 2.79
N PHE A 91 10.45 1.37 4.00
CA PHE A 91 10.50 2.25 5.17
C PHE A 91 11.81 2.06 5.93
N ASN A 92 12.41 3.17 6.37
CA ASN A 92 13.66 3.12 7.11
C ASN A 92 13.43 3.44 8.58
N ASN A 93 12.28 3.03 9.10
CA ASN A 93 11.94 3.27 10.49
C ASN A 93 10.79 2.37 10.93
N ARG A 94 10.94 1.75 12.10
CA ARG A 94 9.92 0.86 12.64
C ARG A 94 8.82 1.66 13.35
N THR A 95 9.21 2.79 13.93
CA THR A 95 8.26 3.64 14.64
C THR A 95 7.40 4.43 13.66
N VAL A 96 7.97 4.77 12.52
CA VAL A 96 7.25 5.53 11.50
C VAL A 96 6.27 4.63 10.74
N MET A 97 6.76 3.48 10.29
CA MET A 97 5.92 2.54 9.56
C MET A 97 4.73 2.08 10.41
N ASP A 98 4.95 2.02 11.72
CA ASP A 98 3.90 1.59 12.64
C ASP A 98 2.75 2.60 12.67
N ASN A 99 3.09 3.87 12.46
CA ASN A 99 2.09 4.93 12.46
C ASN A 99 1.26 4.90 11.17
N ILE A 100 1.83 4.35 10.11
CA ILE A 100 1.15 4.26 8.83
C ILE A 100 0.05 3.20 8.88
N LYS A 101 0.41 2.00 9.31
CA LYS A 101 -0.54 0.90 9.40
C LYS A 101 -1.64 1.21 10.42
N MET A 102 -1.23 1.66 11.60
CA MET A 102 -2.18 1.99 12.65
C MET A 102 -3.14 3.08 12.19
N THR A 103 -2.63 4.01 11.39
CA THR A 103 -3.46 5.10 10.87
C THR A 103 -4.21 4.68 9.62
N LEU A 104 -3.65 3.73 8.89
CA LEU A 104 -4.29 3.23 7.67
C LEU A 104 -5.39 2.23 8.00
N GLN A 105 -5.23 1.52 9.10
CA GLN A 105 -6.22 0.53 9.51
C GLN A 105 -7.48 1.20 10.05
N GLN A 106 -7.30 2.38 10.64
CA GLN A 106 -8.43 3.12 11.19
C GLN A 106 -9.32 3.69 10.08
N ILE A 107 -8.71 3.95 8.93
CA ILE A 107 -9.45 4.49 7.79
C ILE A 107 -10.38 3.45 7.18
N ILE A 108 -9.79 2.34 6.75
CA ILE A 108 -10.57 1.26 6.14
C ILE A 108 -11.62 0.73 7.11
N SER A 109 -11.31 0.81 8.41
CA SER A 109 -12.23 0.33 9.43
C SER A 109 -13.51 1.15 9.44
N ARG A 110 -13.43 2.39 8.98
CA ARG A 110 -14.59 3.27 8.94
C ARG A 110 -15.37 3.10 7.64
N TYR A 111 -14.67 2.68 6.58
CA TYR A 111 -15.31 2.49 5.28
C TYR A 111 -15.83 1.06 5.12
N LYS A 112 -15.45 0.18 6.03
CA LYS A 112 -15.89 -1.21 5.98
C LYS A 112 -17.22 -1.38 6.70
N ASP A 113 -17.46 -0.55 7.71
CA ASP A 113 -18.70 -0.60 8.48
C ASP A 113 -19.65 0.51 8.06
N ALA A 114 -19.08 1.64 7.66
CA ALA A 114 -19.86 2.80 7.23
C ALA A 114 -19.92 2.90 5.71
N ASP A 115 -19.84 1.75 5.05
CA ASP A 115 -19.88 1.71 3.59
C ASP A 115 -19.87 0.28 3.08
N ASP B 1 13.71 -16.49 -8.80
CA ASP B 1 13.74 -16.45 -7.34
C ASP B 1 13.72 -15.01 -6.84
N LEU B 2 12.55 -14.40 -6.82
CA LEU B 2 12.40 -13.02 -6.37
C LEU B 2 11.01 -12.80 -5.77
N ASP B 3 9.97 -13.04 -6.57
CA ASP B 3 8.61 -12.85 -6.11
C ASP B 3 8.31 -13.76 -4.92
N GLU B 4 8.90 -14.95 -4.93
CA GLU B 4 8.69 -15.91 -3.85
C GLU B 4 9.32 -15.40 -2.54
N SER B 5 10.46 -14.75 -2.66
CA SER B 5 11.16 -14.22 -1.50
C SER B 5 10.60 -12.86 -1.10
N TRP B 6 10.16 -12.09 -2.09
CA TRP B 6 9.60 -10.77 -1.84
C TRP B 6 8.15 -10.87 -1.35
N ASP B 7 7.47 -11.92 -1.77
CA ASP B 7 6.07 -12.13 -1.38
C ASP B 7 5.99 -12.67 0.04
N TYR B 8 7.00 -13.44 0.45
CA TYR B 8 7.03 -14.02 1.79
C TYR B 8 7.30 -12.95 2.84
N ILE B 9 8.23 -12.05 2.54
CA ILE B 9 8.58 -10.97 3.46
C ILE B 9 7.36 -10.11 3.79
N PHE B 10 6.40 -10.06 2.88
CA PHE B 10 5.20 -9.26 3.07
C PHE B 10 4.00 -10.15 3.41
N GLU B 11 4.02 -11.38 2.92
CA GLU B 11 2.94 -12.32 3.18
C GLU B 11 2.82 -12.61 4.66
N THR B 12 3.95 -12.79 5.33
CA THR B 12 3.98 -13.08 6.75
C THR B 12 3.33 -11.95 7.55
N THR B 13 3.22 -12.14 8.86
CA THR B 13 2.62 -11.14 9.73
C THR B 13 3.50 -10.87 10.95
#